data_7KQ4
#
_entry.id   7KQ4
#
_cell.length_a   120.064
_cell.length_b   132.962
_cell.length_c   107.934
_cell.angle_alpha   90.000
_cell.angle_beta   90.000
_cell.angle_gamma   90.000
#
_symmetry.space_group_name_H-M   'P 21 21 2'
#
loop_
_entity.id
_entity.type
_entity.pdbx_description
1 polymer 'Isethionate sulfite-lyase'
2 non-polymer GLYCEROL
3 water water
#
_entity_poly.entity_id   1
_entity_poly.type   'polypeptide(L)'
_entity_poly.pdbx_seq_one_letter_code
;MTQVAEIKSPHEQRLEDNIAGKEDIYRESHKRVFKLLERFDGQKPAIDVERALYFTQSMAETVGQPLVLRWAKALMNVAK
NITVMVQDDQLLLGRCGGHDGRYGILYPELDGDFLDIAVRDLPTRPQSPASISPEDAKIVVEQIAPFWKGRTYHEALNKA
LPAEVHKLTYDDPDGLISRFIVNETSSFRSSIQWVHDYEVVLKRGFNGLKQEMEEKLAALDPASPVDQVDKRPFIEATIL
VCDAIVLWAKRHADAARKAAEACADPVRKAELIRMAENAEHVPANPARDFYEAVQSQYFTQMFSRLEQKTGTTISNGRMD
QYFYPFYKKDMEAGILTDEKTLEYLECMWVGMAEFIDMYISPAGGAFNEGYAHWEAVTIGGQTPDGRDATNDLTYLFLKS
KREFPLHYPDLAARIHSRAPERYLWDVAETIKFGSGFPKLCNDEECIPLYVSKGATFEEALDYAVSGCIEIRMPNRDTYT
SGGAYTNFASAVEMALYDGKMKKYGDVQLGIQTGDARKFKSWDEFWNAYVQQHMLLLRTTFIQQYIVIQTRAKHFAQPMG
SVLHALCRKHCIDLHQPQIPEGLNFGYFEFMGLGTVIDSLAAIKKLVFEDKKLTMDQLIDALEANFEGYEDIQQLLRTAP
CYGNDDEYADEIGRELDRMAVSFAAKYGKEMGINNDARYVPFTSHVPFGKVVSATPNGRVAWFPLADGSSPSHGADHNGP
TAILLSNHNTKNYGMRARAARLINVKFTPKCVEGDAGTEKLVQFIRTWCDLKLWHIQFNVINADTLKKAQKDPQKYRNLI
VRIAGYSAYFVDLTPDLQNDLIARTGHDQM
;
_entity_poly.pdbx_strand_id   A,B
#
# COMPACT_ATOMS: atom_id res chain seq x y z
N GLU A 6 27.75 32.59 -2.03
CA GLU A 6 26.60 32.43 -1.15
C GLU A 6 25.46 33.38 -1.51
N ILE A 7 24.33 32.80 -1.90
CA ILE A 7 23.11 33.56 -2.10
C ILE A 7 22.24 33.39 -0.85
N LYS A 8 21.31 34.32 -0.68
CA LYS A 8 20.47 34.35 0.51
C LYS A 8 19.06 33.87 0.18
N SER A 9 18.48 33.11 1.10
CA SER A 9 17.08 32.75 0.98
C SER A 9 16.20 33.97 1.16
N PRO A 10 14.96 33.94 0.65
CA PRO A 10 14.02 35.03 0.94
C PRO A 10 13.91 35.36 2.42
N HIS A 11 13.91 34.36 3.30
CA HIS A 11 13.87 34.62 4.73
C HIS A 11 15.10 35.40 5.19
N GLU A 12 16.29 35.01 4.72
CA GLU A 12 17.50 35.74 5.10
C GLU A 12 17.47 37.17 4.55
N GLN A 13 16.87 37.37 3.38
CA GLN A 13 16.76 38.72 2.84
C GLN A 13 15.79 39.56 3.65
N ARG A 14 14.68 38.95 4.09
CA ARG A 14 13.73 39.66 4.96
C ARG A 14 14.39 40.04 6.28
N LEU A 15 15.28 39.19 6.80
CA LEU A 15 16.02 39.54 8.01
C LEU A 15 16.90 40.76 7.77
N GLU A 16 17.59 40.79 6.63
CA GLU A 16 18.41 41.96 6.30
C GLU A 16 17.55 43.22 6.23
N ASP A 17 16.37 43.12 5.60
CA ASP A 17 15.46 44.26 5.56
C ASP A 17 15.01 44.67 6.96
N ASN A 18 14.79 43.70 7.86
CA ASN A 18 14.50 44.02 9.25
C ASN A 18 15.61 44.85 9.87
N ILE A 19 16.86 44.43 9.68
CA ILE A 19 18.00 45.11 10.27
C ILE A 19 18.15 46.52 9.70
N ALA A 20 17.90 46.66 8.39
CA ALA A 20 17.96 47.98 7.77
C ALA A 20 16.82 48.89 8.22
N GLY A 21 15.70 48.33 8.68
CA GLY A 21 14.52 49.10 8.98
C GLY A 21 13.53 49.22 7.85
N LYS A 22 13.70 48.47 6.76
CA LYS A 22 12.70 48.47 5.70
C LYS A 22 11.42 47.81 6.18
N GLU A 23 10.28 48.36 5.72
CA GLU A 23 9.03 47.64 5.88
C GLU A 23 9.08 46.34 5.10
N ASP A 24 8.51 45.29 5.69
CA ASP A 24 8.39 44.00 5.00
C ASP A 24 7.69 44.19 3.66
N ILE A 25 8.23 43.53 2.63
CA ILE A 25 7.73 43.74 1.28
C ILE A 25 6.28 43.25 1.13
N TYR A 26 5.86 42.30 1.96
CA TYR A 26 4.50 41.80 1.90
C TYR A 26 3.56 42.48 2.89
N ARG A 27 4.06 43.46 3.66
CA ARG A 27 3.23 44.08 4.68
C ARG A 27 2.04 44.81 4.06
N GLU A 28 2.23 45.40 2.87
CA GLU A 28 1.18 46.24 2.31
C GLU A 28 0.00 45.41 1.82
N SER A 29 0.23 44.15 1.45
CA SER A 29 -0.85 43.27 1.02
C SER A 29 -1.42 42.43 2.16
N HIS A 30 -0.82 42.49 3.35
CA HIS A 30 -1.31 41.83 4.55
C HIS A 30 -1.35 42.81 5.72
N LYS A 31 -1.98 43.96 5.49
CA LYS A 31 -1.79 45.09 6.40
C LYS A 31 -2.47 44.86 7.74
N ARG A 32 -3.71 44.39 7.73
CA ARG A 32 -4.43 44.15 8.98
C ARG A 32 -3.66 43.19 9.88
N VAL A 33 -3.26 42.03 9.34
CA VAL A 33 -2.61 41.03 10.17
C VAL A 33 -1.19 41.43 10.53
N PHE A 34 -0.54 42.28 9.73
CA PHE A 34 0.76 42.81 10.13
C PHE A 34 0.60 43.77 11.32
N LYS A 35 -0.41 44.63 11.28
CA LYS A 35 -0.70 45.46 12.46
C LYS A 35 -1.00 44.60 13.67
N LEU A 36 -1.71 43.49 13.47
CA LEU A 36 -2.04 42.59 14.58
C LEU A 36 -0.77 42.00 15.20
N LEU A 37 0.09 41.42 14.36
CA LEU A 37 1.23 40.67 14.91
C LEU A 37 2.29 41.61 15.47
N GLU A 38 2.37 42.85 14.98
CA GLU A 38 3.32 43.82 15.51
C GLU A 38 3.03 44.22 16.95
N ARG A 39 1.86 43.86 17.49
CA ARG A 39 1.53 44.28 18.84
C ARG A 39 2.11 43.36 19.90
N PHE A 40 2.35 42.09 19.58
CA PHE A 40 2.88 41.15 20.56
C PHE A 40 4.27 40.64 20.17
N ASP A 41 4.97 41.34 19.30
CA ASP A 41 6.28 40.88 18.87
C ASP A 41 7.30 41.08 19.99
N GLY A 42 8.02 39.99 20.33
CA GLY A 42 9.15 40.06 21.22
C GLY A 42 8.86 39.92 22.70
N GLN A 43 7.60 39.68 23.08
CA GLN A 43 7.23 39.60 24.48
C GLN A 43 7.21 38.14 24.96
N LYS A 44 7.75 37.93 26.15
CA LYS A 44 7.66 36.62 26.78
C LYS A 44 6.22 36.34 27.19
N PRO A 45 5.69 35.15 26.91
CA PRO A 45 4.28 34.88 27.19
C PRO A 45 3.98 34.88 28.69
N ALA A 46 2.72 35.17 29.00
CA ALA A 46 2.23 35.23 30.37
C ALA A 46 1.36 34.02 30.68
N ILE A 47 1.43 33.56 31.93
CA ILE A 47 0.56 32.48 32.39
C ILE A 47 -0.79 33.07 32.79
N ASP A 48 -1.85 32.51 32.23
CA ASP A 48 -3.22 32.88 32.56
C ASP A 48 -3.85 31.76 33.40
N VAL A 49 -4.57 32.14 34.46
CA VAL A 49 -5.07 31.18 35.44
C VAL A 49 -6.57 30.96 35.33
N GLU A 50 -7.26 31.65 34.41
CA GLU A 50 -8.72 31.67 34.45
C GLU A 50 -9.31 30.30 34.15
N ARG A 51 -8.84 29.64 33.07
CA ARG A 51 -9.35 28.31 32.75
C ARG A 51 -9.12 27.35 33.92
N ALA A 52 -7.92 27.39 34.51
CA ALA A 52 -7.63 26.47 35.62
C ALA A 52 -8.52 26.78 36.83
N LEU A 53 -8.73 28.07 37.12
CA LEU A 53 -9.52 28.45 38.29
C LEU A 53 -10.94 27.91 38.20
N TYR A 54 -11.66 28.24 37.11
CA TYR A 54 -13.05 27.85 37.02
C TYR A 54 -13.23 26.36 36.73
N PHE A 55 -12.22 25.72 36.12
CA PHE A 55 -12.22 24.27 36.00
C PHE A 55 -12.15 23.62 37.39
N THR A 56 -11.19 24.06 38.21
CA THR A 56 -11.01 23.51 39.54
C THR A 56 -12.24 23.73 40.41
N GLN A 57 -12.82 24.94 40.36
CA GLN A 57 -13.95 25.25 41.23
C GLN A 57 -15.13 24.33 40.98
N SER A 58 -15.35 23.93 39.73
CA SER A 58 -16.43 23.00 39.43
C SER A 58 -16.06 21.56 39.80
N MET A 59 -14.84 21.14 39.46
CA MET A 59 -14.42 19.78 39.78
C MET A 59 -14.42 19.52 41.28
N ALA A 60 -14.15 20.55 42.08
CA ALA A 60 -14.13 20.39 43.53
C ALA A 60 -15.52 20.11 44.08
N GLU A 61 -16.57 20.51 43.36
CA GLU A 61 -17.94 20.30 43.80
C GLU A 61 -18.55 19.01 43.28
N THR A 62 -17.89 18.29 42.37
CA THR A 62 -18.52 17.18 41.67
C THR A 62 -17.80 15.86 41.89
N VAL A 63 -16.97 15.75 42.94
CA VAL A 63 -16.27 14.50 43.21
C VAL A 63 -17.27 13.38 43.42
N GLY A 64 -17.03 12.25 42.74
CA GLY A 64 -17.89 11.10 42.78
C GLY A 64 -18.68 10.89 41.50
N GLN A 65 -19.01 11.97 40.80
CA GLN A 65 -19.78 11.89 39.58
C GLN A 65 -18.92 11.34 38.45
N PRO A 66 -19.53 10.79 37.40
CA PRO A 66 -18.76 10.27 36.27
C PRO A 66 -17.87 11.35 35.67
N LEU A 67 -16.62 10.98 35.35
CA LEU A 67 -15.60 11.96 35.02
C LEU A 67 -15.97 12.76 33.77
N VAL A 68 -16.55 12.11 32.77
CA VAL A 68 -16.89 12.83 31.54
C VAL A 68 -17.95 13.89 31.82
N LEU A 69 -18.87 13.61 32.75
CA LEU A 69 -19.89 14.60 33.10
C LEU A 69 -19.32 15.70 34.00
N ARG A 70 -18.41 15.35 34.91
CA ARG A 70 -17.70 16.37 35.67
C ARG A 70 -16.97 17.33 34.73
N TRP A 71 -16.38 16.79 33.67
CA TRP A 71 -15.63 17.60 32.73
C TRP A 71 -16.54 18.60 32.01
N ALA A 72 -17.67 18.12 31.50
CA ALA A 72 -18.60 19.01 30.81
C ALA A 72 -19.15 20.07 31.74
N LYS A 73 -19.37 19.74 33.01
CA LYS A 73 -19.82 20.74 33.98
C LYS A 73 -18.72 21.77 34.24
N ALA A 74 -17.46 21.32 34.29
CA ALA A 74 -16.36 22.25 34.50
C ALA A 74 -16.18 23.18 33.30
N LEU A 75 -16.40 22.67 32.09
CA LEU A 75 -16.29 23.51 30.91
C LEU A 75 -17.43 24.51 30.82
N MET A 76 -18.63 24.14 31.30
CA MET A 76 -19.70 25.12 31.38
C MET A 76 -19.35 26.23 32.37
N ASN A 77 -18.70 25.88 33.47
CA ASN A 77 -18.29 26.90 34.44
C ASN A 77 -17.22 27.81 33.86
N VAL A 78 -16.31 27.26 33.04
CA VAL A 78 -15.35 28.09 32.33
C VAL A 78 -16.06 29.01 31.35
N ALA A 79 -16.97 28.44 30.54
CA ALA A 79 -17.67 29.22 29.53
C ALA A 79 -18.42 30.40 30.14
N LYS A 80 -18.99 30.21 31.33
CA LYS A 80 -19.79 31.25 31.97
C LYS A 80 -18.94 32.35 32.61
N ASN A 81 -17.71 32.03 33.01
CA ASN A 81 -16.95 32.93 33.86
C ASN A 81 -15.64 33.42 33.26
N ILE A 82 -15.11 32.76 32.22
CA ILE A 82 -13.84 33.18 31.67
C ILE A 82 -13.98 34.57 31.03
N THR A 83 -12.90 35.34 31.10
CA THR A 83 -12.88 36.65 30.46
C THR A 83 -13.11 36.50 28.96
N VAL A 84 -13.98 37.35 28.42
CA VAL A 84 -14.25 37.42 26.99
C VAL A 84 -13.89 38.83 26.52
N MET A 85 -13.20 38.91 25.38
CA MET A 85 -12.73 40.20 24.88
C MET A 85 -12.74 40.21 23.36
N VAL A 86 -12.64 41.41 22.81
CA VAL A 86 -12.50 41.63 21.37
C VAL A 86 -11.18 42.35 21.15
N GLN A 87 -10.31 41.77 20.32
CA GLN A 87 -9.01 42.36 20.04
C GLN A 87 -9.12 43.42 18.95
N ASP A 88 -8.44 44.55 19.16
CA ASP A 88 -8.43 45.61 18.15
C ASP A 88 -8.01 45.06 16.79
N ASP A 89 -8.76 45.44 15.76
CA ASP A 89 -8.53 45.11 14.35
C ASP A 89 -8.71 43.63 14.02
N GLN A 90 -8.97 42.77 15.00
CA GLN A 90 -9.25 41.38 14.70
C GLN A 90 -10.56 41.25 13.95
N LEU A 91 -10.64 40.25 13.08
CA LEU A 91 -11.88 39.85 12.44
C LEU A 91 -12.47 38.60 13.07
N LEU A 92 -11.77 37.99 14.02
CA LEU A 92 -12.20 36.75 14.64
C LEU A 92 -12.34 36.92 16.15
N LEU A 93 -13.22 36.11 16.73
CA LEU A 93 -13.48 36.09 18.16
C LEU A 93 -13.04 34.76 18.74
N GLY A 94 -12.58 34.79 19.99
CA GLY A 94 -12.24 33.55 20.66
C GLY A 94 -10.84 33.52 21.23
N ARG A 95 -10.75 33.34 22.55
CA ARG A 95 -9.50 33.41 23.28
C ARG A 95 -9.65 32.58 24.54
N CYS A 96 -8.53 32.05 25.03
CA CYS A 96 -8.53 31.13 26.17
C CYS A 96 -8.01 31.76 27.45
N GLY A 97 -8.02 33.09 27.53
CA GLY A 97 -7.56 33.74 28.73
C GLY A 97 -7.98 35.19 28.73
N GLY A 98 -7.64 35.87 29.83
CA GLY A 98 -7.87 37.29 29.97
C GLY A 98 -6.69 38.16 29.63
N HIS A 99 -5.57 37.57 29.23
CA HIS A 99 -4.35 38.32 28.97
C HIS A 99 -4.32 38.83 27.53
N ASP A 100 -3.81 40.05 27.37
CA ASP A 100 -3.44 40.56 26.06
C ASP A 100 -2.11 39.96 25.62
N GLY A 101 -1.90 39.91 24.31
CA GLY A 101 -0.68 39.33 23.81
C GLY A 101 -0.60 37.82 24.03
N ARG A 102 0.64 37.34 24.07
CA ARG A 102 0.90 35.91 24.15
C ARG A 102 0.65 35.40 25.56
N TYR A 103 0.03 34.23 25.65
CA TYR A 103 -0.39 33.68 26.93
C TYR A 103 -0.49 32.17 26.84
N GLY A 104 -0.30 31.51 27.98
CA GLY A 104 -0.60 30.10 28.10
C GLY A 104 -1.55 29.88 29.25
N ILE A 105 -2.16 28.69 29.27
CA ILE A 105 -3.11 28.37 30.32
C ILE A 105 -2.63 27.13 31.08
N LEU A 106 -3.37 26.75 32.12
CA LEU A 106 -2.93 25.75 33.08
C LEU A 106 -3.91 24.58 33.14
N TYR A 107 -3.38 23.40 33.38
CA TYR A 107 -4.14 22.15 33.41
C TYR A 107 -3.80 21.39 34.68
N PRO A 108 -4.34 21.82 35.82
CA PRO A 108 -3.99 21.17 37.09
C PRO A 108 -4.36 19.70 37.16
N GLU A 109 -5.36 19.26 36.38
CA GLU A 109 -5.71 17.84 36.36
C GLU A 109 -4.56 16.99 35.83
N LEU A 110 -3.66 17.58 35.04
CA LEU A 110 -2.55 16.86 34.45
C LEU A 110 -1.32 16.89 35.35
N ASP A 111 -0.85 18.11 35.70
CA ASP A 111 0.42 18.29 36.39
C ASP A 111 0.29 19.35 37.48
N GLY A 112 -0.83 19.35 38.20
CA GLY A 112 -1.04 20.32 39.27
C GLY A 112 -0.01 20.24 40.38
N ASP A 113 0.67 19.11 40.52
CA ASP A 113 1.72 18.99 41.52
C ASP A 113 2.99 19.76 41.15
N PHE A 114 3.04 20.33 39.95
CA PHE A 114 4.16 21.17 39.53
C PHE A 114 3.89 22.66 39.68
N LEU A 115 2.72 23.04 40.22
CA LEU A 115 2.33 24.44 40.21
C LEU A 115 3.21 25.31 41.10
N ASP A 116 3.70 24.77 42.22
CA ASP A 116 4.61 25.54 43.07
C ASP A 116 5.97 25.72 42.40
N ILE A 117 6.49 24.67 41.78
CA ILE A 117 7.72 24.81 41.00
C ILE A 117 7.53 25.84 39.90
N ALA A 118 6.41 25.74 39.17
CA ALA A 118 6.19 26.63 38.03
C ALA A 118 6.10 28.08 38.47
N VAL A 119 5.41 28.34 39.59
CA VAL A 119 5.27 29.69 40.10
C VAL A 119 6.63 30.32 40.40
N ARG A 120 7.59 29.51 40.86
CA ARG A 120 8.93 30.00 41.17
C ARG A 120 9.86 30.01 39.97
N ASP A 121 9.86 28.94 39.16
CA ASP A 121 10.95 28.68 38.24
C ASP A 121 10.63 28.98 36.77
N LEU A 122 9.35 29.11 36.40
CA LEU A 122 9.02 29.31 34.99
C LEU A 122 9.61 30.59 34.40
N PRO A 123 9.55 31.76 35.04
CA PRO A 123 10.02 32.98 34.37
C PRO A 123 11.50 32.99 34.05
N THR A 124 12.31 32.14 34.68
CA THR A 124 13.74 32.08 34.41
C THR A 124 14.18 30.74 33.83
N ARG A 125 13.24 29.90 33.41
CA ARG A 125 13.62 28.59 32.88
C ARG A 125 14.39 28.77 31.57
N PRO A 126 15.46 28.00 31.36
CA PRO A 126 16.18 28.10 30.08
C PRO A 126 15.30 27.80 28.87
N GLN A 127 14.41 26.81 28.95
CA GLN A 127 13.52 26.49 27.84
C GLN A 127 12.17 27.15 28.05
N SER A 128 11.73 27.91 27.05
CA SER A 128 10.38 28.43 26.96
C SER A 128 9.85 29.04 28.28
N PRO A 129 10.50 30.10 28.77
CA PRO A 129 10.04 30.71 30.02
C PRO A 129 8.73 31.45 29.84
N ALA A 130 8.07 31.70 30.96
CA ALA A 130 6.81 32.45 30.96
C ALA A 130 6.68 33.24 32.24
N SER A 131 6.04 34.39 32.16
CA SER A 131 5.81 35.22 33.32
C SER A 131 4.47 34.89 33.95
N ILE A 132 4.34 35.21 35.24
CA ILE A 132 3.07 35.13 35.95
C ILE A 132 3.03 36.27 36.95
N SER A 133 1.93 37.01 36.95
CA SER A 133 1.80 38.15 37.84
C SER A 133 1.75 37.69 39.29
N PRO A 134 2.10 38.57 40.24
CA PRO A 134 1.96 38.19 41.66
C PRO A 134 0.54 37.85 42.04
N GLU A 135 -0.46 38.54 41.48
CA GLU A 135 -1.85 38.22 41.79
C GLU A 135 -2.24 36.85 41.25
N ASP A 136 -1.79 36.51 40.04
CA ASP A 136 -2.10 35.20 39.49
C ASP A 136 -1.37 34.10 40.23
N ALA A 137 -0.13 34.37 40.66
CA ALA A 137 0.60 33.40 41.47
C ALA A 137 -0.15 33.09 42.76
N LYS A 138 -0.75 34.11 43.37
CA LYS A 138 -1.52 33.91 44.59
C LYS A 138 -2.72 33.01 44.33
N ILE A 139 -3.40 33.21 43.20
CA ILE A 139 -4.57 32.39 42.86
C ILE A 139 -4.14 30.95 42.63
N VAL A 140 -2.97 30.75 42.00
CA VAL A 140 -2.48 29.40 41.74
C VAL A 140 -2.27 28.64 43.06
N VAL A 141 -1.47 29.21 43.97
CA VAL A 141 -1.09 28.47 45.17
C VAL A 141 -2.18 28.43 46.23
N GLU A 142 -3.18 29.33 46.16
CA GLU A 142 -4.22 29.38 47.19
C GLU A 142 -5.56 28.83 46.74
N GLN A 143 -5.91 28.93 45.46
CA GLN A 143 -7.23 28.49 45.00
C GLN A 143 -7.19 27.33 44.01
N ILE A 144 -6.10 27.11 43.29
CA ILE A 144 -6.05 26.06 42.29
C ILE A 144 -5.31 24.84 42.84
N ALA A 145 -4.07 25.03 43.27
CA ALA A 145 -3.23 23.91 43.69
C ALA A 145 -3.77 23.11 44.88
N PRO A 146 -4.35 23.72 45.93
CA PRO A 146 -4.74 22.90 47.09
C PRO A 146 -5.68 21.74 46.77
N PHE A 147 -6.72 21.97 45.97
CA PHE A 147 -7.67 20.90 45.68
C PHE A 147 -7.01 19.74 44.97
N TRP A 148 -6.04 20.02 44.11
CA TRP A 148 -5.44 18.98 43.28
C TRP A 148 -4.35 18.19 43.99
N LYS A 149 -4.01 18.54 45.23
CA LYS A 149 -3.05 17.75 46.00
C LYS A 149 -3.53 16.30 46.11
N GLY A 150 -2.74 15.38 45.58
CA GLY A 150 -3.11 13.98 45.58
C GLY A 150 -4.16 13.58 44.58
N ARG A 151 -4.45 14.43 43.60
CA ARG A 151 -5.46 14.13 42.60
C ARG A 151 -4.97 14.28 41.16
N THR A 152 -3.75 14.75 40.95
CA THR A 152 -3.28 14.96 39.60
C THR A 152 -2.90 13.63 38.95
N TYR A 153 -2.94 13.61 37.61
CA TYR A 153 -2.52 12.41 36.89
C TYR A 153 -1.07 12.07 37.19
N HIS A 154 -0.20 13.09 37.25
CA HIS A 154 1.22 12.82 37.44
C HIS A 154 1.48 12.15 38.79
N GLU A 155 0.80 12.62 39.84
CA GLU A 155 0.92 11.96 41.15
C GLU A 155 0.51 10.50 41.06
N ALA A 156 -0.58 10.20 40.34
CA ALA A 156 -1.05 8.83 40.24
C ALA A 156 -0.08 7.97 39.43
N LEU A 157 0.48 8.51 38.35
CA LEU A 157 1.45 7.76 37.56
C LEU A 157 2.72 7.50 38.35
N ASN A 158 3.24 8.54 39.02
CA ASN A 158 4.46 8.39 39.80
C ASN A 158 4.34 7.28 40.84
N LYS A 159 3.19 7.21 41.53
CA LYS A 159 2.97 6.16 42.52
C LYS A 159 2.67 4.80 41.90
N ALA A 160 2.16 4.75 40.66
CA ALA A 160 1.76 3.48 40.05
C ALA A 160 2.92 2.71 39.43
N LEU A 161 4.06 3.36 39.19
CA LEU A 161 5.17 2.69 38.53
C LEU A 161 5.93 1.82 39.52
N PRO A 162 6.14 0.55 39.23
CA PRO A 162 6.98 -0.28 40.10
C PRO A 162 8.41 0.23 40.11
N ALA A 163 9.14 -0.16 41.16
CA ALA A 163 10.45 0.45 41.43
C ALA A 163 11.40 0.27 40.25
N GLU A 164 11.38 -0.90 39.62
CA GLU A 164 12.32 -1.17 38.53
C GLU A 164 12.04 -0.28 37.32
N VAL A 165 10.77 0.02 37.06
CA VAL A 165 10.43 0.96 36.01
C VAL A 165 10.71 2.39 36.45
N HIS A 166 10.32 2.72 37.67
CA HIS A 166 10.46 4.09 38.18
C HIS A 166 11.90 4.57 38.09
N LYS A 167 12.87 3.69 38.34
CA LYS A 167 14.27 4.13 38.33
C LYS A 167 14.77 4.44 36.93
N LEU A 168 14.12 3.93 35.90
CA LEU A 168 14.46 4.34 34.54
C LEU A 168 13.59 5.49 34.04
N THR A 169 12.63 5.95 34.86
CA THR A 169 11.71 7.03 34.49
C THR A 169 12.04 8.34 35.17
N TYR A 170 12.27 8.33 36.48
CA TYR A 170 12.47 9.53 37.26
C TYR A 170 13.75 9.43 38.07
N ASP A 171 14.26 10.60 38.47
CA ASP A 171 15.44 10.68 39.33
C ASP A 171 15.09 10.86 40.80
N ASP A 172 13.89 11.29 41.11
CA ASP A 172 13.45 11.60 42.46
C ASP A 172 12.17 10.82 42.80
N PRO A 173 11.91 10.60 44.09
CA PRO A 173 10.70 9.83 44.47
C PRO A 173 9.39 10.46 44.05
N ASP A 174 9.34 11.77 43.81
CA ASP A 174 8.10 12.44 43.47
C ASP A 174 7.85 12.52 41.97
N GLY A 175 8.80 12.11 41.15
CA GLY A 175 8.63 12.19 39.71
C GLY A 175 8.75 13.57 39.12
N LEU A 176 9.34 14.52 39.85
CA LEU A 176 9.46 15.88 39.36
C LEU A 176 10.61 16.04 38.37
N ILE A 177 11.57 15.13 38.35
CA ILE A 177 12.74 15.19 37.49
C ILE A 177 12.85 13.88 36.74
N SER A 178 12.93 13.95 35.42
CA SER A 178 13.09 12.77 34.59
C SER A 178 14.57 12.38 34.50
N ARG A 179 14.82 11.09 34.27
CA ARG A 179 16.16 10.63 33.99
C ARG A 179 16.49 10.62 32.50
N PHE A 180 15.48 10.79 31.64
CA PHE A 180 15.66 10.83 30.19
C PHE A 180 16.28 9.52 29.68
N ILE A 181 15.82 8.40 30.23
CA ILE A 181 16.18 7.07 29.76
C ILE A 181 14.95 6.45 29.12
N VAL A 182 13.99 6.00 29.94
CA VAL A 182 12.66 5.63 29.46
C VAL A 182 11.69 6.71 29.92
N ASN A 183 11.49 7.72 29.08
CA ASN A 183 10.81 8.95 29.48
C ASN A 183 9.33 8.83 29.15
N GLU A 184 8.50 8.77 30.20
CA GLU A 184 7.07 8.88 29.99
C GLU A 184 6.72 10.29 29.53
N THR A 185 5.72 10.40 28.65
CA THR A 185 5.29 11.69 28.15
C THR A 185 3.82 11.96 28.42
N SER A 186 3.09 11.03 29.03
CA SER A 186 1.69 11.30 29.37
C SER A 186 1.54 12.33 30.48
N SER A 187 2.61 12.67 31.20
CA SER A 187 2.46 13.56 32.34
C SER A 187 2.60 15.03 31.99
N PHE A 188 3.07 15.39 30.80
CA PHE A 188 3.13 16.80 30.44
C PHE A 188 2.28 17.15 29.23
N ARG A 189 1.28 16.32 28.91
CA ARG A 189 0.19 16.70 28.01
C ARG A 189 -0.99 15.78 28.31
N SER A 190 -2.19 16.30 28.08
CA SER A 190 -3.40 15.53 28.41
C SER A 190 -3.51 14.28 27.56
N SER A 191 -3.03 14.34 26.32
CA SER A 191 -3.14 13.26 25.36
C SER A 191 -2.06 13.51 24.30
N ILE A 192 -1.93 12.54 23.38
CA ILE A 192 -1.10 12.76 22.19
C ILE A 192 -1.86 13.67 21.24
N GLN A 193 -1.27 13.94 20.07
CA GLN A 193 -1.89 14.81 19.07
C GLN A 193 -3.29 14.31 18.72
N TRP A 194 -4.07 15.20 18.11
CA TRP A 194 -5.47 14.90 17.82
C TRP A 194 -5.99 15.88 16.76
N VAL A 195 -6.93 15.39 15.95
CA VAL A 195 -7.63 16.20 14.96
C VAL A 195 -9.12 16.01 15.14
N HIS A 196 -9.83 17.10 15.44
CA HIS A 196 -11.29 17.02 15.48
C HIS A 196 -11.86 16.89 14.08
N ASP A 197 -13.08 16.36 14.01
CA ASP A 197 -13.86 16.38 12.78
C ASP A 197 -14.53 17.75 12.70
N TYR A 198 -13.78 18.74 12.21
CA TYR A 198 -14.31 20.10 12.17
C TYR A 198 -15.43 20.24 11.15
N GLU A 199 -15.45 19.40 10.12
CA GLU A 199 -16.45 19.54 9.07
C GLU A 199 -17.85 19.26 9.59
N VAL A 200 -18.00 18.32 10.53
CA VAL A 200 -19.33 18.03 11.05
C VAL A 200 -19.88 19.23 11.81
N VAL A 201 -19.00 20.04 12.42
CA VAL A 201 -19.46 21.28 13.02
C VAL A 201 -19.90 22.26 11.93
N LEU A 202 -19.14 22.35 10.84
CA LEU A 202 -19.50 23.29 9.78
C LEU A 202 -20.80 22.89 9.09
N LYS A 203 -21.08 21.59 9.02
CA LYS A 203 -22.26 21.12 8.29
C LYS A 203 -23.50 20.99 9.15
N ARG A 204 -23.34 20.72 10.44
CA ARG A 204 -24.48 20.51 11.31
C ARG A 204 -24.51 21.42 12.53
N GLY A 205 -23.40 22.04 12.91
CA GLY A 205 -23.35 22.85 14.11
C GLY A 205 -23.46 22.00 15.36
N PHE A 206 -23.16 22.60 16.52
CA PHE A 206 -23.32 21.87 17.76
C PHE A 206 -24.79 21.66 18.11
N ASN A 207 -25.70 22.48 17.56
CA ASN A 207 -27.13 22.21 17.75
C ASN A 207 -27.51 20.88 17.11
N GLY A 208 -27.03 20.63 15.89
CA GLY A 208 -27.30 19.36 15.24
C GLY A 208 -26.75 18.18 16.04
N LEU A 209 -25.52 18.32 16.54
CA LEU A 209 -24.94 17.26 17.36
C LEU A 209 -25.72 17.08 18.65
N LYS A 210 -26.06 18.19 19.31
CA LYS A 210 -26.86 18.12 20.53
C LYS A 210 -28.18 17.39 20.29
N GLN A 211 -28.85 17.70 19.17
CA GLN A 211 -30.09 17.02 18.83
C GLN A 211 -29.88 15.52 18.63
N GLU A 212 -28.79 15.14 17.98
CA GLU A 212 -28.48 13.71 17.83
C GLU A 212 -28.30 13.04 19.19
N MET A 213 -27.60 13.70 20.11
CA MET A 213 -27.36 13.10 21.42
C MET A 213 -28.63 13.09 22.27
N GLU A 214 -29.50 14.10 22.11
CA GLU A 214 -30.78 14.07 22.81
C GLU A 214 -31.66 12.92 22.34
N GLU A 215 -31.53 12.52 21.07
CA GLU A 215 -32.28 11.35 20.59
C GLU A 215 -31.72 10.05 21.17
N LYS A 216 -30.42 9.97 21.40
CA LYS A 216 -29.86 8.78 22.03
C LYS A 216 -30.26 8.71 23.49
N LEU A 217 -30.33 9.87 24.16
CA LEU A 217 -30.78 9.89 25.55
C LEU A 217 -32.21 9.36 25.67
N ALA A 218 -33.07 9.71 24.72
CA ALA A 218 -34.47 9.29 24.76
C ALA A 218 -34.66 7.84 24.36
N ALA A 219 -33.66 7.23 23.72
CA ALA A 219 -33.74 5.83 23.32
C ALA A 219 -33.15 4.88 24.35
N LEU A 220 -32.55 5.39 25.42
CA LEU A 220 -31.98 4.52 26.44
C LEU A 220 -33.07 3.71 27.13
N ASP A 221 -32.75 2.46 27.44
CA ASP A 221 -33.63 1.64 28.27
C ASP A 221 -33.52 2.12 29.72
N PRO A 222 -34.58 2.66 30.31
CA PRO A 222 -34.46 3.17 31.69
C PRO A 222 -34.17 2.07 32.72
N ALA A 223 -34.36 0.80 32.38
CA ALA A 223 -34.08 -0.30 33.29
C ALA A 223 -32.71 -0.92 33.06
N SER A 224 -32.01 -0.53 32.01
CA SER A 224 -30.71 -1.14 31.68
C SER A 224 -29.62 -0.50 32.52
N PRO A 225 -28.95 -1.25 33.40
CA PRO A 225 -27.85 -0.65 34.18
C PRO A 225 -26.71 -0.14 33.31
N VAL A 226 -26.43 -0.79 32.18
CA VAL A 226 -25.40 -0.26 31.29
C VAL A 226 -25.82 1.06 30.67
N ASP A 227 -27.08 1.16 30.23
CA ASP A 227 -27.55 2.41 29.64
C ASP A 227 -27.52 3.55 30.66
N GLN A 228 -27.91 3.27 31.89
CA GLN A 228 -28.06 4.33 32.88
C GLN A 228 -26.74 4.70 33.54
N VAL A 229 -25.83 3.74 33.75
CA VAL A 229 -24.62 4.04 34.50
C VAL A 229 -23.47 4.40 33.57
N ASP A 230 -23.37 3.73 32.42
CA ASP A 230 -22.30 3.95 31.46
C ASP A 230 -22.66 4.94 30.36
N LYS A 231 -23.82 4.76 29.70
CA LYS A 231 -24.11 5.58 28.54
C LYS A 231 -24.69 6.94 28.92
N ARG A 232 -25.64 6.98 29.87
CA ARG A 232 -26.32 8.23 30.18
C ARG A 232 -25.37 9.35 30.59
N PRO A 233 -24.42 9.16 31.51
CA PRO A 233 -23.54 10.29 31.85
C PRO A 233 -22.68 10.76 30.69
N PHE A 234 -22.26 9.86 29.79
CA PHE A 234 -21.58 10.32 28.59
C PHE A 234 -22.51 11.18 27.74
N ILE A 235 -23.73 10.70 27.50
CA ILE A 235 -24.67 11.44 26.65
C ILE A 235 -24.98 12.81 27.27
N GLU A 236 -25.24 12.83 28.59
CA GLU A 236 -25.52 14.11 29.23
C GLU A 236 -24.32 15.04 29.19
N ALA A 237 -23.11 14.47 29.22
CA ALA A 237 -21.90 15.30 29.13
C ALA A 237 -21.79 15.97 27.77
N THR A 238 -22.08 15.24 26.69
CA THR A 238 -21.92 15.84 25.36
C THR A 238 -23.00 16.88 25.10
N ILE A 239 -24.23 16.65 25.57
CA ILE A 239 -25.29 17.65 25.43
C ILE A 239 -24.89 18.93 26.15
N LEU A 240 -24.38 18.81 27.37
CA LEU A 240 -24.00 19.98 28.15
C LEU A 240 -22.81 20.71 27.51
N VAL A 241 -21.87 19.97 26.93
CA VAL A 241 -20.71 20.62 26.34
C VAL A 241 -21.10 21.34 25.05
N CYS A 242 -22.13 20.85 24.35
CA CYS A 242 -22.68 21.60 23.22
C CYS A 242 -23.21 22.95 23.67
N ASP A 243 -23.96 22.96 24.78
CA ASP A 243 -24.46 24.22 25.32
C ASP A 243 -23.31 25.12 25.75
N ALA A 244 -22.23 24.54 26.27
CA ALA A 244 -21.14 25.32 26.84
C ALA A 244 -20.40 26.11 25.76
N ILE A 245 -20.10 25.49 24.62
CA ILE A 245 -19.36 26.21 23.60
C ILE A 245 -20.25 27.24 22.93
N VAL A 246 -21.55 26.96 22.82
CA VAL A 246 -22.48 27.93 22.22
C VAL A 246 -22.62 29.15 23.12
N LEU A 247 -22.82 28.94 24.42
CA LEU A 247 -22.86 30.06 25.36
C LEU A 247 -21.58 30.87 25.30
N TRP A 248 -20.44 30.18 25.25
CA TRP A 248 -19.15 30.85 25.18
C TRP A 248 -19.05 31.73 23.93
N ALA A 249 -19.50 31.21 22.78
CA ALA A 249 -19.56 32.01 21.57
C ALA A 249 -20.51 33.19 21.72
N LYS A 250 -21.67 32.97 22.36
CA LYS A 250 -22.65 34.03 22.53
C LYS A 250 -22.10 35.15 23.40
N ARG A 251 -21.33 34.81 24.44
CA ARG A 251 -20.69 35.86 25.24
C ARG A 251 -19.72 36.68 24.39
N HIS A 252 -19.05 36.06 23.42
CA HIS A 252 -18.19 36.81 22.52
C HIS A 252 -19.01 37.74 21.62
N ALA A 253 -20.20 37.29 21.20
CA ALA A 253 -21.09 38.16 20.43
C ALA A 253 -21.47 39.41 21.23
N ASP A 254 -21.81 39.25 22.51
CA ASP A 254 -22.14 40.41 23.33
C ASP A 254 -20.96 41.37 23.45
N ALA A 255 -19.75 40.83 23.61
CA ALA A 255 -18.57 41.68 23.74
C ALA A 255 -18.34 42.47 22.46
N ALA A 256 -18.59 41.85 21.30
CA ALA A 256 -18.41 42.56 20.04
C ALA A 256 -19.44 43.66 19.87
N ARG A 257 -20.70 43.41 20.26
CA ARG A 257 -21.72 44.45 20.18
C ARG A 257 -21.37 45.62 21.08
N LYS A 258 -20.86 45.34 22.29
CA LYS A 258 -20.45 46.41 23.19
C LYS A 258 -19.28 47.20 22.61
N ALA A 259 -18.34 46.51 21.94
CA ALA A 259 -17.23 47.21 21.31
C ALA A 259 -17.69 48.02 20.10
N ALA A 260 -18.72 47.54 19.38
CA ALA A 260 -19.23 48.29 18.24
C ALA A 260 -19.81 49.63 18.68
N GLU A 261 -20.61 49.63 19.74
CA GLU A 261 -21.21 50.87 20.22
C GLU A 261 -20.14 51.85 20.69
N ALA A 262 -19.09 51.34 21.33
CA ALA A 262 -18.04 52.20 21.84
C ALA A 262 -17.12 52.76 20.76
N CYS A 263 -17.24 52.29 19.52
CA CYS A 263 -16.32 52.63 18.45
C CYS A 263 -16.98 53.61 17.49
N ALA A 264 -16.33 54.75 17.28
CA ALA A 264 -16.89 55.79 16.41
C ALA A 264 -16.64 55.53 14.93
N ASP A 265 -15.58 54.80 14.59
CA ASP A 265 -15.29 54.49 13.19
C ASP A 265 -16.42 53.68 12.58
N PRO A 266 -17.13 54.20 11.57
CA PRO A 266 -18.25 53.44 11.00
C PRO A 266 -17.83 52.14 10.34
N VAL A 267 -16.63 52.10 9.74
CA VAL A 267 -16.19 50.87 9.09
C VAL A 267 -15.92 49.78 10.12
N ARG A 268 -15.13 50.11 11.14
CA ARG A 268 -14.85 49.14 12.20
C ARG A 268 -16.11 48.82 13.00
N LYS A 269 -17.02 49.79 13.12
CA LYS A 269 -18.29 49.52 13.79
C LYS A 269 -19.07 48.43 13.05
N ALA A 270 -19.09 48.49 11.71
CA ALA A 270 -19.81 47.49 10.93
C ALA A 270 -19.14 46.12 11.02
N GLU A 271 -17.80 46.10 11.06
CA GLU A 271 -17.09 44.83 11.22
C GLU A 271 -17.43 44.17 12.54
N LEU A 272 -17.50 44.96 13.61
CA LEU A 272 -17.81 44.40 14.92
C LEU A 272 -19.21 43.80 14.95
N ILE A 273 -20.17 44.45 14.28
CA ILE A 273 -21.52 43.89 14.23
C ILE A 273 -21.53 42.59 13.44
N ARG A 274 -20.85 42.56 12.29
CA ARG A 274 -20.72 41.32 11.53
C ARG A 274 -20.13 40.22 12.39
N MET A 275 -19.09 40.53 13.17
CA MET A 275 -18.48 39.54 14.04
C MET A 275 -19.46 39.07 15.10
N ALA A 276 -20.22 40.00 15.70
CA ALA A 276 -21.25 39.62 16.64
C ALA A 276 -22.26 38.68 16.01
N GLU A 277 -22.61 38.92 14.74
CA GLU A 277 -23.57 38.05 14.06
C GLU A 277 -22.96 36.69 13.75
N ASN A 278 -21.66 36.65 13.41
CA ASN A 278 -20.98 35.37 13.24
C ASN A 278 -21.07 34.53 14.51
N ALA A 279 -20.71 35.12 15.65
CA ALA A 279 -20.68 34.39 16.90
C ALA A 279 -22.07 33.97 17.35
N GLU A 280 -23.11 34.69 16.93
CA GLU A 280 -24.47 34.32 17.29
C GLU A 280 -24.98 33.14 16.46
N HIS A 281 -24.37 32.88 15.30
CA HIS A 281 -24.79 31.78 14.45
C HIS A 281 -23.93 30.53 14.62
N VAL A 282 -22.60 30.68 14.62
CA VAL A 282 -21.70 29.54 14.65
C VAL A 282 -20.93 29.55 15.97
N PRO A 283 -20.50 28.39 16.50
CA PRO A 283 -20.61 27.03 15.95
C PRO A 283 -21.92 26.31 16.29
N ALA A 284 -22.92 27.05 16.77
CA ALA A 284 -24.21 26.43 17.06
C ALA A 284 -24.88 25.89 15.81
N ASN A 285 -24.82 26.65 14.73
CA ASN A 285 -25.54 26.35 13.50
C ASN A 285 -24.58 26.13 12.35
N PRO A 286 -24.99 25.42 11.30
CA PRO A 286 -24.13 25.24 10.13
C PRO A 286 -23.66 26.59 9.59
N ALA A 287 -22.41 26.61 9.14
CA ALA A 287 -21.84 27.82 8.59
C ALA A 287 -22.47 28.10 7.22
N ARG A 288 -22.68 29.38 6.92
CA ARG A 288 -23.36 29.78 5.70
C ARG A 288 -22.45 30.47 4.69
N ASP A 289 -21.22 30.83 5.07
CA ASP A 289 -20.27 31.36 4.11
C ASP A 289 -18.86 31.07 4.61
N PHE A 290 -17.87 31.59 3.89
CA PHE A 290 -16.48 31.30 4.25
C PHE A 290 -16.09 31.97 5.56
N TYR A 291 -16.52 33.21 5.77
CA TYR A 291 -16.24 33.92 7.01
C TYR A 291 -16.83 33.19 8.22
N GLU A 292 -18.08 32.73 8.10
CA GLU A 292 -18.67 31.95 9.19
C GLU A 292 -17.95 30.62 9.37
N ALA A 293 -17.54 29.98 8.27
CA ALA A 293 -16.85 28.69 8.37
C ALA A 293 -15.53 28.83 9.14
N VAL A 294 -14.78 29.89 8.88
CA VAL A 294 -13.53 30.12 9.60
C VAL A 294 -13.80 30.38 11.08
N GLN A 295 -14.77 31.26 11.37
CA GLN A 295 -15.08 31.56 12.75
C GLN A 295 -15.60 30.32 13.49
N SER A 296 -16.40 29.49 12.80
CA SER A 296 -16.89 28.27 13.42
C SER A 296 -15.75 27.32 13.76
N GLN A 297 -14.85 27.09 12.80
CA GLN A 297 -13.71 26.21 13.07
C GLN A 297 -12.84 26.80 14.17
N TYR A 298 -12.68 28.13 14.19
CA TYR A 298 -11.82 28.78 15.17
C TYR A 298 -12.39 28.66 16.57
N PHE A 299 -13.70 28.86 16.73
CA PHE A 299 -14.34 28.63 18.03
C PHE A 299 -14.11 27.21 18.51
N THR A 300 -14.17 26.23 17.59
CA THR A 300 -14.08 24.83 18.01
C THR A 300 -12.67 24.50 18.51
N GLN A 301 -11.65 24.87 17.73
CA GLN A 301 -10.28 24.57 18.13
C GLN A 301 -9.86 25.35 19.37
N MET A 302 -10.35 26.58 19.54
CA MET A 302 -9.99 27.35 20.72
C MET A 302 -10.67 26.79 21.96
N PHE A 303 -11.96 26.48 21.88
CA PHE A 303 -12.63 25.83 22.99
C PHE A 303 -11.98 24.48 23.31
N SER A 304 -11.40 23.82 22.31
CA SER A 304 -10.68 22.58 22.55
C SER A 304 -9.49 22.79 23.49
N ARG A 305 -8.77 23.90 23.30
CA ARG A 305 -7.65 24.20 24.21
C ARG A 305 -8.14 24.32 25.65
N LEU A 306 -9.32 24.91 25.85
CA LEU A 306 -9.91 24.96 27.18
C LEU A 306 -10.23 23.57 27.71
N GLU A 307 -10.65 22.66 26.82
CA GLU A 307 -11.07 21.33 27.24
C GLU A 307 -9.88 20.51 27.74
N GLN A 308 -8.78 20.49 27.00
CA GLN A 308 -7.62 19.70 27.40
C GLN A 308 -6.37 20.21 26.70
N LYS A 309 -5.22 19.81 27.26
CA LYS A 309 -3.92 20.11 26.65
C LYS A 309 -3.57 18.98 25.69
N THR A 310 -4.13 19.07 24.48
CA THR A 310 -3.81 18.10 23.47
C THR A 310 -2.33 18.18 23.12
N GLY A 311 -1.69 17.01 22.99
CA GLY A 311 -0.30 16.97 22.59
C GLY A 311 -0.04 17.79 21.35
N THR A 312 1.01 18.63 21.40
CA THR A 312 1.45 19.51 20.31
C THR A 312 0.47 20.65 20.02
N THR A 313 -0.58 20.80 20.83
CA THR A 313 -1.74 21.67 20.59
C THR A 313 -2.65 21.06 19.52
N ILE A 314 -3.96 21.23 19.71
CA ILE A 314 -4.96 20.56 18.86
C ILE A 314 -4.72 20.91 17.40
N SER A 315 -4.66 19.88 16.55
CA SER A 315 -4.40 20.05 15.14
C SER A 315 -5.69 20.38 14.40
N ASN A 316 -5.55 20.78 13.14
CA ASN A 316 -6.62 21.47 12.44
C ASN A 316 -7.20 20.73 11.26
N GLY A 317 -6.63 19.60 10.86
CA GLY A 317 -7.20 18.81 9.78
C GLY A 317 -6.98 19.40 8.41
N ARG A 318 -7.68 18.82 7.43
CA ARG A 318 -7.51 19.14 6.01
C ARG A 318 -8.30 20.40 5.67
N MET A 319 -7.75 21.55 6.10
CA MET A 319 -8.46 22.81 5.94
C MET A 319 -8.72 23.16 4.48
N ASP A 320 -7.81 22.80 3.57
CA ASP A 320 -8.03 23.14 2.18
C ASP A 320 -9.13 22.30 1.54
N GLN A 321 -9.57 21.22 2.20
CA GLN A 321 -10.69 20.42 1.72
C GLN A 321 -12.02 20.84 2.35
N TYR A 322 -12.11 20.90 3.68
CA TYR A 322 -13.42 21.19 4.26
C TYR A 322 -13.80 22.66 4.18
N PHE A 323 -12.84 23.56 3.95
CA PHE A 323 -13.17 24.96 3.66
C PHE A 323 -13.48 25.21 2.20
N TYR A 324 -13.14 24.29 1.30
CA TYR A 324 -13.26 24.57 -0.13
C TYR A 324 -14.69 24.83 -0.61
N PRO A 325 -15.71 24.06 -0.20
CA PRO A 325 -17.07 24.38 -0.69
C PRO A 325 -17.53 25.77 -0.30
N PHE A 326 -17.12 26.27 0.87
CA PHE A 326 -17.48 27.61 1.27
C PHE A 326 -16.73 28.65 0.45
N TYR A 327 -15.43 28.43 0.26
CA TYR A 327 -14.62 29.32 -0.57
C TYR A 327 -15.16 29.37 -2.00
N LYS A 328 -15.45 28.21 -2.59
CA LYS A 328 -15.88 28.17 -3.98
C LYS A 328 -17.21 28.87 -4.18
N LYS A 329 -18.17 28.66 -3.27
CA LYS A 329 -19.47 29.30 -3.43
C LYS A 329 -19.36 30.81 -3.25
N ASP A 330 -18.56 31.27 -2.27
CA ASP A 330 -18.43 32.70 -2.06
C ASP A 330 -17.68 33.38 -3.20
N MET A 331 -16.69 32.69 -3.78
CA MET A 331 -16.00 33.25 -4.94
C MET A 331 -16.94 33.38 -6.14
N GLU A 332 -17.71 32.32 -6.43
CA GLU A 332 -18.60 32.34 -7.58
C GLU A 332 -19.75 33.32 -7.38
N ALA A 333 -20.12 33.60 -6.14
CA ALA A 333 -21.18 34.56 -5.87
C ALA A 333 -20.68 36.00 -5.84
N GLY A 334 -19.38 36.22 -5.93
CA GLY A 334 -18.83 37.55 -5.95
C GLY A 334 -18.72 38.25 -4.61
N ILE A 335 -18.85 37.51 -3.51
CA ILE A 335 -18.77 38.10 -2.18
C ILE A 335 -17.45 37.79 -1.48
N LEU A 336 -16.49 37.18 -2.19
CA LEU A 336 -15.20 36.86 -1.62
C LEU A 336 -14.12 37.08 -2.66
N THR A 337 -12.92 37.44 -2.19
CA THR A 337 -11.74 37.54 -3.04
C THR A 337 -10.62 36.72 -2.42
N ASP A 338 -9.60 36.43 -3.23
CA ASP A 338 -8.43 35.72 -2.72
C ASP A 338 -7.74 36.52 -1.62
N GLU A 339 -7.73 37.85 -1.72
CA GLU A 339 -7.08 38.65 -0.68
C GLU A 339 -7.89 38.62 0.61
N LYS A 340 -9.22 38.69 0.51
CA LYS A 340 -10.06 38.59 1.71
C LYS A 340 -9.97 37.20 2.32
N THR A 341 -9.88 36.17 1.49
CA THR A 341 -9.64 34.81 1.99
C THR A 341 -8.37 34.75 2.83
N LEU A 342 -7.26 35.31 2.32
CA LEU A 342 -6.02 35.31 3.08
C LEU A 342 -6.17 36.10 4.37
N GLU A 343 -6.93 37.20 4.34
CA GLU A 343 -7.11 38.01 5.54
C GLU A 343 -7.84 37.24 6.64
N TYR A 344 -8.89 36.50 6.27
CA TYR A 344 -9.59 35.67 7.25
C TYR A 344 -8.66 34.59 7.83
N LEU A 345 -7.93 33.90 6.95
CA LEU A 345 -7.06 32.83 7.42
C LEU A 345 -5.96 33.36 8.32
N GLU A 346 -5.36 34.50 7.96
CA GLU A 346 -4.21 34.98 8.70
C GLU A 346 -4.60 35.63 10.03
N CYS A 347 -5.84 36.14 10.14
CA CYS A 347 -6.37 36.49 11.46
C CYS A 347 -6.43 35.27 12.37
N MET A 348 -6.75 34.10 11.78
CA MET A 348 -6.74 32.86 12.55
C MET A 348 -5.32 32.48 12.97
N TRP A 349 -4.34 32.68 12.08
CA TRP A 349 -2.96 32.38 12.45
C TRP A 349 -2.49 33.26 13.60
N VAL A 350 -2.84 34.55 13.56
CA VAL A 350 -2.42 35.47 14.62
C VAL A 350 -2.99 35.05 15.95
N GLY A 351 -4.28 34.68 15.98
CA GLY A 351 -4.88 34.23 17.23
C GLY A 351 -4.21 32.97 17.75
N MET A 352 -3.89 32.03 16.86
CA MET A 352 -3.18 30.83 17.28
C MET A 352 -1.76 31.16 17.75
N ALA A 353 -1.13 32.16 17.15
CA ALA A 353 0.22 32.54 17.56
C ALA A 353 0.24 33.17 18.95
N GLU A 354 -0.86 33.79 19.37
CA GLU A 354 -0.94 34.36 20.71
C GLU A 354 -1.17 33.32 21.79
N PHE A 355 -1.70 32.15 21.43
CA PHE A 355 -1.85 31.06 22.39
C PHE A 355 -0.57 30.24 22.39
N ILE A 356 0.12 30.21 23.52
CA ILE A 356 1.32 29.41 23.69
C ILE A 356 0.95 28.17 24.49
N ASP A 357 1.33 27.00 23.96
CA ASP A 357 1.09 25.74 24.63
C ASP A 357 2.18 25.55 25.69
N MET A 358 1.84 25.89 26.93
CA MET A 358 2.83 25.96 28.01
C MET A 358 3.00 24.60 28.69
N TYR A 359 4.25 24.20 28.84
CA TYR A 359 4.64 23.01 29.60
C TYR A 359 5.30 23.49 30.88
N ILE A 360 4.65 23.23 32.02
CA ILE A 360 5.15 23.80 33.28
C ILE A 360 6.18 22.92 33.98
N SER A 361 6.29 21.64 33.60
CA SER A 361 7.27 20.79 34.23
C SER A 361 8.62 20.88 33.52
N PRO A 362 9.71 20.53 34.20
CA PRO A 362 11.03 20.63 33.54
C PRO A 362 11.16 19.72 32.33
N ALA A 363 10.75 18.45 32.43
CA ALA A 363 10.82 17.57 31.27
C ALA A 363 9.96 18.09 30.13
N GLY A 364 8.77 18.62 30.46
CA GLY A 364 7.91 19.20 29.44
C GLY A 364 8.59 20.35 28.71
N GLY A 365 9.20 21.26 29.46
CA GLY A 365 9.93 22.35 28.84
C GLY A 365 11.08 21.89 27.97
N ALA A 366 11.84 20.88 28.43
CA ALA A 366 13.00 20.43 27.67
C ALA A 366 12.59 19.73 26.37
N PHE A 367 11.40 19.11 26.35
CA PHE A 367 10.90 18.47 25.14
C PHE A 367 10.35 19.47 24.13
N ASN A 368 10.22 20.74 24.49
CA ASN A 368 9.44 21.68 23.68
C ASN A 368 10.09 23.07 23.64
N GLU A 369 11.36 23.10 23.21
CA GLU A 369 12.10 24.36 23.17
C GLU A 369 11.46 25.35 22.20
N GLY A 370 11.69 26.63 22.47
CA GLY A 370 11.23 27.69 21.58
C GLY A 370 9.73 27.81 21.47
N TYR A 371 8.99 27.50 22.54
CA TYR A 371 7.53 27.53 22.54
C TYR A 371 6.97 26.63 21.45
N ALA A 372 7.51 25.41 21.40
CA ALA A 372 7.20 24.45 20.34
C ALA A 372 5.70 24.19 20.23
N HIS A 373 5.23 24.08 18.99
CA HIS A 373 3.82 23.93 18.67
C HIS A 373 3.73 23.16 17.36
N TRP A 374 2.72 22.29 17.25
CA TRP A 374 2.49 21.55 16.01
C TRP A 374 0.99 21.45 15.70
N GLU A 375 0.30 22.59 15.56
CA GLU A 375 -1.13 22.58 15.21
C GLU A 375 -1.25 22.31 13.71
N ALA A 376 -1.05 21.04 13.34
CA ALA A 376 -0.89 20.67 11.94
C ALA A 376 -2.09 21.10 11.10
N VAL A 377 -1.81 21.82 10.02
CA VAL A 377 -2.77 22.17 8.99
C VAL A 377 -2.40 21.39 7.74
N THR A 378 -3.32 20.55 7.26
CA THR A 378 -3.04 19.64 6.16
C THR A 378 -3.57 20.21 4.85
N ILE A 379 -2.74 20.18 3.81
CA ILE A 379 -3.15 20.56 2.46
C ILE A 379 -2.71 19.47 1.49
N GLY A 380 -3.35 19.44 0.32
CA GLY A 380 -3.02 18.50 -0.71
C GLY A 380 -3.39 17.06 -0.36
N GLY A 381 -2.87 16.13 -1.16
CA GLY A 381 -3.12 14.72 -0.93
C GLY A 381 -4.14 14.12 -1.88
N GLN A 382 -5.00 13.24 -1.36
CA GLN A 382 -5.97 12.54 -2.18
C GLN A 382 -7.36 12.65 -1.56
N THR A 383 -8.37 12.56 -2.42
CA THR A 383 -9.76 12.56 -1.96
C THR A 383 -10.14 11.18 -1.44
N PRO A 384 -11.22 11.08 -0.65
CA PRO A 384 -11.64 9.75 -0.17
C PRO A 384 -11.98 8.77 -1.28
N ASP A 385 -12.20 9.23 -2.51
CA ASP A 385 -12.47 8.31 -3.61
C ASP A 385 -11.28 8.17 -4.54
N GLY A 386 -10.09 8.54 -4.10
CA GLY A 386 -8.87 8.19 -4.82
C GLY A 386 -8.37 9.17 -5.85
N ARG A 387 -8.90 10.38 -5.89
CA ARG A 387 -8.45 11.40 -6.83
C ARG A 387 -7.54 12.40 -6.12
N ASP A 388 -6.76 13.14 -6.92
CA ASP A 388 -5.92 14.19 -6.33
C ASP A 388 -6.79 15.30 -5.77
N ALA A 389 -6.35 15.89 -4.66
CA ALA A 389 -7.17 16.83 -3.90
C ALA A 389 -6.65 18.26 -3.97
N THR A 390 -5.65 18.55 -4.79
CA THR A 390 -5.16 19.92 -4.93
C THR A 390 -6.26 20.82 -5.51
N ASN A 391 -6.50 21.96 -4.87
CA ASN A 391 -7.49 22.92 -5.36
C ASN A 391 -6.91 24.33 -5.18
N ASP A 392 -7.74 25.34 -5.47
CA ASP A 392 -7.29 26.73 -5.35
C ASP A 392 -6.88 27.07 -3.93
N LEU A 393 -7.61 26.54 -2.93
CA LEU A 393 -7.24 26.80 -1.55
C LEU A 393 -5.85 26.25 -1.22
N THR A 394 -5.49 25.11 -1.82
CA THR A 394 -4.17 24.53 -1.57
C THR A 394 -3.07 25.54 -1.84
N TYR A 395 -3.18 26.26 -2.95
CA TYR A 395 -2.15 27.23 -3.31
C TYR A 395 -2.22 28.49 -2.44
N LEU A 396 -3.41 28.86 -1.97
CA LEU A 396 -3.52 30.02 -1.09
C LEU A 396 -2.85 29.76 0.26
N PHE A 397 -2.97 28.54 0.78
CA PHE A 397 -2.29 28.21 2.03
C PHE A 397 -0.78 28.28 1.88
N LEU A 398 -0.25 27.81 0.76
CA LEU A 398 1.19 27.92 0.51
C LEU A 398 1.60 29.38 0.37
N LYS A 399 0.81 30.18 -0.36
CA LYS A 399 1.09 31.60 -0.49
C LYS A 399 1.11 32.28 0.87
N SER A 400 0.13 31.97 1.73
CA SER A 400 0.08 32.56 3.06
C SER A 400 1.32 32.22 3.86
N LYS A 401 1.76 30.96 3.82
CA LYS A 401 2.93 30.59 4.62
C LYS A 401 4.19 31.29 4.12
N ARG A 402 4.30 31.55 2.82
CA ARG A 402 5.45 32.29 2.30
C ARG A 402 5.47 33.73 2.82
N GLU A 403 4.31 34.39 2.85
CA GLU A 403 4.23 35.83 3.05
C GLU A 403 3.89 36.23 4.48
N PHE A 404 3.06 35.45 5.18
CA PHE A 404 2.81 35.68 6.59
C PHE A 404 4.08 35.37 7.38
N PRO A 405 4.64 36.32 8.13
CA PRO A 405 6.01 36.15 8.65
C PRO A 405 6.14 35.28 9.91
N LEU A 406 5.06 34.89 10.56
CA LEU A 406 5.22 34.03 11.73
C LEU A 406 5.39 32.58 11.29
N HIS A 407 5.95 31.76 12.19
CA HIS A 407 6.03 30.32 11.94
C HIS A 407 4.73 29.62 12.30
N TYR A 408 3.61 30.22 11.89
CA TYR A 408 2.26 29.71 11.98
C TYR A 408 1.61 29.85 10.61
N PRO A 409 0.76 28.89 10.20
CA PRO A 409 0.46 27.68 10.97
C PRO A 409 1.46 26.58 10.68
N ASP A 410 1.33 25.47 11.39
CA ASP A 410 2.15 24.28 11.19
C ASP A 410 1.71 23.60 9.90
N LEU A 411 2.15 24.14 8.77
CA LEU A 411 1.68 23.70 7.47
C LEU A 411 2.33 22.37 7.08
N ALA A 412 1.50 21.41 6.71
CA ALA A 412 1.95 20.09 6.28
C ALA A 412 1.32 19.74 4.96
N ALA A 413 2.14 19.35 3.99
CA ALA A 413 1.69 19.04 2.64
C ALA A 413 1.74 17.54 2.41
N ARG A 414 0.63 16.97 1.98
CA ARG A 414 0.57 15.56 1.64
C ARG A 414 1.12 15.33 0.24
N ILE A 415 1.92 14.28 0.09
CA ILE A 415 2.55 13.92 -1.18
C ILE A 415 2.11 12.50 -1.53
N HIS A 416 1.71 12.30 -2.78
CA HIS A 416 1.45 10.97 -3.30
C HIS A 416 2.06 10.86 -4.68
N SER A 417 2.08 9.63 -5.22
CA SER A 417 2.84 9.34 -6.44
C SER A 417 2.29 10.04 -7.67
N ARG A 418 1.05 10.56 -7.63
CA ARG A 418 0.49 11.31 -8.73
C ARG A 418 0.20 12.77 -8.36
N ALA A 419 0.91 13.30 -7.38
CA ALA A 419 0.74 14.71 -7.02
C ALA A 419 1.05 15.59 -8.23
N PRO A 420 0.25 16.61 -8.50
CA PRO A 420 0.44 17.41 -9.71
C PRO A 420 1.79 18.12 -9.71
N GLU A 421 2.35 18.27 -10.92
CA GLU A 421 3.61 18.96 -11.08
C GLU A 421 3.53 20.40 -10.56
N ARG A 422 2.44 21.10 -10.88
CA ARG A 422 2.29 22.47 -10.39
C ARG A 422 2.28 22.53 -8.88
N TYR A 423 1.66 21.54 -8.23
CA TYR A 423 1.62 21.51 -6.78
C TYR A 423 3.00 21.27 -6.18
N LEU A 424 3.71 20.25 -6.69
CA LEU A 424 5.06 19.98 -6.20
C LEU A 424 6.00 21.16 -6.44
N TRP A 425 5.80 21.89 -7.54
CA TRP A 425 6.65 23.04 -7.82
C TRP A 425 6.42 24.16 -6.80
N ASP A 426 5.16 24.41 -6.46
CA ASP A 426 4.85 25.44 -5.47
C ASP A 426 5.31 25.03 -4.08
N VAL A 427 5.24 23.73 -3.77
CA VAL A 427 5.75 23.23 -2.49
C VAL A 427 7.26 23.44 -2.42
N ALA A 428 7.98 23.12 -3.49
CA ALA A 428 9.42 23.28 -3.49
C ALA A 428 9.81 24.75 -3.36
N GLU A 429 9.10 25.65 -4.04
CA GLU A 429 9.39 27.07 -3.90
C GLU A 429 9.08 27.59 -2.51
N THR A 430 8.04 27.06 -1.86
CA THR A 430 7.74 27.46 -0.49
C THR A 430 8.85 27.02 0.46
N ILE A 431 9.35 25.79 0.28
CA ILE A 431 10.49 25.33 1.07
C ILE A 431 11.69 26.26 0.88
N LYS A 432 11.87 26.76 -0.35
CA LYS A 432 13.03 27.60 -0.65
C LYS A 432 12.93 28.99 -0.03
N PHE A 433 11.79 29.36 0.54
CA PHE A 433 11.72 30.64 1.25
C PHE A 433 12.59 30.64 2.50
N GLY A 434 12.82 29.48 3.10
CA GLY A 434 13.84 29.33 4.11
C GLY A 434 13.41 29.38 5.56
N SER A 435 12.15 29.05 5.87
CA SER A 435 11.72 28.93 7.26
C SER A 435 11.22 27.53 7.61
N GLY A 436 11.37 26.56 6.71
CA GLY A 436 11.08 25.17 7.00
C GLY A 436 9.75 24.64 6.54
N PHE A 437 8.96 25.43 5.77
CA PHE A 437 7.59 25.07 5.45
C PHE A 437 7.43 24.75 3.96
N PRO A 438 6.57 23.78 3.62
CA PRO A 438 5.91 22.87 4.56
C PRO A 438 6.70 21.61 4.81
N LYS A 439 6.40 20.91 5.90
CA LYS A 439 6.86 19.55 6.05
C LYS A 439 6.01 18.63 5.17
N LEU A 440 6.58 17.49 4.80
CA LEU A 440 5.97 16.59 3.85
C LEU A 440 5.57 15.28 4.53
N CYS A 441 4.38 14.80 4.20
CA CYS A 441 3.88 13.50 4.65
C CYS A 441 3.52 12.66 3.43
N ASN A 442 4.00 11.41 3.40
CA ASN A 442 3.98 10.58 2.21
C ASN A 442 2.79 9.63 2.26
N ASP A 443 1.78 9.89 1.42
CA ASP A 443 0.63 8.98 1.30
C ASP A 443 1.08 7.55 1.03
N GLU A 444 2.14 7.39 0.24
CA GLU A 444 2.54 6.06 -0.21
C GLU A 444 3.09 5.21 0.92
N GLU A 445 3.58 5.82 2.00
CA GLU A 445 4.08 5.07 3.13
C GLU A 445 2.96 4.73 4.12
N CYS A 446 2.17 5.72 4.52
CA CYS A 446 1.28 5.52 5.66
C CYS A 446 -0.06 4.87 5.28
N ILE A 447 -0.53 5.04 4.05
CA ILE A 447 -1.83 4.48 3.70
C ILE A 447 -1.80 2.96 3.67
N PRO A 448 -0.83 2.29 3.02
CA PRO A 448 -0.81 0.82 3.11
C PRO A 448 -0.62 0.31 4.53
N LEU A 449 0.20 0.98 5.35
CA LEU A 449 0.29 0.61 6.76
C LEU A 449 -1.06 0.68 7.44
N TYR A 450 -1.85 1.71 7.13
CA TYR A 450 -3.11 1.91 7.84
C TYR A 450 -4.21 0.99 7.32
N VAL A 451 -4.24 0.69 6.02
CA VAL A 451 -5.25 -0.28 5.57
C VAL A 451 -4.89 -1.67 6.08
N SER A 452 -3.60 -1.98 6.20
CA SER A 452 -3.19 -3.25 6.78
C SER A 452 -3.67 -3.39 8.22
N LYS A 453 -3.75 -2.28 8.95
CA LYS A 453 -4.12 -2.28 10.35
C LYS A 453 -5.60 -1.99 10.57
N GLY A 454 -6.42 -2.13 9.51
CA GLY A 454 -7.86 -2.18 9.66
C GLY A 454 -8.62 -1.03 9.06
N ALA A 455 -7.94 0.00 8.55
CA ALA A 455 -8.63 1.14 7.99
C ALA A 455 -9.16 0.81 6.60
N THR A 456 -10.31 1.38 6.27
CA THR A 456 -10.76 1.30 4.89
C THR A 456 -9.93 2.26 4.04
N PHE A 457 -9.93 2.01 2.72
CA PHE A 457 -9.20 2.91 1.84
C PHE A 457 -9.80 4.31 1.86
N GLU A 458 -11.12 4.39 1.98
CA GLU A 458 -11.78 5.70 1.97
C GLU A 458 -11.33 6.55 3.16
N GLU A 459 -11.33 5.96 4.37
CA GLU A 459 -10.92 6.74 5.53
C GLU A 459 -9.41 6.92 5.59
N ALA A 460 -8.64 5.96 5.08
CA ALA A 460 -7.19 6.15 5.03
C ALA A 460 -6.81 7.24 4.02
N LEU A 461 -7.45 7.22 2.85
CA LEU A 461 -7.16 8.25 1.85
C LEU A 461 -7.48 9.65 2.37
N ASP A 462 -8.44 9.76 3.28
CA ASP A 462 -8.88 11.04 3.84
C ASP A 462 -8.14 11.42 5.12
N TYR A 463 -6.91 10.95 5.31
CA TYR A 463 -6.25 11.21 6.59
C TYR A 463 -5.80 12.65 6.70
N ALA A 464 -5.78 13.15 7.93
CA ALA A 464 -5.21 14.45 8.25
C ALA A 464 -3.86 14.27 8.92
N VAL A 465 -2.95 15.20 8.64
CA VAL A 465 -1.72 15.26 9.41
C VAL A 465 -2.06 15.75 10.82
N SER A 466 -1.35 15.23 11.81
CA SER A 466 -1.65 15.56 13.19
C SER A 466 -0.35 15.62 13.98
N GLY A 467 -0.15 16.71 14.70
CA GLY A 467 1.07 16.85 15.48
C GLY A 467 2.30 16.97 14.59
N CYS A 468 3.39 16.31 15.02
CA CYS A 468 4.65 16.43 14.30
C CYS A 468 4.51 15.97 12.85
N ILE A 469 4.17 14.70 12.65
CA ILE A 469 3.90 14.20 11.31
C ILE A 469 3.07 12.92 11.44
N GLU A 470 2.30 12.82 12.51
CA GLU A 470 1.39 11.70 12.66
C GLU A 470 0.17 11.92 11.79
N ILE A 471 -0.61 10.85 11.58
CA ILE A 471 -1.82 10.95 10.79
C ILE A 471 -3.01 10.49 11.62
N ARG A 472 -4.18 11.07 11.34
CA ARG A 472 -5.40 10.77 12.06
C ARG A 472 -6.56 10.60 11.09
N MET A 473 -7.42 9.64 11.41
CA MET A 473 -8.72 9.50 10.78
C MET A 473 -9.76 9.91 11.82
N PRO A 474 -10.23 11.16 11.80
CA PRO A 474 -10.92 11.72 12.98
C PRO A 474 -12.25 11.04 13.34
N ASN A 475 -12.76 10.10 12.55
CA ASN A 475 -13.93 9.33 12.98
C ASN A 475 -13.61 7.84 13.12
N ARG A 476 -12.32 7.48 13.16
CA ARG A 476 -11.90 6.10 13.33
C ARG A 476 -10.80 5.92 14.37
N ASP A 477 -9.81 6.82 14.40
CA ASP A 477 -8.80 6.79 15.45
C ASP A 477 -9.45 6.95 16.83
N THR A 478 -8.97 6.16 17.80
CA THR A 478 -9.49 6.24 19.16
C THR A 478 -8.43 6.23 20.26
N TYR A 479 -7.14 6.15 19.93
CA TYR A 479 -6.07 6.02 20.91
C TYR A 479 -5.47 7.37 21.23
N THR A 480 -5.35 7.68 22.53
CA THR A 480 -4.98 9.03 22.95
C THR A 480 -3.87 9.08 23.99
N SER A 481 -3.22 7.95 24.30
CA SER A 481 -2.27 7.90 25.42
C SER A 481 -0.87 8.30 24.98
N GLY A 482 -0.26 9.22 25.73
CA GLY A 482 1.12 9.60 25.46
C GLY A 482 2.06 8.42 25.64
N GLY A 483 3.00 8.28 24.69
CA GLY A 483 3.88 7.14 24.66
C GLY A 483 5.22 7.40 25.33
N ALA A 484 6.01 6.32 25.46
CA ALA A 484 7.34 6.42 26.03
C ALA A 484 8.34 6.94 25.01
N TYR A 485 9.29 7.74 25.48
CA TYR A 485 10.44 8.16 24.69
C TYR A 485 11.69 7.50 25.28
N THR A 486 12.32 6.63 24.50
CA THR A 486 13.29 5.68 24.99
C THR A 486 14.68 5.99 24.44
N ASN A 487 15.65 6.10 25.34
CA ASN A 487 17.00 6.56 25.01
C ASN A 487 17.89 5.35 24.72
N PHE A 488 17.94 4.95 23.45
CA PHE A 488 18.77 3.81 23.10
C PHE A 488 20.26 4.14 23.06
N ALA A 489 20.62 5.42 23.09
CA ALA A 489 22.03 5.78 23.31
C ALA A 489 22.46 5.40 24.72
N SER A 490 21.55 5.51 25.70
CA SER A 490 21.87 5.06 27.06
C SER A 490 22.14 3.57 27.11
N ALA A 491 21.56 2.81 26.18
CA ALA A 491 21.86 1.38 26.10
C ALA A 491 23.29 1.13 25.66
N VAL A 492 23.82 1.97 24.77
CA VAL A 492 25.23 1.88 24.40
C VAL A 492 26.11 2.15 25.62
N GLU A 493 25.80 3.20 26.37
CA GLU A 493 26.58 3.54 27.55
C GLU A 493 26.47 2.44 28.61
N MET A 494 25.27 1.93 28.85
CA MET A 494 25.10 0.85 29.82
C MET A 494 25.85 -0.41 29.39
N ALA A 495 25.98 -0.63 28.08
CA ALA A 495 26.78 -1.76 27.62
C ALA A 495 28.27 -1.53 27.81
N LEU A 496 28.72 -0.26 27.88
CA LEU A 496 30.11 0.02 28.16
C LEU A 496 30.44 -0.05 29.64
N TYR A 497 29.51 0.31 30.52
CA TYR A 497 29.80 0.51 31.93
C TYR A 497 28.91 -0.36 32.82
N ASP A 498 28.69 -1.62 32.42
CA ASP A 498 28.06 -2.63 33.27
C ASP A 498 26.69 -2.18 33.76
N GLY A 499 25.93 -1.54 32.88
CA GLY A 499 24.58 -1.11 33.22
C GLY A 499 24.50 0.15 34.04
N LYS A 500 25.58 0.90 34.17
CA LYS A 500 25.56 2.20 34.82
C LYS A 500 25.75 3.29 33.78
N MET A 501 25.49 4.53 34.21
CA MET A 501 25.71 5.71 33.40
C MET A 501 26.50 6.72 34.21
N LYS A 502 27.46 7.37 33.56
CA LYS A 502 28.28 8.36 34.26
C LYS A 502 27.42 9.46 34.88
N LYS A 503 26.34 9.84 34.20
CA LYS A 503 25.46 10.88 34.71
C LYS A 503 24.91 10.52 36.09
N TYR A 504 24.53 9.25 36.28
CA TYR A 504 23.91 8.81 37.52
C TYR A 504 24.84 7.98 38.38
N GLY A 505 26.14 7.99 38.07
CA GLY A 505 27.14 7.35 38.90
C GLY A 505 26.92 5.86 39.11
N ASP A 506 26.66 5.49 40.35
CA ASP A 506 26.64 4.08 40.75
C ASP A 506 25.23 3.50 40.85
N VAL A 507 24.22 4.24 40.41
CA VAL A 507 22.88 3.68 40.34
C VAL A 507 22.88 2.55 39.32
N GLN A 508 22.42 1.38 39.74
CA GLN A 508 22.33 0.22 38.84
C GLN A 508 21.11 0.42 37.97
N LEU A 509 21.31 1.00 36.79
CA LEU A 509 20.20 1.32 35.92
C LEU A 509 19.82 0.13 35.04
N GLY A 510 20.80 -0.43 34.34
CA GLY A 510 20.58 -1.47 33.38
C GLY A 510 21.10 -2.82 33.85
N ILE A 511 21.20 -3.75 32.90
CA ILE A 511 21.70 -5.07 33.19
C ILE A 511 23.19 -4.99 33.51
N GLN A 512 23.63 -5.82 34.44
CA GLN A 512 25.06 -5.95 34.74
C GLN A 512 25.67 -6.86 33.68
N THR A 513 26.15 -6.24 32.60
CA THR A 513 26.66 -6.96 31.44
C THR A 513 28.16 -7.18 31.46
N GLY A 514 28.85 -6.69 32.49
CA GLY A 514 30.27 -6.95 32.67
C GLY A 514 31.12 -5.74 32.33
N ASP A 515 32.41 -5.88 32.64
CA ASP A 515 33.39 -4.86 32.28
C ASP A 515 33.66 -4.95 30.79
N ALA A 516 33.26 -3.91 30.04
CA ALA A 516 33.50 -3.89 28.61
C ALA A 516 34.97 -3.80 28.25
N ARG A 517 35.85 -3.48 29.20
CA ARG A 517 37.28 -3.54 28.92
C ARG A 517 37.73 -4.98 28.70
N LYS A 518 37.04 -5.95 29.30
CA LYS A 518 37.43 -7.35 29.19
C LYS A 518 36.79 -8.07 28.01
N PHE A 519 35.86 -7.44 27.30
CA PHE A 519 35.21 -8.07 26.16
C PHE A 519 36.24 -8.42 25.09
N LYS A 520 36.12 -9.62 24.52
CA LYS A 520 37.12 -10.14 23.61
C LYS A 520 36.65 -10.28 22.16
N SER A 521 35.35 -10.17 21.90
CA SER A 521 34.86 -10.26 20.53
C SER A 521 33.74 -9.24 20.34
N TRP A 522 33.50 -8.91 19.06
CA TRP A 522 32.33 -8.10 18.72
C TRP A 522 31.05 -8.79 19.17
N ASP A 523 30.98 -10.12 19.05
CA ASP A 523 29.81 -10.84 19.53
C ASP A 523 29.54 -10.57 21.00
N GLU A 524 30.60 -10.36 21.79
CA GLU A 524 30.42 -10.13 23.23
C GLU A 524 29.86 -8.74 23.51
N PHE A 525 30.42 -7.71 22.87
CA PHE A 525 29.88 -6.37 23.07
C PHE A 525 28.49 -6.26 22.46
N TRP A 526 28.29 -6.84 21.27
CA TRP A 526 26.96 -6.81 20.66
C TRP A 526 25.93 -7.46 21.58
N ASN A 527 26.28 -8.60 22.18
CA ASN A 527 25.36 -9.26 23.11
C ASN A 527 25.08 -8.37 24.32
N ALA A 528 26.09 -7.62 24.77
CA ALA A 528 25.88 -6.71 25.88
C ALA A 528 24.92 -5.59 25.51
N TYR A 529 25.05 -5.03 24.31
CA TYR A 529 24.14 -3.98 23.89
C TYR A 529 22.71 -4.50 23.76
N VAL A 530 22.54 -5.70 23.19
CA VAL A 530 21.20 -6.23 22.98
C VAL A 530 20.48 -6.40 24.31
N GLN A 531 21.20 -6.82 25.35
CA GLN A 531 20.56 -7.00 26.66
C GLN A 531 20.04 -5.69 27.22
N GLN A 532 20.77 -4.59 26.99
CA GLN A 532 20.27 -3.29 27.43
C GLN A 532 19.16 -2.79 26.50
N HIS A 533 19.32 -3.04 25.20
CA HIS A 533 18.30 -2.66 24.23
C HIS A 533 16.96 -3.31 24.55
N MET A 534 16.96 -4.61 24.84
CA MET A 534 15.72 -5.32 25.14
C MET A 534 15.17 -4.93 26.51
N LEU A 535 16.05 -4.65 27.48
CA LEU A 535 15.59 -4.13 28.76
C LEU A 535 14.82 -2.83 28.58
N LEU A 536 15.35 -1.92 27.76
CA LEU A 536 14.63 -0.69 27.48
C LEU A 536 13.28 -0.96 26.82
N LEU A 537 13.19 -1.99 25.99
CA LEU A 537 11.93 -2.32 25.35
C LEU A 537 10.93 -2.90 26.34
N ARG A 538 11.39 -3.82 27.20
CA ARG A 538 10.51 -4.36 28.25
C ARG A 538 10.01 -3.23 29.16
N THR A 539 10.92 -2.36 29.59
CA THR A 539 10.53 -1.25 30.43
C THR A 539 9.55 -0.32 29.71
N THR A 540 9.79 -0.10 28.41
CA THR A 540 8.93 0.80 27.64
C THR A 540 7.49 0.31 27.64
N PHE A 541 7.27 -0.96 27.27
CA PHE A 541 5.91 -1.44 27.11
C PHE A 541 5.21 -1.63 28.45
N ILE A 542 5.95 -2.01 29.49
CA ILE A 542 5.38 -2.12 30.82
C ILE A 542 4.91 -0.75 31.29
N GLN A 543 5.75 0.28 31.10
CA GLN A 543 5.37 1.64 31.44
C GLN A 543 4.11 2.07 30.69
N GLN A 544 4.05 1.79 29.39
CA GLN A 544 2.89 2.20 28.60
C GLN A 544 1.61 1.54 29.08
N TYR A 545 1.66 0.24 29.39
CA TYR A 545 0.48 -0.46 29.87
C TYR A 545 -0.07 0.20 31.13
N ILE A 546 0.81 0.61 32.03
CA ILE A 546 0.37 1.32 33.24
C ILE A 546 -0.21 2.69 32.88
N VAL A 547 0.42 3.39 31.92
CA VAL A 547 -0.08 4.69 31.50
C VAL A 547 -1.50 4.56 30.96
N ILE A 548 -1.74 3.56 30.11
CA ILE A 548 -3.06 3.38 29.52
C ILE A 548 -4.12 3.20 30.60
N GLN A 549 -3.83 2.36 31.59
CA GLN A 549 -4.79 2.13 32.66
C GLN A 549 -4.98 3.37 33.52
N THR A 550 -3.91 4.12 33.78
CA THR A 550 -4.01 5.25 34.70
C THR A 550 -4.71 6.44 34.05
N ARG A 551 -4.44 6.68 32.76
CA ARG A 551 -5.07 7.81 32.07
C ARG A 551 -6.59 7.66 32.03
N ALA A 552 -7.09 6.43 31.95
CA ALA A 552 -8.53 6.19 31.87
C ALA A 552 -9.27 6.66 33.12
N LYS A 553 -8.56 6.88 34.23
CA LYS A 553 -9.17 7.34 35.46
C LYS A 553 -9.05 8.85 35.66
N HIS A 554 -8.32 9.55 34.80
CA HIS A 554 -7.96 10.95 35.05
C HIS A 554 -8.36 11.92 33.96
N PHE A 555 -8.67 11.46 32.75
CA PHE A 555 -8.92 12.36 31.63
C PHE A 555 -10.23 12.03 30.95
N ALA A 556 -10.93 13.08 30.54
CA ALA A 556 -12.14 12.96 29.73
C ALA A 556 -12.15 14.10 28.72
N GLN A 557 -12.92 13.91 27.64
CA GLN A 557 -12.89 14.83 26.50
C GLN A 557 -14.27 14.89 25.87
N PRO A 558 -15.24 15.49 26.58
CA PRO A 558 -16.63 15.44 26.06
C PRO A 558 -16.83 16.12 24.72
N MET A 559 -16.18 17.26 24.47
CA MET A 559 -16.38 17.90 23.16
C MET A 559 -15.69 17.11 22.06
N GLY A 560 -14.45 16.67 22.28
CA GLY A 560 -13.79 15.85 21.29
C GLY A 560 -14.52 14.56 21.01
N SER A 561 -15.17 13.99 22.03
CA SER A 561 -15.91 12.76 21.83
C SER A 561 -17.19 13.00 21.02
N VAL A 562 -17.90 14.09 21.30
CA VAL A 562 -19.12 14.38 20.53
C VAL A 562 -18.80 14.67 19.07
N LEU A 563 -17.57 15.09 18.76
CA LEU A 563 -17.14 15.25 17.38
C LEU A 563 -16.63 13.97 16.77
N HIS A 564 -16.82 12.83 17.45
CA HIS A 564 -16.31 11.53 16.99
C HIS A 564 -17.49 10.60 16.78
N ALA A 565 -17.64 10.09 15.56
CA ALA A 565 -18.81 9.29 15.22
C ALA A 565 -18.90 8.02 16.05
N LEU A 566 -17.77 7.39 16.35
CA LEU A 566 -17.79 6.15 17.12
C LEU A 566 -18.12 6.43 18.58
N CYS A 567 -17.63 7.54 19.12
CA CYS A 567 -17.99 7.93 20.48
C CYS A 567 -19.47 8.26 20.58
N ARG A 568 -20.03 8.88 19.53
CA ARG A 568 -21.47 9.14 19.54
C ARG A 568 -22.26 7.84 19.42
N LYS A 569 -21.76 6.89 18.63
CA LYS A 569 -22.50 5.66 18.40
C LYS A 569 -22.53 4.79 19.65
N HIS A 570 -21.37 4.57 20.27
CA HIS A 570 -21.24 3.67 21.40
C HIS A 570 -21.26 4.37 22.74
N CYS A 571 -21.29 5.71 22.75
CA CYS A 571 -21.49 6.51 23.96
C CYS A 571 -20.38 6.26 24.98
N ILE A 572 -19.14 6.47 24.55
CA ILE A 572 -17.98 6.26 25.40
C ILE A 572 -16.94 7.35 25.09
N ASP A 573 -16.26 7.82 26.14
CA ASP A 573 -15.30 8.90 26.01
C ASP A 573 -13.99 8.42 25.38
N LEU A 574 -13.35 9.33 24.65
CA LEU A 574 -12.17 8.99 23.85
C LEU A 574 -11.03 8.42 24.68
N HIS A 575 -10.85 8.89 25.91
CA HIS A 575 -9.67 8.51 26.68
C HIS A 575 -9.82 7.16 27.39
N GLN A 576 -10.93 6.46 27.17
CA GLN A 576 -11.03 5.08 27.64
C GLN A 576 -10.17 4.18 26.74
N PRO A 577 -9.64 3.09 27.28
CA PRO A 577 -8.66 2.31 26.52
C PRO A 577 -9.22 1.62 25.29
N GLN A 578 -10.50 1.23 25.29
CA GLN A 578 -11.06 0.46 24.18
C GLN A 578 -12.43 1.02 23.80
N ILE A 579 -12.56 1.42 22.54
CA ILE A 579 -13.81 1.93 22.00
C ILE A 579 -14.22 1.01 20.85
N PRO A 580 -15.45 0.51 20.83
CA PRO A 580 -15.83 -0.46 19.79
C PRO A 580 -15.67 0.13 18.39
N GLU A 581 -15.15 -0.70 17.49
CA GLU A 581 -14.90 -0.41 16.08
C GLU A 581 -13.76 0.59 15.89
N GLY A 582 -13.16 1.09 16.96
CA GLY A 582 -12.06 2.03 16.80
C GLY A 582 -10.75 1.35 16.47
N LEU A 583 -9.86 2.12 15.83
CA LEU A 583 -8.49 1.69 15.57
C LEU A 583 -7.54 2.47 16.46
N ASN A 584 -6.56 1.78 17.04
CA ASN A 584 -5.70 2.36 18.06
C ASN A 584 -4.24 2.36 17.59
N PHE A 585 -3.72 3.55 17.30
CA PHE A 585 -2.36 3.74 16.81
C PHE A 585 -1.56 4.47 17.88
N GLY A 586 -0.76 3.72 18.64
CA GLY A 586 0.12 4.28 19.63
C GLY A 586 1.58 4.14 19.23
N TYR A 587 2.45 4.72 20.06
CA TYR A 587 3.85 4.81 19.70
C TYR A 587 4.73 4.69 20.93
N PHE A 588 5.96 4.21 20.70
CA PHE A 588 7.10 4.48 21.56
C PHE A 588 8.22 5.01 20.69
N GLU A 589 9.10 5.81 21.27
CA GLU A 589 10.10 6.54 20.49
C GLU A 589 11.47 5.87 20.62
N PHE A 590 12.06 5.56 19.48
CA PHE A 590 13.46 5.14 19.38
C PHE A 590 14.27 6.42 19.21
N MET A 591 14.94 6.84 20.28
CA MET A 591 15.71 8.08 20.27
C MET A 591 17.19 7.78 20.10
N GLY A 592 17.84 8.52 19.21
CA GLY A 592 19.28 8.46 19.07
C GLY A 592 19.79 7.47 18.05
N LEU A 593 18.99 7.12 17.04
CA LEU A 593 19.37 6.09 16.07
C LEU A 593 20.75 6.36 15.48
N GLY A 594 20.97 7.56 14.97
CA GLY A 594 22.26 7.89 14.39
C GLY A 594 23.41 7.73 15.38
N THR A 595 23.20 8.12 16.63
CA THR A 595 24.24 7.98 17.63
C THR A 595 24.54 6.52 17.91
N VAL A 596 23.50 5.68 17.95
CA VAL A 596 23.68 4.26 18.29
C VAL A 596 24.37 3.53 17.15
N ILE A 597 23.94 3.77 15.92
CA ILE A 597 24.55 3.10 14.77
C ILE A 597 26.03 3.43 14.69
N ASP A 598 26.35 4.72 14.75
CA ASP A 598 27.74 5.14 14.56
C ASP A 598 28.63 4.66 15.70
N SER A 599 28.09 4.62 16.93
CA SER A 599 28.85 4.09 18.06
C SER A 599 29.17 2.62 17.85
N LEU A 600 28.14 1.81 17.56
CA LEU A 600 28.33 0.38 17.41
C LEU A 600 29.21 0.06 16.21
N ALA A 601 29.07 0.83 15.12
CA ALA A 601 29.89 0.59 13.93
C ALA A 601 31.35 0.95 14.17
N ALA A 602 31.60 1.98 14.99
CA ALA A 602 32.98 2.32 15.33
C ALA A 602 33.63 1.21 16.15
N ILE A 603 32.88 0.59 17.05
CA ILE A 603 33.43 -0.48 17.87
C ILE A 603 33.66 -1.73 17.03
N LYS A 604 32.66 -2.14 16.25
CA LYS A 604 32.79 -3.32 15.41
C LYS A 604 33.96 -3.18 14.45
N LYS A 605 34.06 -2.02 13.79
CA LYS A 605 35.09 -1.85 12.76
C LYS A 605 36.47 -1.61 13.37
N LEU A 606 36.58 -0.66 14.29
CA LEU A 606 37.90 -0.21 14.71
C LEU A 606 38.48 -1.07 15.83
N VAL A 607 37.65 -1.62 16.70
CA VAL A 607 38.16 -2.41 17.81
C VAL A 607 38.38 -3.87 17.41
N PHE A 608 37.39 -4.50 16.80
CA PHE A 608 37.43 -5.95 16.62
C PHE A 608 37.76 -6.38 15.21
N GLU A 609 37.29 -5.68 14.18
CA GLU A 609 37.59 -6.09 12.81
C GLU A 609 39.00 -5.64 12.41
N ASP A 610 39.27 -4.34 12.51
CA ASP A 610 40.56 -3.82 12.10
C ASP A 610 41.59 -3.77 13.23
N LYS A 611 41.14 -3.83 14.48
CA LYS A 611 42.03 -3.87 15.64
C LYS A 611 42.98 -2.68 15.68
N LYS A 612 42.46 -1.48 15.38
CA LYS A 612 43.27 -0.29 15.50
C LYS A 612 43.36 0.23 16.93
N LEU A 613 42.49 -0.25 17.82
CA LEU A 613 42.56 0.10 19.23
C LEU A 613 41.81 -0.96 20.01
N THR A 614 42.07 -1.03 21.31
CA THR A 614 41.43 -2.01 22.18
C THR A 614 40.25 -1.39 22.91
N MET A 615 39.43 -2.26 23.52
CA MET A 615 38.34 -1.76 24.35
C MET A 615 38.87 -0.90 25.49
N ASP A 616 40.07 -1.22 25.98
CA ASP A 616 40.68 -0.44 27.06
C ASP A 616 41.06 0.96 26.60
N GLN A 617 41.65 1.07 25.40
CA GLN A 617 41.99 2.38 24.87
C GLN A 617 40.73 3.20 24.57
N LEU A 618 39.70 2.54 24.06
CA LEU A 618 38.44 3.23 23.75
C LEU A 618 37.80 3.80 25.01
N ILE A 619 37.64 2.97 26.04
CA ILE A 619 36.95 3.42 27.24
C ILE A 619 37.79 4.42 28.03
N ASP A 620 39.13 4.34 27.91
CA ASP A 620 39.97 5.41 28.44
C ASP A 620 39.64 6.75 27.79
N ALA A 621 39.50 6.75 26.47
CA ALA A 621 39.17 7.98 25.76
C ALA A 621 37.79 8.50 26.15
N LEU A 622 36.82 7.60 26.29
CA LEU A 622 35.46 8.02 26.63
C LEU A 622 35.41 8.62 28.03
N GLU A 623 35.97 7.93 29.02
CA GLU A 623 35.93 8.42 30.40
C GLU A 623 36.70 9.73 30.54
N ALA A 624 37.68 9.98 29.69
CA ALA A 624 38.37 11.26 29.67
C ALA A 624 37.62 12.31 28.85
N ASN A 625 36.45 11.98 28.31
CA ASN A 625 35.72 12.85 27.39
C ASN A 625 36.62 13.30 26.23
N PHE A 626 37.44 12.36 25.75
CA PHE A 626 38.40 12.55 24.66
C PHE A 626 39.48 13.58 25.00
N GLU A 627 39.58 13.99 26.26
CA GLU A 627 40.61 14.95 26.68
C GLU A 627 41.90 14.18 26.93
N GLY A 628 42.90 14.43 26.08
CA GLY A 628 44.11 13.62 26.07
C GLY A 628 44.04 12.42 25.16
N TYR A 629 42.96 12.27 24.39
CA TYR A 629 42.76 11.17 23.46
C TYR A 629 42.17 11.69 22.17
N GLU A 630 42.58 12.89 21.78
CA GLU A 630 41.99 13.54 20.62
C GLU A 630 42.33 12.82 19.32
N ASP A 631 43.47 12.13 19.27
CA ASP A 631 43.79 11.32 18.09
C ASP A 631 42.82 10.15 17.98
N ILE A 632 42.41 9.59 19.12
CA ILE A 632 41.43 8.52 19.12
C ILE A 632 40.06 9.05 18.66
N GLN A 633 39.67 10.23 19.14
CA GLN A 633 38.41 10.83 18.71
C GLN A 633 38.37 10.99 17.20
N GLN A 634 39.48 11.46 16.61
CA GLN A 634 39.53 11.61 15.16
C GLN A 634 39.46 10.26 14.47
N LEU A 635 40.09 9.23 15.05
CA LEU A 635 40.04 7.89 14.46
C LEU A 635 38.63 7.32 14.50
N LEU A 636 37.92 7.50 15.62
CA LEU A 636 36.56 6.98 15.72
C LEU A 636 35.66 7.56 14.65
N ARG A 637 35.91 8.80 14.23
CA ARG A 637 35.09 9.45 13.22
C ARG A 637 35.36 8.97 11.79
N THR A 638 36.31 8.05 11.61
CA THR A 638 36.55 7.46 10.30
C THR A 638 35.75 6.19 10.05
N ALA A 639 35.15 5.60 11.08
CA ALA A 639 34.39 4.38 10.90
C ALA A 639 33.13 4.65 10.05
N PRO A 640 32.50 3.58 9.55
CA PRO A 640 31.26 3.75 8.78
C PRO A 640 30.16 4.37 9.62
N CYS A 641 29.38 5.26 8.99
CA CYS A 641 28.36 6.03 9.68
C CYS A 641 27.05 5.97 8.92
N TYR A 642 25.96 6.00 9.69
CA TYR A 642 24.61 6.10 9.15
C TYR A 642 24.43 7.41 8.39
N GLY A 643 23.65 7.35 7.31
CA GLY A 643 23.41 8.52 6.47
C GLY A 643 24.35 8.66 5.30
N ASN A 644 25.07 7.60 4.94
CA ASN A 644 26.02 7.63 3.83
C ASN A 644 25.79 6.53 2.82
N ASP A 645 24.64 5.84 2.89
CA ASP A 645 24.39 4.66 2.06
C ASP A 645 25.50 3.62 2.24
N ASP A 646 26.06 3.56 3.43
CA ASP A 646 27.15 2.65 3.75
C ASP A 646 26.56 1.40 4.40
N GLU A 647 26.60 0.28 3.68
CA GLU A 647 25.94 -0.94 4.13
C GLU A 647 26.51 -1.43 5.46
N TYR A 648 27.78 -1.15 5.74
CA TYR A 648 28.38 -1.58 7.00
C TYR A 648 27.67 -0.96 8.19
N ALA A 649 27.39 0.34 8.12
CA ALA A 649 26.62 1.00 9.18
C ALA A 649 25.14 0.66 9.08
N ASP A 650 24.58 0.71 7.86
CA ASP A 650 23.13 0.66 7.71
C ASP A 650 22.55 -0.70 8.08
N GLU A 651 23.32 -1.79 7.94
CA GLU A 651 22.80 -3.09 8.34
C GLU A 651 22.73 -3.20 9.85
N ILE A 652 23.63 -2.52 10.58
CA ILE A 652 23.49 -2.46 12.03
C ILE A 652 22.21 -1.73 12.41
N GLY A 653 21.96 -0.57 11.77
CA GLY A 653 20.74 0.15 12.05
C GLY A 653 19.49 -0.62 11.65
N ARG A 654 19.58 -1.41 10.58
CA ARG A 654 18.44 -2.23 10.18
C ARG A 654 18.13 -3.29 11.23
N GLU A 655 19.17 -3.85 11.85
CA GLU A 655 18.95 -4.81 12.92
C GLU A 655 18.41 -4.14 14.18
N LEU A 656 18.90 -2.94 14.50
CA LEU A 656 18.34 -2.17 15.60
C LEU A 656 16.85 -1.93 15.39
N ASP A 657 16.49 -1.49 14.19
CA ASP A 657 15.08 -1.27 13.88
C ASP A 657 14.30 -2.56 13.93
N ARG A 658 14.88 -3.66 13.42
CA ARG A 658 14.16 -4.93 13.41
C ARG A 658 13.81 -5.38 14.81
N MET A 659 14.75 -5.26 15.75
CA MET A 659 14.47 -5.66 17.12
C MET A 659 13.33 -4.85 17.71
N ALA A 660 13.34 -3.53 17.51
CA ALA A 660 12.28 -2.68 18.04
C ALA A 660 10.94 -3.00 17.40
N VAL A 661 10.90 -3.10 16.07
CA VAL A 661 9.64 -3.36 15.37
C VAL A 661 9.11 -4.75 15.69
N SER A 662 10.01 -5.74 15.73
CA SER A 662 9.60 -7.11 16.06
C SER A 662 9.01 -7.18 17.47
N PHE A 663 9.61 -6.47 18.42
CA PHE A 663 9.05 -6.39 19.76
C PHE A 663 7.69 -5.70 19.74
N ALA A 664 7.57 -4.61 19.00
CA ALA A 664 6.28 -3.92 18.88
C ALA A 664 5.22 -4.85 18.30
N ALA A 665 5.59 -5.67 17.31
CA ALA A 665 4.62 -6.58 16.70
C ALA A 665 4.13 -7.63 17.68
N LYS A 666 5.00 -8.08 18.59
CA LYS A 666 4.63 -9.17 19.48
C LYS A 666 3.81 -8.69 20.68
N TYR A 667 4.17 -7.54 21.25
CA TYR A 667 3.65 -7.15 22.56
C TYR A 667 2.66 -6.00 22.52
N GLY A 668 2.43 -5.39 21.36
CA GLY A 668 1.38 -4.38 21.28
C GLY A 668 0.00 -4.98 21.51
N LYS A 669 -0.25 -6.16 20.96
CA LYS A 669 -1.60 -6.71 20.91
C LYS A 669 -2.15 -7.07 22.29
N GLU A 670 -1.29 -7.47 23.24
CA GLU A 670 -1.83 -7.75 24.56
C GLU A 670 -2.16 -6.50 25.35
N MET A 671 -1.68 -5.33 24.90
CA MET A 671 -2.16 -4.06 25.40
C MET A 671 -3.39 -3.57 24.64
N GLY A 672 -3.83 -4.30 23.62
CA GLY A 672 -5.01 -3.93 22.87
C GLY A 672 -4.82 -2.83 21.85
N ILE A 673 -3.56 -2.50 21.50
CA ILE A 673 -3.28 -1.40 20.59
C ILE A 673 -2.12 -1.79 19.68
N ASN A 674 -1.93 -0.99 18.64
CA ASN A 674 -0.63 -0.87 17.99
C ASN A 674 0.23 0.06 18.82
N ASN A 675 1.40 -0.41 19.23
CA ASN A 675 2.38 0.40 19.93
C ASN A 675 3.65 0.33 19.10
N ASP A 676 3.73 1.18 18.07
CA ASP A 676 4.68 1.01 16.99
C ASP A 676 5.91 1.88 17.19
N ALA A 677 7.03 1.40 16.66
CA ALA A 677 8.30 2.11 16.81
C ALA A 677 8.29 3.36 15.94
N ARG A 678 8.65 4.49 16.55
CA ARG A 678 8.60 5.77 15.87
C ARG A 678 9.87 6.56 16.18
N TYR A 679 10.31 7.37 15.21
CA TYR A 679 11.55 8.13 15.34
C TYR A 679 11.29 9.63 15.18
N VAL A 680 10.41 10.17 16.03
CA VAL A 680 10.03 11.57 16.03
C VAL A 680 10.49 12.17 17.35
N PRO A 681 11.37 13.16 17.36
CA PRO A 681 12.09 13.49 18.59
C PRO A 681 11.52 14.58 19.48
N PHE A 682 10.61 15.42 18.98
CA PHE A 682 10.34 16.71 19.67
C PHE A 682 11.72 17.39 19.77
N THR A 683 12.04 18.06 20.87
CA THR A 683 13.43 18.45 21.13
C THR A 683 14.04 17.58 22.23
N SER A 684 13.55 16.36 22.41
CA SER A 684 14.04 15.50 23.49
C SER A 684 15.45 15.00 23.24
N HIS A 685 15.95 15.08 22.00
CA HIS A 685 17.33 14.66 21.76
C HIS A 685 18.34 15.61 22.40
N VAL A 686 17.90 16.75 22.91
CA VAL A 686 18.76 17.67 23.65
C VAL A 686 18.90 17.19 25.09
N PRO A 687 17.82 16.97 25.85
CA PRO A 687 18.01 16.42 27.21
C PRO A 687 18.44 14.96 27.20
N PHE A 688 18.01 14.17 26.22
CA PHE A 688 18.52 12.79 26.11
C PHE A 688 20.03 12.78 25.91
N GLY A 689 20.54 13.73 25.13
CA GLY A 689 21.98 13.83 24.96
C GLY A 689 22.68 14.36 26.21
N LYS A 690 22.02 15.22 26.97
CA LYS A 690 22.64 15.79 28.16
C LYS A 690 22.91 14.77 29.25
N VAL A 691 22.28 13.59 29.18
CA VAL A 691 22.49 12.56 30.19
C VAL A 691 23.37 11.42 29.69
N VAL A 692 23.80 11.46 28.44
CA VAL A 692 24.66 10.44 27.87
C VAL A 692 26.07 11.02 27.74
N SER A 693 27.04 10.34 28.33
CA SER A 693 28.43 10.80 28.28
C SER A 693 29.02 10.49 26.90
N ALA A 694 30.35 10.60 26.79
CA ALA A 694 30.99 10.47 25.48
C ALA A 694 30.76 9.07 24.90
N THR A 695 30.50 9.02 23.60
CA THR A 695 30.13 7.78 22.94
C THR A 695 31.17 7.39 21.87
N PRO A 696 31.25 6.10 21.53
CA PRO A 696 32.33 5.63 20.65
C PRO A 696 32.33 6.21 19.23
N ASN A 697 31.32 7.01 18.87
CA ASN A 697 31.32 7.65 17.56
C ASN A 697 32.04 9.00 17.56
N GLY A 698 32.72 9.36 18.65
CA GLY A 698 33.41 10.62 18.73
C GLY A 698 32.59 11.77 19.29
N ARG A 699 31.33 11.53 19.65
CA ARG A 699 30.48 12.57 20.20
C ARG A 699 30.87 12.86 21.65
N VAL A 700 31.08 14.14 21.97
CA VAL A 700 31.47 14.51 23.32
C VAL A 700 30.29 14.33 24.28
N ALA A 701 30.63 14.24 25.57
CA ALA A 701 29.62 14.04 26.60
C ALA A 701 28.62 15.19 26.63
N TRP A 702 27.37 14.85 26.95
CA TRP A 702 26.26 15.77 27.14
C TRP A 702 25.88 16.51 25.85
N PHE A 703 26.45 16.13 24.71
CA PHE A 703 26.04 16.72 23.44
C PHE A 703 24.74 16.08 22.97
N PRO A 704 23.89 16.84 22.29
CA PRO A 704 22.62 16.27 21.79
C PRO A 704 22.83 15.00 20.97
N LEU A 705 21.84 14.12 21.03
CA LEU A 705 21.83 12.95 20.16
C LEU A 705 21.42 13.37 18.75
N ALA A 706 21.62 12.45 17.81
CA ALA A 706 21.09 12.67 16.46
C ALA A 706 19.60 12.94 16.53
N ASP A 707 19.12 13.83 15.66
CA ASP A 707 17.72 14.22 15.65
C ASP A 707 16.92 13.24 14.79
N GLY A 708 15.78 12.79 15.32
CA GLY A 708 14.89 11.92 14.58
C GLY A 708 15.61 10.69 14.03
N SER A 709 15.40 10.42 12.75
CA SER A 709 16.18 9.44 12.01
C SER A 709 17.17 10.10 11.07
N SER A 710 17.55 11.36 11.35
CA SER A 710 18.58 12.02 10.59
C SER A 710 19.95 11.46 10.98
N PRO A 711 20.95 11.64 10.15
CA PRO A 711 22.31 11.21 10.53
C PRO A 711 22.82 12.01 11.71
N SER A 712 23.82 11.45 12.39
CA SER A 712 24.53 12.19 13.42
C SER A 712 25.11 13.46 12.82
N HIS A 713 25.24 14.49 13.65
CA HIS A 713 25.74 15.78 13.18
C HIS A 713 27.10 15.63 12.52
N GLY A 714 27.18 16.06 11.27
CA GLY A 714 28.43 16.03 10.52
C GLY A 714 28.89 14.67 10.05
N ALA A 715 28.11 13.61 10.27
CA ALA A 715 28.51 12.27 9.85
C ALA A 715 28.10 11.92 8.43
N ASP A 716 27.25 12.72 7.79
CA ASP A 716 26.81 12.46 6.42
C ASP A 716 27.77 13.14 5.46
N HIS A 717 28.60 12.35 4.78
CA HIS A 717 29.65 12.86 3.91
C HIS A 717 29.42 12.59 2.43
N ASN A 718 28.34 11.90 2.05
CA ASN A 718 28.14 11.49 0.67
C ASN A 718 26.88 12.11 0.04
N GLY A 719 26.54 13.33 0.45
CA GLY A 719 25.47 14.06 -0.19
C GLY A 719 24.11 13.82 0.45
N PRO A 720 23.11 14.59 0.01
CA PRO A 720 21.78 14.50 0.64
C PRO A 720 20.99 13.27 0.27
N THR A 721 21.08 12.82 -0.99
CA THR A 721 20.31 11.65 -1.41
C THR A 721 20.70 10.40 -0.63
N ALA A 722 21.96 10.27 -0.23
CA ALA A 722 22.38 9.14 0.59
C ALA A 722 21.70 9.11 1.95
N ILE A 723 21.26 10.26 2.46
CA ILE A 723 20.46 10.28 3.68
C ILE A 723 19.15 9.52 3.46
N LEU A 724 18.51 9.76 2.32
CA LEU A 724 17.27 9.05 2.00
C LEU A 724 17.52 7.56 1.87
N LEU A 725 18.59 7.17 1.17
CA LEU A 725 18.87 5.75 0.96
C LEU A 725 19.18 5.05 2.28
N SER A 726 19.94 5.72 3.16
CA SER A 726 20.24 5.13 4.47
C SER A 726 18.96 4.95 5.29
N ASN A 727 18.03 5.89 5.18
CA ASN A 727 16.76 5.75 5.89
C ASN A 727 16.00 4.52 5.41
N HIS A 728 15.91 4.35 4.08
CA HIS A 728 15.31 3.14 3.52
C HIS A 728 16.04 1.89 3.98
N ASN A 729 17.37 1.92 3.99
CA ASN A 729 18.16 0.73 4.26
C ASN A 729 18.10 0.31 5.72
N THR A 730 17.71 1.20 6.63
CA THR A 730 17.61 0.84 8.03
C THR A 730 16.17 0.52 8.45
N LYS A 731 15.26 0.42 7.49
CA LYS A 731 13.88 0.05 7.76
C LYS A 731 13.63 -1.42 7.38
N ASN A 732 12.52 -1.96 7.87
CA ASN A 732 12.14 -3.36 7.63
C ASN A 732 10.73 -3.37 7.05
N TYR A 733 10.65 -3.16 5.73
CA TYR A 733 9.36 -3.04 5.05
C TYR A 733 8.57 -4.35 5.05
N GLY A 734 9.19 -5.49 5.35
CA GLY A 734 8.47 -6.74 5.50
C GLY A 734 7.69 -6.86 6.79
N MET A 735 7.85 -5.91 7.71
CA MET A 735 7.06 -5.83 8.92
C MET A 735 6.25 -4.53 8.90
N ARG A 736 5.26 -4.45 9.78
CA ARG A 736 4.37 -3.30 9.80
C ARG A 736 4.36 -2.52 11.10
N ALA A 737 4.92 -3.05 12.18
CA ALA A 737 4.81 -2.41 13.49
C ALA A 737 5.70 -1.18 13.60
N ARG A 738 5.61 -0.28 12.62
CA ARG A 738 6.39 0.94 12.59
C ARG A 738 5.47 2.12 12.36
N ALA A 739 5.95 3.30 12.74
CA ALA A 739 5.24 4.53 12.43
C ALA A 739 6.19 5.51 11.74
N ALA A 740 5.98 6.80 11.94
CA ALA A 740 6.73 7.81 11.21
C ALA A 740 8.20 7.84 11.64
N ARG A 741 9.03 8.36 10.75
CA ARG A 741 10.38 8.79 11.06
C ARG A 741 10.52 10.25 10.66
N LEU A 742 11.17 11.05 11.51
CA LEU A 742 11.42 12.45 11.19
C LEU A 742 12.80 12.59 10.54
N ILE A 743 12.84 13.24 9.37
CA ILE A 743 14.08 13.50 8.65
C ILE A 743 14.28 15.00 8.53
N ASN A 744 15.40 15.50 9.04
CA ASN A 744 15.82 16.89 8.85
C ASN A 744 16.96 16.93 7.86
N VAL A 745 16.78 17.66 6.77
CA VAL A 745 17.81 17.91 5.78
C VAL A 745 18.01 19.42 5.65
N LYS A 746 19.27 19.85 5.54
CA LYS A 746 19.60 21.27 5.41
C LYS A 746 20.37 21.50 4.12
N PHE A 747 19.84 22.36 3.26
CA PHE A 747 20.52 22.84 2.07
C PHE A 747 20.97 24.28 2.28
N THR A 748 22.04 24.67 1.59
CA THR A 748 22.32 26.09 1.45
C THR A 748 21.41 26.67 0.37
N PRO A 749 21.17 27.98 0.40
CA PRO A 749 20.35 28.58 -0.68
C PRO A 749 20.98 28.44 -2.05
N LYS A 750 22.32 28.49 -2.15
CA LYS A 750 22.96 28.26 -3.44
C LYS A 750 22.67 26.86 -3.97
N CYS A 751 22.58 25.87 -3.09
CA CYS A 751 22.36 24.49 -3.53
C CYS A 751 21.05 24.33 -4.28
N VAL A 752 20.04 25.15 -3.98
CA VAL A 752 18.73 25.02 -4.63
C VAL A 752 18.37 26.31 -5.35
N GLU A 753 19.36 27.08 -5.77
CA GLU A 753 19.12 28.37 -6.39
C GLU A 753 18.38 28.25 -7.71
N GLY A 754 17.46 29.18 -7.96
CA GLY A 754 16.84 29.32 -9.27
C GLY A 754 15.86 28.20 -9.60
N ASP A 755 15.32 28.30 -10.82
CA ASP A 755 14.38 27.29 -11.30
C ASP A 755 15.05 25.92 -11.44
N ALA A 756 16.33 25.91 -11.83
CA ALA A 756 17.06 24.65 -11.86
C ALA A 756 17.16 24.04 -10.47
N GLY A 757 17.34 24.88 -9.45
CA GLY A 757 17.37 24.36 -8.09
C GLY A 757 16.01 23.92 -7.60
N THR A 758 14.95 24.64 -7.99
CA THR A 758 13.61 24.20 -7.65
C THR A 758 13.29 22.85 -8.28
N GLU A 759 13.72 22.64 -9.52
CA GLU A 759 13.52 21.36 -10.17
C GLU A 759 14.28 20.25 -9.48
N LYS A 760 15.50 20.54 -9.01
CA LYS A 760 16.27 19.55 -8.26
C LYS A 760 15.55 19.16 -6.98
N LEU A 761 14.94 20.14 -6.29
CA LEU A 761 14.24 19.83 -5.06
C LEU A 761 12.99 19.00 -5.33
N VAL A 762 12.26 19.30 -6.41
CA VAL A 762 11.10 18.51 -6.77
C VAL A 762 11.49 17.05 -6.99
N GLN A 763 12.58 16.82 -7.73
CA GLN A 763 13.01 15.45 -7.96
C GLN A 763 13.51 14.79 -6.70
N PHE A 764 14.13 15.56 -5.80
CA PHE A 764 14.49 15.02 -4.49
C PHE A 764 13.25 14.53 -3.74
N ILE A 765 12.16 15.30 -3.82
CA ILE A 765 10.93 14.92 -3.12
C ILE A 765 10.33 13.67 -3.75
N ARG A 766 10.33 13.59 -5.09
CA ARG A 766 9.76 12.42 -5.74
CA ARG A 766 9.77 12.42 -5.76
C ARG A 766 10.58 11.16 -5.43
N THR A 767 11.89 11.30 -5.30
CA THR A 767 12.71 10.16 -4.85
C THR A 767 12.33 9.76 -3.44
N TRP A 768 12.17 10.74 -2.56
CA TRP A 768 11.76 10.48 -1.18
C TRP A 768 10.41 9.77 -1.14
N CYS A 769 9.48 10.19 -2.00
CA CYS A 769 8.17 9.53 -2.08
C CYS A 769 8.31 8.08 -2.54
N ASP A 770 9.09 7.85 -3.60
CA ASP A 770 9.27 6.49 -4.13
C ASP A 770 9.84 5.54 -3.07
N LEU A 771 10.73 6.06 -2.22
CA LEU A 771 11.37 5.25 -1.19
C LEU A 771 10.42 4.89 -0.05
N LYS A 772 9.17 5.37 -0.09
CA LYS A 772 8.19 5.12 0.97
C LYS A 772 8.67 5.65 2.31
N LEU A 773 9.41 6.75 2.32
CA LEU A 773 9.79 7.40 3.57
C LEU A 773 8.64 8.29 4.03
N TRP A 774 8.39 8.29 5.34
CA TRP A 774 7.16 8.89 5.86
C TRP A 774 7.21 10.41 5.82
N HIS A 775 8.32 11.01 6.23
CA HIS A 775 8.38 12.44 6.46
C HIS A 775 9.70 13.01 5.96
N ILE A 776 9.68 14.30 5.60
CA ILE A 776 10.90 15.07 5.41
C ILE A 776 10.56 16.55 5.49
N GLN A 777 11.55 17.35 5.92
CA GLN A 777 11.44 18.79 6.00
C GLN A 777 12.84 19.37 5.84
N PHE A 778 12.91 20.64 5.45
CA PHE A 778 14.17 21.23 5.00
C PHE A 778 14.43 22.59 5.64
N ASN A 779 15.66 22.80 6.10
CA ASN A 779 16.21 24.13 6.30
C ASN A 779 16.94 24.55 5.03
N VAL A 780 16.78 25.82 4.65
CA VAL A 780 17.48 26.42 3.52
C VAL A 780 18.10 27.69 4.06
N ILE A 781 19.38 27.63 4.45
CA ILE A 781 19.99 28.69 5.23
C ILE A 781 21.50 28.56 5.12
N ASN A 782 22.20 29.70 5.19
CA ASN A 782 23.65 29.72 5.23
C ASN A 782 24.14 29.55 6.67
N ALA A 783 25.27 28.87 6.81
CA ALA A 783 25.80 28.61 8.15
C ALA A 783 26.10 29.90 8.89
N ASP A 784 26.58 30.93 8.18
CA ASP A 784 26.94 32.19 8.83
C ASP A 784 25.74 32.88 9.46
N THR A 785 24.53 32.64 8.94
CA THR A 785 23.36 33.25 9.55
C THR A 785 23.14 32.76 10.97
N LEU A 786 23.34 31.46 11.20
CA LEU A 786 23.17 30.91 12.55
C LEU A 786 24.28 31.39 13.48
N LYS A 787 25.52 31.42 12.99
CA LYS A 787 26.62 31.90 13.83
C LYS A 787 26.46 33.38 14.15
N LYS A 788 26.05 34.19 13.17
CA LYS A 788 25.80 35.60 13.44
C LYS A 788 24.64 35.79 14.41
N ALA A 789 23.61 34.95 14.32
CA ALA A 789 22.50 35.04 15.26
C ALA A 789 22.95 34.69 16.67
N GLN A 790 23.87 33.72 16.80
CA GLN A 790 24.40 33.37 18.12
C GLN A 790 25.17 34.53 18.73
N LYS A 791 26.02 35.19 17.93
CA LYS A 791 26.88 36.25 18.47
C LYS A 791 26.08 37.50 18.81
N ASP A 792 25.06 37.83 18.00
CA ASP A 792 24.25 39.03 18.20
C ASP A 792 22.78 38.64 18.12
N PRO A 793 22.23 38.05 19.19
CA PRO A 793 20.84 37.60 19.13
C PRO A 793 19.81 38.71 18.95
N GLN A 794 20.05 39.89 19.51
CA GLN A 794 19.07 40.96 19.37
C GLN A 794 18.95 41.45 17.93
N LYS A 795 20.04 41.42 17.17
CA LYS A 795 19.98 41.84 15.78
C LYS A 795 19.29 40.81 14.90
N TYR A 796 19.36 39.52 15.25
CA TYR A 796 18.78 38.45 14.47
C TYR A 796 17.61 37.78 15.18
N ARG A 797 16.87 38.54 15.98
CA ARG A 797 15.82 37.97 16.82
C ARG A 797 14.65 37.40 16.01
N ASN A 798 14.50 37.79 14.74
CA ASN A 798 13.41 37.29 13.93
C ASN A 798 13.78 36.06 13.11
N LEU A 799 14.98 35.50 13.31
CA LEU A 799 15.43 34.34 12.55
C LEU A 799 14.62 33.10 12.94
N ILE A 800 13.96 32.50 11.95
CA ILE A 800 13.15 31.31 12.14
C ILE A 800 13.88 30.12 11.50
N VAL A 801 13.98 29.02 12.24
CA VAL A 801 14.63 27.82 11.73
C VAL A 801 13.74 26.61 12.03
N ARG A 802 13.85 25.60 11.18
CA ARG A 802 13.09 24.36 11.33
C ARG A 802 13.84 23.42 12.27
N ILE A 803 13.14 22.89 13.28
CA ILE A 803 13.78 22.15 14.35
C ILE A 803 13.39 20.68 14.29
N ALA A 804 12.12 20.38 14.59
CA ALA A 804 11.65 19.00 14.61
C ALA A 804 10.14 18.91 14.39
N GLY A 805 9.70 19.04 13.14
CA GLY A 805 8.30 19.13 12.84
C GLY A 805 7.74 20.52 12.97
N TYR A 806 8.54 21.48 13.42
CA TYR A 806 8.06 22.82 13.72
C TYR A 806 9.22 23.79 13.60
N SER A 807 8.89 25.06 13.42
CA SER A 807 9.88 26.12 13.37
C SER A 807 9.72 27.05 14.55
N ALA A 808 10.82 27.69 14.95
CA ALA A 808 10.84 28.56 16.10
C ALA A 808 11.91 29.62 15.90
N TYR A 809 11.88 30.65 16.76
CA TYR A 809 12.92 31.66 16.71
C TYR A 809 14.22 31.10 17.26
N PHE A 810 15.29 31.22 16.47
CA PHE A 810 16.58 30.64 16.85
C PHE A 810 17.05 31.14 18.20
N VAL A 811 16.85 32.44 18.47
CA VAL A 811 17.32 33.02 19.74
C VAL A 811 16.56 32.52 20.95
N ASP A 812 15.41 31.87 20.76
CA ASP A 812 14.68 31.27 21.88
C ASP A 812 15.20 29.90 22.27
N LEU A 813 16.15 29.34 21.52
CA LEU A 813 16.64 28.00 21.80
C LEU A 813 17.84 28.06 22.73
N THR A 814 17.95 27.04 23.60
CA THR A 814 19.12 26.94 24.47
C THR A 814 20.37 26.76 23.62
N PRO A 815 21.55 27.04 24.19
CA PRO A 815 22.79 26.80 23.45
C PRO A 815 22.93 25.37 22.93
N ASP A 816 22.49 24.38 23.70
CA ASP A 816 22.60 22.99 23.25
C ASP A 816 21.82 22.76 21.97
N LEU A 817 20.57 23.23 21.93
CA LEU A 817 19.75 23.02 20.73
C LEU A 817 20.27 23.86 19.56
N GLN A 818 20.76 25.06 19.84
CA GLN A 818 21.42 25.84 18.79
C GLN A 818 22.61 25.09 18.21
N ASN A 819 23.37 24.42 19.07
CA ASN A 819 24.52 23.64 18.59
C ASN A 819 24.07 22.47 17.74
N ASP A 820 22.91 21.89 18.05
CA ASP A 820 22.34 20.85 17.18
C ASP A 820 22.06 21.39 15.79
N LEU A 821 21.38 22.54 15.70
CA LEU A 821 21.06 23.13 14.40
C LEU A 821 22.33 23.52 13.65
N ILE A 822 23.31 24.11 14.35
CA ILE A 822 24.55 24.53 13.69
C ILE A 822 25.33 23.32 13.19
N ALA A 823 25.38 22.25 13.97
CA ALA A 823 26.21 21.10 13.61
C ALA A 823 25.56 20.20 12.56
N ARG A 824 24.30 20.43 12.22
CA ARG A 824 23.69 19.69 11.12
C ARG A 824 24.37 20.07 9.82
N THR A 825 24.73 19.07 9.01
CA THR A 825 25.43 19.30 7.76
C THR A 825 24.60 20.16 6.82
N GLY A 826 25.19 21.27 6.37
CA GLY A 826 24.57 22.09 5.36
C GLY A 826 25.01 21.70 3.96
N HIS A 827 24.14 21.03 3.21
CA HIS A 827 24.51 20.44 1.93
C HIS A 827 24.55 21.52 0.85
N ASP A 828 25.72 21.67 0.22
CA ASP A 828 25.93 22.69 -0.79
C ASP A 828 25.72 22.17 -2.21
N GLN A 829 25.48 20.87 -2.37
CA GLN A 829 25.15 20.31 -3.67
C GLN A 829 24.29 19.06 -3.46
N MET A 830 23.48 18.75 -4.47
CA MET A 830 22.59 17.60 -4.43
C MET A 830 23.04 16.52 -5.40
N GLU B 6 9.41 1.44 -42.05
CA GLU B 6 10.66 0.94 -42.63
C GLU B 6 11.58 0.42 -41.53
N ILE B 7 11.20 0.65 -40.27
CA ILE B 7 11.94 0.17 -39.12
C ILE B 7 11.28 -1.11 -38.62
N LYS B 8 12.08 -2.16 -38.45
CA LYS B 8 11.58 -3.46 -38.04
C LYS B 8 12.05 -3.80 -36.64
N SER B 9 11.18 -4.48 -35.89
CA SER B 9 11.58 -5.03 -34.62
C SER B 9 12.57 -6.17 -34.83
N PRO B 10 13.38 -6.47 -33.82
CA PRO B 10 14.26 -7.66 -33.93
C PRO B 10 13.52 -8.92 -34.32
N HIS B 11 12.28 -9.10 -33.84
CA HIS B 11 11.50 -10.27 -34.23
C HIS B 11 11.15 -10.24 -35.71
N GLU B 12 10.80 -9.07 -36.24
CA GLU B 12 10.51 -8.96 -37.67
C GLU B 12 11.75 -9.25 -38.51
N GLN B 13 12.91 -8.72 -38.08
CA GLN B 13 14.15 -8.98 -38.81
C GLN B 13 14.50 -10.47 -38.76
N ARG B 14 14.23 -11.14 -37.63
CA ARG B 14 14.49 -12.56 -37.54
C ARG B 14 13.55 -13.36 -38.43
N LEU B 15 12.29 -12.92 -38.52
CA LEU B 15 11.37 -13.52 -39.47
C LEU B 15 11.85 -13.31 -40.91
N GLU B 16 12.35 -12.10 -41.20
CA GLU B 16 12.97 -11.81 -42.49
C GLU B 16 14.08 -12.81 -42.80
N ASP B 17 15.02 -12.98 -41.87
CA ASP B 17 16.13 -13.92 -42.09
C ASP B 17 15.62 -15.35 -42.25
N ASN B 18 14.59 -15.73 -41.48
CA ASN B 18 14.05 -17.08 -41.61
C ASN B 18 13.40 -17.29 -42.96
N ILE B 19 12.67 -16.28 -43.46
CA ILE B 19 12.07 -16.36 -44.78
C ILE B 19 13.15 -16.53 -45.85
N ALA B 20 14.24 -15.78 -45.74
CA ALA B 20 15.35 -15.88 -46.67
C ALA B 20 16.21 -17.13 -46.46
N GLY B 21 15.78 -18.08 -45.63
CA GLY B 21 16.54 -19.30 -45.42
C GLY B 21 17.82 -19.14 -44.64
N LYS B 22 18.10 -17.98 -44.07
CA LYS B 22 19.30 -17.80 -43.29
C LYS B 22 19.14 -18.41 -41.90
N GLU B 23 20.26 -18.82 -41.32
CA GLU B 23 20.25 -19.37 -39.97
C GLU B 23 19.96 -18.26 -38.97
N ASP B 24 19.18 -18.59 -37.94
CA ASP B 24 18.91 -17.63 -36.88
C ASP B 24 20.21 -17.20 -36.21
N ILE B 25 20.34 -15.90 -35.96
CA ILE B 25 21.59 -15.34 -35.47
C ILE B 25 21.95 -15.85 -34.08
N TYR B 26 20.99 -16.35 -33.30
CA TYR B 26 21.26 -16.85 -31.96
C TYR B 26 21.36 -18.36 -31.88
N ARG B 27 21.27 -19.06 -33.02
CA ARG B 27 21.29 -20.52 -32.98
C ARG B 27 22.62 -21.05 -32.46
N GLU B 28 23.72 -20.39 -32.81
CA GLU B 28 25.03 -20.91 -32.43
C GLU B 28 25.23 -20.83 -30.92
N SER B 29 24.77 -19.76 -30.28
CA SER B 29 24.95 -19.61 -28.84
C SER B 29 23.93 -20.38 -28.02
N HIS B 30 22.92 -20.98 -28.67
CA HIS B 30 21.91 -21.80 -28.02
C HIS B 30 21.72 -23.11 -28.79
N LYS B 31 22.83 -23.77 -29.12
CA LYS B 31 22.78 -24.82 -30.13
C LYS B 31 21.96 -26.02 -29.66
N ARG B 32 22.16 -26.46 -28.41
CA ARG B 32 21.45 -27.64 -27.94
C ARG B 32 19.94 -27.45 -27.98
N VAL B 33 19.45 -26.30 -27.51
CA VAL B 33 18.00 -26.12 -27.45
C VAL B 33 17.42 -25.80 -28.82
N PHE B 34 18.21 -25.22 -29.73
CA PHE B 34 17.74 -25.07 -31.10
C PHE B 34 17.58 -26.43 -31.78
N LYS B 35 18.52 -27.35 -31.54
CA LYS B 35 18.36 -28.72 -32.02
C LYS B 35 17.10 -29.35 -31.46
N LEU B 36 16.79 -29.06 -30.19
CA LEU B 36 15.62 -29.66 -29.55
C LEU B 36 14.31 -29.12 -30.11
N LEU B 37 14.22 -27.79 -30.31
CA LEU B 37 12.95 -27.22 -30.74
C LEU B 37 12.69 -27.44 -32.22
N GLU B 38 13.75 -27.59 -33.03
CA GLU B 38 13.58 -27.90 -34.44
C GLU B 38 12.93 -29.26 -34.69
N ARG B 39 12.82 -30.11 -33.65
CA ARG B 39 12.25 -31.44 -33.81
C ARG B 39 10.73 -31.44 -33.76
N PHE B 40 10.09 -30.37 -33.30
CA PHE B 40 8.63 -30.30 -33.30
C PHE B 40 8.13 -28.99 -33.92
N ASP B 41 8.84 -28.50 -34.93
CA ASP B 41 8.44 -27.28 -35.62
C ASP B 41 7.23 -27.55 -36.51
N GLY B 42 6.14 -26.82 -36.27
CA GLY B 42 5.00 -26.82 -37.16
C GLY B 42 4.05 -27.99 -37.05
N GLN B 43 4.28 -28.91 -36.12
CA GLN B 43 3.42 -30.08 -36.00
C GLN B 43 2.22 -29.80 -35.11
N LYS B 44 1.05 -30.25 -35.56
CA LYS B 44 -0.15 -30.18 -34.73
C LYS B 44 0.01 -31.13 -33.53
N PRO B 45 -0.42 -30.71 -32.34
CA PRO B 45 -0.28 -31.58 -31.17
C PRO B 45 -1.19 -32.81 -31.23
N ALA B 46 -0.75 -33.85 -30.53
CA ALA B 46 -1.45 -35.13 -30.48
C ALA B 46 -2.01 -35.38 -29.08
N ILE B 47 -3.18 -36.01 -29.03
CA ILE B 47 -3.81 -36.34 -27.75
C ILE B 47 -3.17 -37.60 -27.20
N ASP B 48 -2.61 -37.50 -26.00
CA ASP B 48 -2.09 -38.65 -25.28
C ASP B 48 -3.13 -39.07 -24.24
N VAL B 49 -3.34 -40.37 -24.13
CA VAL B 49 -4.41 -40.92 -23.31
C VAL B 49 -3.90 -41.59 -22.04
N GLU B 50 -2.58 -41.69 -21.86
CA GLU B 50 -2.02 -42.53 -20.82
C GLU B 50 -2.42 -42.06 -19.43
N ARG B 51 -2.28 -40.76 -19.15
CA ARG B 51 -2.64 -40.26 -17.84
C ARG B 51 -4.10 -40.55 -17.52
N ALA B 52 -5.01 -40.22 -18.44
CA ALA B 52 -6.43 -40.45 -18.22
C ALA B 52 -6.74 -41.94 -18.08
N LEU B 53 -6.07 -42.77 -18.87
CA LEU B 53 -6.30 -44.21 -18.81
C LEU B 53 -6.01 -44.75 -17.41
N TYR B 54 -4.79 -44.51 -16.92
CA TYR B 54 -4.41 -45.08 -15.63
C TYR B 54 -5.08 -44.36 -14.46
N PHE B 55 -5.38 -43.07 -14.62
CA PHE B 55 -6.19 -42.37 -13.62
C PHE B 55 -7.56 -43.02 -13.48
N THR B 56 -8.21 -43.31 -14.61
CA THR B 56 -9.56 -43.88 -14.57
C THR B 56 -9.55 -45.29 -14.00
N GLN B 57 -8.60 -46.12 -14.42
CA GLN B 57 -8.55 -47.50 -13.93
C GLN B 57 -8.49 -47.54 -12.42
N SER B 58 -7.72 -46.63 -11.81
CA SER B 58 -7.63 -46.61 -10.36
C SER B 58 -8.91 -46.06 -9.73
N MET B 59 -9.44 -44.95 -10.28
CA MET B 59 -10.63 -44.34 -9.72
C MET B 59 -11.82 -45.29 -9.78
N ALA B 60 -11.91 -46.11 -10.84
CA ALA B 60 -13.00 -47.08 -10.97
C ALA B 60 -13.02 -48.08 -9.82
N GLU B 61 -11.90 -48.28 -9.13
CA GLU B 61 -11.79 -49.30 -8.10
C GLU B 61 -11.88 -48.75 -6.69
N THR B 62 -11.97 -47.43 -6.51
CA THR B 62 -11.95 -46.83 -5.19
C THR B 62 -13.21 -46.04 -4.88
N VAL B 63 -14.28 -46.25 -5.65
CA VAL B 63 -15.54 -45.56 -5.40
C VAL B 63 -15.99 -45.80 -3.96
N GLY B 64 -16.36 -44.71 -3.27
CA GLY B 64 -16.71 -44.75 -1.87
C GLY B 64 -15.64 -44.20 -0.94
N GLN B 65 -14.37 -44.31 -1.33
CA GLN B 65 -13.27 -43.84 -0.50
C GLN B 65 -13.16 -42.32 -0.57
N PRO B 66 -12.52 -41.71 0.43
CA PRO B 66 -12.38 -40.25 0.41
C PRO B 66 -11.70 -39.76 -0.87
N LEU B 67 -12.16 -38.63 -1.39
CA LEU B 67 -11.76 -38.22 -2.72
C LEU B 67 -10.27 -37.92 -2.81
N VAL B 68 -9.71 -37.27 -1.78
CA VAL B 68 -8.29 -36.92 -1.83
C VAL B 68 -7.44 -38.19 -1.84
N LEU B 69 -7.88 -39.23 -1.12
CA LEU B 69 -7.13 -40.47 -1.09
C LEU B 69 -7.24 -41.22 -2.42
N ARG B 70 -8.43 -41.20 -3.03
CA ARG B 70 -8.57 -41.79 -4.36
C ARG B 70 -7.65 -41.09 -5.36
N TRP B 71 -7.52 -39.77 -5.24
CA TRP B 71 -6.63 -39.03 -6.14
C TRP B 71 -5.19 -39.49 -6.00
N ALA B 72 -4.71 -39.69 -4.77
CA ALA B 72 -3.33 -40.11 -4.57
C ALA B 72 -3.11 -41.53 -5.09
N LYS B 73 -4.09 -42.41 -4.91
CA LYS B 73 -3.98 -43.76 -5.44
C LYS B 73 -3.97 -43.74 -6.96
N ALA B 74 -4.79 -42.89 -7.57
CA ALA B 74 -4.79 -42.76 -9.02
C ALA B 74 -3.46 -42.22 -9.54
N LEU B 75 -2.87 -41.24 -8.83
CA LEU B 75 -1.60 -40.71 -9.27
C LEU B 75 -0.47 -41.72 -9.08
N MET B 76 -0.55 -42.56 -8.05
CA MET B 76 0.42 -43.65 -7.94
C MET B 76 0.28 -44.62 -9.11
N ASN B 77 -0.97 -44.95 -9.49
CA ASN B 77 -1.17 -45.84 -10.63
C ASN B 77 -0.67 -45.22 -11.92
N VAL B 78 -0.81 -43.90 -12.07
CA VAL B 78 -0.20 -43.23 -13.22
C VAL B 78 1.31 -43.31 -13.14
N ALA B 79 1.88 -43.01 -11.97
CA ALA B 79 3.33 -43.00 -11.82
C ALA B 79 3.95 -44.36 -12.10
N LYS B 80 3.20 -45.44 -11.87
CA LYS B 80 3.75 -46.77 -12.06
C LYS B 80 3.68 -47.22 -13.51
N ASN B 81 2.67 -46.77 -14.26
CA ASN B 81 2.40 -47.36 -15.58
C ASN B 81 2.63 -46.41 -16.75
N ILE B 82 2.71 -45.10 -16.52
CA ILE B 82 2.86 -44.16 -17.63
C ILE B 82 4.19 -44.39 -18.32
N THR B 83 4.21 -44.15 -19.63
CA THR B 83 5.45 -44.22 -20.40
C THR B 83 6.49 -43.27 -19.83
N VAL B 84 7.70 -43.78 -19.64
CA VAL B 84 8.84 -42.99 -19.22
C VAL B 84 9.87 -43.04 -20.34
N MET B 85 10.39 -41.89 -20.74
CA MET B 85 11.29 -41.82 -21.88
C MET B 85 12.39 -40.79 -21.63
N VAL B 86 13.47 -40.92 -22.40
CA VAL B 86 14.59 -40.00 -22.37
C VAL B 86 14.73 -39.43 -23.78
N GLN B 87 14.49 -38.13 -23.92
CA GLN B 87 14.58 -37.50 -25.22
C GLN B 87 16.03 -37.20 -25.56
N ASP B 88 16.38 -37.39 -26.84
CA ASP B 88 17.74 -37.14 -27.30
C ASP B 88 18.13 -35.69 -27.04
N ASP B 89 19.39 -35.51 -26.61
CA ASP B 89 20.00 -34.19 -26.40
C ASP B 89 19.42 -33.44 -25.21
N GLN B 90 18.31 -33.90 -24.64
CA GLN B 90 17.75 -33.23 -23.47
C GLN B 90 18.69 -33.39 -22.28
N LEU B 91 18.75 -32.35 -21.45
CA LEU B 91 19.42 -32.44 -20.17
C LEU B 91 18.46 -32.72 -19.03
N LEU B 92 17.15 -32.64 -19.27
CA LEU B 92 16.15 -32.82 -18.24
C LEU B 92 15.28 -34.04 -18.53
N LEU B 93 14.70 -34.56 -17.46
CA LEU B 93 13.81 -35.72 -17.51
C LEU B 93 12.45 -35.32 -16.98
N GLY B 94 11.40 -35.96 -17.52
CA GLY B 94 10.06 -35.71 -17.05
C GLY B 94 9.08 -35.34 -18.14
N ARG B 95 8.04 -36.15 -18.31
CA ARG B 95 7.11 -35.98 -19.42
C ARG B 95 5.76 -36.56 -19.00
N CYS B 96 4.69 -36.06 -19.61
CA CYS B 96 3.33 -36.42 -19.20
C CYS B 96 2.63 -37.32 -20.22
N GLY B 97 3.37 -37.97 -21.11
CA GLY B 97 2.76 -38.84 -22.08
C GLY B 97 3.81 -39.62 -22.83
N GLY B 98 3.34 -40.61 -23.59
CA GLY B 98 4.19 -41.43 -24.41
C GLY B 98 4.45 -40.91 -25.80
N HIS B 99 3.85 -39.78 -26.17
CA HIS B 99 4.04 -39.22 -27.49
C HIS B 99 5.32 -38.41 -27.56
N ASP B 100 5.97 -38.47 -28.71
CA ASP B 100 7.04 -37.53 -29.04
C ASP B 100 6.45 -36.21 -29.53
N GLY B 101 7.26 -35.17 -29.45
CA GLY B 101 6.77 -33.89 -29.93
C GLY B 101 5.65 -33.32 -29.05
N ARG B 102 4.85 -32.45 -29.66
CA ARG B 102 3.83 -31.72 -28.93
C ARG B 102 2.63 -32.61 -28.64
N TYR B 103 2.21 -32.64 -27.38
CA TYR B 103 1.15 -33.54 -26.94
C TYR B 103 0.30 -32.85 -25.88
N GLY B 104 -0.94 -33.31 -25.75
CA GLY B 104 -1.80 -32.91 -24.66
C GLY B 104 -2.40 -34.14 -24.01
N ILE B 105 -2.93 -33.94 -22.79
CA ILE B 105 -3.48 -35.05 -22.02
C ILE B 105 -4.92 -34.74 -21.64
N LEU B 106 -5.58 -35.74 -21.05
CA LEU B 106 -7.01 -35.71 -20.82
C LEU B 106 -7.32 -35.76 -19.33
N TYR B 107 -8.41 -35.09 -18.94
CA TYR B 107 -8.86 -35.00 -17.56
C TYR B 107 -10.33 -35.35 -17.52
N PRO B 108 -10.67 -36.64 -17.59
CA PRO B 108 -12.09 -37.03 -17.66
C PRO B 108 -12.89 -36.66 -16.43
N GLU B 109 -12.24 -36.56 -15.27
CA GLU B 109 -12.96 -36.14 -14.07
C GLU B 109 -13.56 -34.75 -14.23
N LEU B 110 -13.00 -33.94 -15.12
CA LEU B 110 -13.49 -32.58 -15.36
C LEU B 110 -14.56 -32.55 -16.46
N ASP B 111 -14.22 -33.03 -17.65
CA ASP B 111 -15.07 -32.86 -18.83
C ASP B 111 -15.14 -34.14 -19.65
N GLY B 112 -15.16 -35.29 -18.96
CA GLY B 112 -15.21 -36.57 -19.65
C GLY B 112 -16.42 -36.74 -20.57
N ASP B 113 -17.49 -35.98 -20.32
CA ASP B 113 -18.66 -36.05 -21.19
C ASP B 113 -18.42 -35.41 -22.55
N PHE B 114 -17.31 -34.69 -22.73
CA PHE B 114 -16.94 -34.15 -24.04
C PHE B 114 -16.02 -35.07 -24.82
N LEU B 115 -15.74 -36.28 -24.32
CA LEU B 115 -14.70 -37.10 -24.93
C LEU B 115 -15.10 -37.62 -26.30
N ASP B 116 -16.39 -37.91 -26.51
CA ASP B 116 -16.85 -38.32 -27.84
C ASP B 116 -16.77 -37.17 -28.82
N ILE B 117 -17.18 -35.98 -28.40
CA ILE B 117 -17.04 -34.80 -29.25
C ILE B 117 -15.56 -34.56 -29.55
N ALA B 118 -14.72 -34.64 -28.51
CA ALA B 118 -13.31 -34.35 -28.70
C ALA B 118 -12.67 -35.32 -29.68
N VAL B 119 -13.03 -36.60 -29.62
CA VAL B 119 -12.37 -37.60 -30.45
C VAL B 119 -12.58 -37.31 -31.93
N ARG B 120 -13.77 -36.85 -32.31
CA ARG B 120 -14.04 -36.65 -33.73
C ARG B 120 -13.99 -35.20 -34.18
N ASP B 121 -14.15 -34.23 -33.29
CA ASP B 121 -14.18 -32.83 -33.70
C ASP B 121 -12.85 -32.09 -33.51
N LEU B 122 -12.03 -32.51 -32.55
CA LEU B 122 -10.78 -31.79 -32.27
C LEU B 122 -9.83 -31.70 -33.46
N PRO B 123 -9.61 -32.75 -34.27
CA PRO B 123 -8.64 -32.63 -35.37
C PRO B 123 -8.98 -31.55 -36.39
N THR B 124 -10.22 -31.03 -36.42
CA THR B 124 -10.60 -30.02 -37.40
C THR B 124 -11.18 -28.77 -36.76
N ARG B 125 -11.01 -28.59 -35.45
CA ARG B 125 -11.59 -27.43 -34.78
C ARG B 125 -10.86 -26.15 -35.20
N PRO B 126 -11.59 -25.05 -35.40
CA PRO B 126 -10.91 -23.78 -35.75
C PRO B 126 -9.91 -23.34 -34.70
N GLN B 127 -10.27 -23.40 -33.43
CA GLN B 127 -9.36 -23.02 -32.35
C GLN B 127 -8.57 -24.23 -31.87
N SER B 128 -7.24 -24.10 -31.88
CA SER B 128 -6.29 -25.05 -31.29
C SER B 128 -6.67 -26.50 -31.54
N PRO B 129 -6.61 -26.98 -32.78
CA PRO B 129 -6.95 -28.37 -33.05
C PRO B 129 -5.84 -29.32 -32.61
N ALA B 130 -6.24 -30.57 -32.36
CA ALA B 130 -5.29 -31.61 -31.97
C ALA B 130 -5.66 -32.91 -32.65
N SER B 131 -4.64 -33.71 -32.95
CA SER B 131 -4.85 -35.00 -33.60
C SER B 131 -5.06 -36.08 -32.55
N ILE B 132 -5.58 -37.21 -33.00
CA ILE B 132 -5.82 -38.35 -32.13
C ILE B 132 -5.76 -39.62 -32.97
N SER B 133 -4.86 -40.54 -32.61
CA SER B 133 -4.73 -41.77 -33.36
C SER B 133 -5.97 -42.64 -33.19
N PRO B 134 -6.31 -43.44 -34.21
CA PRO B 134 -7.42 -44.40 -34.03
C PRO B 134 -7.15 -45.41 -32.93
N GLU B 135 -5.89 -45.74 -32.65
CA GLU B 135 -5.59 -46.57 -31.50
C GLU B 135 -6.01 -45.90 -30.21
N ASP B 136 -5.60 -44.65 -30.02
CA ASP B 136 -5.93 -43.93 -28.79
C ASP B 136 -7.40 -43.52 -28.74
N ALA B 137 -8.01 -43.22 -29.89
CA ALA B 137 -9.44 -42.89 -29.91
C ALA B 137 -10.27 -44.06 -29.41
N LYS B 138 -9.93 -45.28 -29.85
CA LYS B 138 -10.64 -46.46 -29.36
C LYS B 138 -10.46 -46.62 -27.85
N ILE B 139 -9.25 -46.36 -27.35
CA ILE B 139 -9.01 -46.43 -25.91
C ILE B 139 -9.90 -45.44 -25.17
N VAL B 140 -10.06 -44.23 -25.72
CA VAL B 140 -10.87 -43.21 -25.07
C VAL B 140 -12.32 -43.66 -24.93
N VAL B 141 -12.93 -44.06 -26.05
CA VAL B 141 -14.36 -44.34 -26.02
C VAL B 141 -14.66 -45.68 -25.35
N GLU B 142 -13.72 -46.62 -25.34
CA GLU B 142 -13.99 -47.93 -24.78
C GLU B 142 -13.53 -48.10 -23.33
N GLN B 143 -12.45 -47.44 -22.93
CA GLN B 143 -11.88 -47.66 -21.61
C GLN B 143 -11.90 -46.46 -20.69
N ILE B 144 -11.95 -45.24 -21.23
CA ILE B 144 -11.93 -44.04 -20.39
C ILE B 144 -13.34 -43.51 -20.21
N ALA B 145 -14.01 -43.18 -21.32
CA ALA B 145 -15.31 -42.52 -21.25
C ALA B 145 -16.38 -43.27 -20.46
N PRO B 146 -16.55 -44.60 -20.59
CA PRO B 146 -17.71 -45.24 -19.94
C PRO B 146 -17.81 -45.00 -18.43
N PHE B 147 -16.71 -45.16 -17.69
CA PHE B 147 -16.80 -45.05 -16.23
C PHE B 147 -17.23 -43.66 -15.80
N TRP B 148 -16.85 -42.62 -16.54
CA TRP B 148 -17.13 -41.26 -16.11
C TRP B 148 -18.52 -40.76 -16.50
N LYS B 149 -19.32 -41.58 -17.18
CA LYS B 149 -20.68 -41.17 -17.52
C LYS B 149 -21.48 -40.95 -16.24
N GLY B 150 -22.08 -39.77 -16.11
CA GLY B 150 -22.75 -39.39 -14.89
C GLY B 150 -21.85 -39.10 -13.71
N ARG B 151 -20.55 -38.93 -13.93
CA ARG B 151 -19.61 -38.69 -12.85
C ARG B 151 -18.73 -37.46 -13.04
N THR B 152 -18.78 -36.80 -14.20
CA THR B 152 -17.90 -35.67 -14.43
C THR B 152 -18.41 -34.45 -13.69
N TYR B 153 -17.47 -33.55 -13.35
CA TYR B 153 -17.86 -32.29 -12.75
C TYR B 153 -18.84 -31.54 -13.64
N HIS B 154 -18.58 -31.54 -14.95
CA HIS B 154 -19.41 -30.75 -15.85
C HIS B 154 -20.86 -31.24 -15.87
N GLU B 155 -21.05 -32.56 -15.85
CA GLU B 155 -22.40 -33.11 -15.74
C GLU B 155 -23.07 -32.64 -14.45
N ALA B 156 -22.34 -32.65 -13.34
CA ALA B 156 -22.93 -32.26 -12.05
C ALA B 156 -23.25 -30.77 -12.02
N LEU B 157 -22.35 -29.94 -12.57
CA LEU B 157 -22.60 -28.51 -12.63
C LEU B 157 -23.82 -28.20 -13.48
N ASN B 158 -23.94 -28.89 -14.63
CA ASN B 158 -25.05 -28.65 -15.55
C ASN B 158 -26.39 -28.94 -14.89
N LYS B 159 -26.47 -30.03 -14.13
CA LYS B 159 -27.71 -30.37 -13.42
C LYS B 159 -27.96 -29.47 -12.23
N ALA B 160 -26.93 -28.82 -11.70
CA ALA B 160 -27.08 -28.05 -10.48
C ALA B 160 -27.60 -26.63 -10.71
N LEU B 161 -27.46 -26.09 -11.90
CA LEU B 161 -27.87 -24.71 -12.12
C LEU B 161 -29.38 -24.62 -12.26
N PRO B 162 -30.06 -23.74 -11.53
CA PRO B 162 -31.49 -23.53 -11.75
C PRO B 162 -31.77 -23.01 -13.15
N ALA B 163 -33.05 -23.11 -13.55
CA ALA B 163 -33.41 -22.80 -14.93
C ALA B 163 -33.02 -21.39 -15.33
N GLU B 164 -33.22 -20.42 -14.44
CA GLU B 164 -32.92 -19.02 -14.78
C GLU B 164 -31.43 -18.82 -15.01
N VAL B 165 -30.58 -19.50 -14.25
CA VAL B 165 -29.15 -19.35 -14.42
C VAL B 165 -28.66 -20.11 -15.64
N HIS B 166 -29.11 -21.37 -15.78
CA HIS B 166 -28.75 -22.21 -16.91
C HIS B 166 -29.01 -21.51 -18.25
N LYS B 167 -30.12 -20.78 -18.33
CA LYS B 167 -30.50 -20.07 -19.54
C LYS B 167 -29.41 -19.10 -20.03
N LEU B 168 -28.66 -18.49 -19.10
CA LEU B 168 -27.59 -17.57 -19.47
C LEU B 168 -26.22 -18.25 -19.48
N THR B 169 -26.14 -19.51 -19.07
CA THR B 169 -24.90 -20.27 -19.07
C THR B 169 -24.73 -21.09 -20.34
N TYR B 170 -25.75 -21.86 -20.71
CA TYR B 170 -25.66 -22.84 -21.78
C TYR B 170 -26.80 -22.65 -22.78
N ASP B 171 -26.55 -23.11 -24.00
CA ASP B 171 -27.54 -23.05 -25.07
C ASP B 171 -28.35 -24.34 -25.19
N ASP B 172 -27.83 -25.45 -24.71
CA ASP B 172 -28.45 -26.76 -24.84
C ASP B 172 -28.70 -27.38 -23.48
N PRO B 173 -29.59 -28.37 -23.38
CA PRO B 173 -29.88 -28.96 -22.07
C PRO B 173 -28.71 -29.68 -21.43
N ASP B 174 -27.70 -30.09 -22.21
CA ASP B 174 -26.57 -30.85 -21.67
C ASP B 174 -25.37 -29.99 -21.32
N GLY B 175 -25.43 -28.68 -21.57
CA GLY B 175 -24.30 -27.83 -21.25
C GLY B 175 -23.12 -27.98 -22.18
N LEU B 176 -23.33 -28.56 -23.36
CA LEU B 176 -22.23 -28.76 -24.29
C LEU B 176 -21.88 -27.52 -25.08
N ILE B 177 -22.80 -26.55 -25.15
CA ILE B 177 -22.57 -25.31 -25.89
C ILE B 177 -22.90 -24.14 -24.96
N SER B 178 -21.94 -23.22 -24.82
CA SER B 178 -22.14 -22.04 -24.02
C SER B 178 -22.85 -20.96 -24.83
N ARG B 179 -23.62 -20.13 -24.14
CA ARG B 179 -24.22 -18.96 -24.78
C ARG B 179 -23.29 -17.76 -24.77
N PHE B 180 -22.20 -17.81 -24.00
CA PHE B 180 -21.24 -16.72 -23.89
C PHE B 180 -21.91 -15.44 -23.39
N ILE B 181 -22.75 -15.60 -22.36
CA ILE B 181 -23.38 -14.48 -21.68
C ILE B 181 -22.84 -14.43 -20.25
N VAL B 182 -23.29 -15.36 -19.40
CA VAL B 182 -22.66 -15.58 -18.11
C VAL B 182 -21.94 -16.92 -18.17
N ASN B 183 -20.69 -16.89 -18.63
CA ASN B 183 -19.95 -18.08 -18.99
C ASN B 183 -19.23 -18.62 -17.75
N GLU B 184 -19.66 -19.79 -17.27
CA GLU B 184 -18.86 -20.48 -16.28
C GLU B 184 -17.55 -20.97 -16.91
N THR B 185 -16.48 -20.95 -16.13
CA THR B 185 -15.19 -21.44 -16.59
C THR B 185 -14.66 -22.58 -15.73
N SER B 186 -15.46 -23.10 -14.81
CA SER B 186 -15.01 -24.21 -13.98
C SER B 186 -15.05 -25.55 -14.71
N SER B 187 -15.71 -25.63 -15.87
CA SER B 187 -15.90 -26.90 -16.56
C SER B 187 -14.83 -27.19 -17.61
N PHE B 188 -13.97 -26.22 -17.95
CA PHE B 188 -12.87 -26.53 -18.86
C PHE B 188 -11.50 -26.30 -18.23
N ARG B 189 -11.41 -26.31 -16.91
CA ARG B 189 -10.13 -26.45 -16.21
C ARG B 189 -10.42 -26.88 -14.78
N SER B 190 -9.50 -27.67 -14.21
CA SER B 190 -9.73 -28.20 -12.87
C SER B 190 -9.85 -27.10 -11.83
N SER B 191 -9.10 -26.01 -12.02
CA SER B 191 -9.03 -24.93 -11.05
C SER B 191 -8.61 -23.68 -11.79
N ILE B 192 -8.59 -22.55 -11.08
CA ILE B 192 -7.96 -21.34 -11.62
C ILE B 192 -6.45 -21.53 -11.54
N GLN B 193 -5.71 -20.50 -11.95
CA GLN B 193 -4.25 -20.54 -11.92
C GLN B 193 -3.76 -20.87 -10.51
N TRP B 194 -2.52 -21.36 -10.44
CA TRP B 194 -1.95 -21.78 -9.18
C TRP B 194 -0.43 -21.72 -9.26
N VAL B 195 0.22 -21.50 -8.12
CA VAL B 195 1.68 -21.54 -7.99
C VAL B 195 2.01 -22.44 -6.81
N HIS B 196 2.78 -23.49 -7.06
CA HIS B 196 3.26 -24.33 -5.97
C HIS B 196 4.38 -23.64 -5.22
N ASP B 197 4.53 -24.00 -3.94
CA ASP B 197 5.71 -23.64 -3.17
C ASP B 197 6.85 -24.56 -3.61
N TYR B 198 7.45 -24.22 -4.75
CA TYR B 198 8.54 -25.06 -5.26
C TYR B 198 9.75 -25.03 -4.32
N GLU B 199 9.98 -23.91 -3.64
CA GLU B 199 11.18 -23.79 -2.81
C GLU B 199 11.20 -24.81 -1.70
N VAL B 200 10.03 -25.14 -1.15
CA VAL B 200 10.03 -26.09 -0.03
C VAL B 200 10.46 -27.48 -0.49
N VAL B 201 10.17 -27.83 -1.75
CA VAL B 201 10.72 -29.07 -2.30
C VAL B 201 12.22 -28.96 -2.47
N LEU B 202 12.70 -27.81 -2.94
CA LEU B 202 14.14 -27.63 -3.14
C LEU B 202 14.90 -27.74 -1.83
N LYS B 203 14.32 -27.26 -0.73
CA LYS B 203 15.01 -27.17 0.54
C LYS B 203 14.79 -28.37 1.45
N ARG B 204 13.66 -29.07 1.32
CA ARG B 204 13.34 -30.19 2.19
C ARG B 204 13.07 -31.49 1.44
N GLY B 205 12.77 -31.43 0.16
CA GLY B 205 12.46 -32.60 -0.62
C GLY B 205 11.12 -33.19 -0.27
N PHE B 206 10.59 -34.07 -1.12
CA PHE B 206 9.39 -34.80 -0.75
C PHE B 206 9.65 -35.78 0.39
N ASN B 207 10.91 -36.10 0.68
CA ASN B 207 11.23 -36.90 1.86
C ASN B 207 10.89 -36.14 3.14
N GLY B 208 11.35 -34.88 3.24
CA GLY B 208 11.06 -34.09 4.42
C GLY B 208 9.58 -33.80 4.57
N LEU B 209 8.89 -33.55 3.46
CA LEU B 209 7.44 -33.37 3.51
C LEU B 209 6.75 -34.66 3.96
N LYS B 210 7.15 -35.79 3.37
CA LYS B 210 6.56 -37.07 3.77
C LYS B 210 6.79 -37.34 5.26
N GLN B 211 8.00 -37.05 5.76
CA GLN B 211 8.25 -37.25 7.19
C GLN B 211 7.38 -36.35 8.05
N GLU B 212 7.19 -35.09 7.64
CA GLU B 212 6.29 -34.21 8.37
C GLU B 212 4.89 -34.78 8.45
N MET B 213 4.38 -35.33 7.34
CA MET B 213 3.03 -35.87 7.33
C MET B 213 2.94 -37.16 8.13
N GLU B 214 3.97 -38.01 8.04
CA GLU B 214 3.97 -39.23 8.85
C GLU B 214 3.90 -38.92 10.33
N GLU B 215 4.57 -37.85 10.77
CA GLU B 215 4.45 -37.43 12.17
C GLU B 215 3.03 -37.00 12.51
N LYS B 216 2.33 -36.37 11.55
CA LYS B 216 0.93 -36.04 11.79
C LYS B 216 0.08 -37.30 11.87
N LEU B 217 0.35 -38.29 11.02
CA LEU B 217 -0.40 -39.54 11.06
C LEU B 217 -0.24 -40.24 12.40
N ALA B 218 0.98 -40.27 12.92
CA ALA B 218 1.23 -40.95 14.20
C ALA B 218 0.67 -40.18 15.39
N ALA B 219 0.42 -38.88 15.23
CA ALA B 219 -0.13 -38.08 16.33
C ALA B 219 -1.65 -38.15 16.40
N LEU B 220 -2.31 -38.78 15.44
CA LEU B 220 -3.76 -38.82 15.42
C LEU B 220 -4.30 -39.63 16.59
N ASP B 221 -5.42 -39.17 17.14
CA ASP B 221 -6.13 -39.94 18.16
C ASP B 221 -6.87 -41.09 17.48
N PRO B 222 -6.53 -42.34 17.79
CA PRO B 222 -7.27 -43.46 17.17
C PRO B 222 -8.75 -43.46 17.48
N ALA B 223 -9.16 -42.88 18.60
CA ALA B 223 -10.57 -42.86 18.98
C ALA B 223 -11.32 -41.64 18.45
N SER B 224 -10.63 -40.71 17.80
CA SER B 224 -11.24 -39.46 17.37
C SER B 224 -11.89 -39.64 16.00
N PRO B 225 -13.22 -39.52 15.89
CA PRO B 225 -13.84 -39.66 14.57
C PRO B 225 -13.38 -38.60 13.57
N VAL B 226 -13.14 -37.37 14.04
CA VAL B 226 -12.63 -36.33 13.16
C VAL B 226 -11.24 -36.70 12.64
N ASP B 227 -10.36 -37.17 13.53
CA ASP B 227 -9.03 -37.60 13.11
C ASP B 227 -9.10 -38.74 12.11
N GLN B 228 -9.97 -39.71 12.36
CA GLN B 228 -9.99 -40.92 11.54
C GLN B 228 -10.74 -40.71 10.22
N VAL B 229 -11.84 -39.96 10.25
CA VAL B 229 -12.65 -39.80 9.04
C VAL B 229 -12.19 -38.61 8.20
N ASP B 230 -11.82 -37.50 8.83
CA ASP B 230 -11.42 -36.31 8.08
C ASP B 230 -9.90 -36.24 7.87
N LYS B 231 -9.14 -36.21 8.97
CA LYS B 231 -7.71 -35.91 8.86
C LYS B 231 -6.94 -37.09 8.26
N ARG B 232 -7.22 -38.31 8.69
CA ARG B 232 -6.42 -39.45 8.28
C ARG B 232 -6.36 -39.63 6.77
N PRO B 233 -7.48 -39.68 6.04
CA PRO B 233 -7.37 -39.88 4.57
C PRO B 233 -6.60 -38.77 3.87
N PHE B 234 -6.66 -37.54 4.35
CA PHE B 234 -5.83 -36.50 3.75
C PHE B 234 -4.35 -36.77 4.00
N ILE B 235 -4.00 -37.22 5.21
CA ILE B 235 -2.59 -37.44 5.55
C ILE B 235 -2.05 -38.63 4.77
N GLU B 236 -2.81 -39.73 4.72
CA GLU B 236 -2.42 -40.87 3.90
C GLU B 236 -2.30 -40.48 2.43
N ALA B 237 -3.19 -39.60 1.95
CA ALA B 237 -3.12 -39.16 0.56
C ALA B 237 -1.83 -38.40 0.28
N THR B 238 -1.43 -37.51 1.19
CA THR B 238 -0.21 -36.73 0.97
C THR B 238 1.03 -37.63 1.04
N ILE B 239 1.06 -38.56 2.00
CA ILE B 239 2.18 -39.50 2.09
C ILE B 239 2.30 -40.30 0.80
N LEU B 240 1.17 -40.85 0.35
CA LEU B 240 1.18 -41.70 -0.83
C LEU B 240 1.60 -40.92 -2.07
N VAL B 241 1.22 -39.65 -2.17
CA VAL B 241 1.57 -38.89 -3.37
C VAL B 241 3.04 -38.49 -3.33
N CYS B 242 3.63 -38.37 -2.13
CA CYS B 242 5.08 -38.19 -2.04
C CYS B 242 5.81 -39.39 -2.64
N ASP B 243 5.35 -40.60 -2.30
CA ASP B 243 5.94 -41.80 -2.88
C ASP B 243 5.70 -41.86 -4.38
N ALA B 244 4.55 -41.37 -4.84
CA ALA B 244 4.22 -41.46 -6.26
C ALA B 244 5.19 -40.65 -7.11
N ILE B 245 5.44 -39.39 -6.72
CA ILE B 245 6.32 -38.57 -7.55
C ILE B 245 7.77 -39.06 -7.45
N VAL B 246 8.17 -39.60 -6.28
CA VAL B 246 9.54 -40.11 -6.15
C VAL B 246 9.71 -41.37 -7.00
N LEU B 247 8.75 -42.29 -6.95
CA LEU B 247 8.80 -43.46 -7.81
C LEU B 247 8.83 -43.05 -9.28
N TRP B 248 8.03 -42.06 -9.65
CA TRP B 248 8.04 -41.54 -11.01
C TRP B 248 9.42 -41.01 -11.39
N ALA B 249 10.05 -40.24 -10.49
CA ALA B 249 11.40 -39.76 -10.77
C ALA B 249 12.39 -40.92 -10.85
N LYS B 250 12.22 -41.94 -10.00
CA LYS B 250 13.12 -43.10 -10.03
C LYS B 250 13.02 -43.85 -11.35
N ARG B 251 11.79 -43.98 -11.90
CA ARG B 251 11.65 -44.64 -13.20
C ARG B 251 12.37 -43.88 -14.30
N HIS B 252 12.45 -42.56 -14.19
CA HIS B 252 13.23 -41.79 -15.18
C HIS B 252 14.72 -42.04 -14.99
N ALA B 253 15.18 -42.20 -13.75
CA ALA B 253 16.58 -42.51 -13.51
C ALA B 253 16.97 -43.86 -14.13
N ASP B 254 16.09 -44.86 -13.98
CA ASP B 254 16.35 -46.16 -14.60
C ASP B 254 16.41 -46.04 -16.11
N ALA B 255 15.47 -45.31 -16.71
CA ALA B 255 15.49 -45.11 -18.16
C ALA B 255 16.74 -44.36 -18.60
N ALA B 256 17.22 -43.42 -17.79
CA ALA B 256 18.43 -42.68 -18.14
C ALA B 256 19.67 -43.57 -18.08
N ARG B 257 19.72 -44.48 -17.10
CA ARG B 257 20.86 -45.40 -17.02
C ARG B 257 20.83 -46.40 -18.16
N LYS B 258 19.65 -46.93 -18.48
CA LYS B 258 19.53 -47.83 -19.62
C LYS B 258 19.96 -47.15 -20.91
N ALA B 259 19.58 -45.88 -21.08
CA ALA B 259 20.02 -45.13 -22.24
C ALA B 259 21.52 -44.89 -22.23
N ALA B 260 22.09 -44.68 -21.04
CA ALA B 260 23.54 -44.48 -20.94
C ALA B 260 24.31 -45.74 -21.30
N GLU B 261 23.85 -46.90 -20.85
CA GLU B 261 24.54 -48.15 -21.13
C GLU B 261 24.53 -48.46 -22.62
N ALA B 262 23.53 -47.98 -23.35
CA ALA B 262 23.40 -48.27 -24.78
C ALA B 262 23.89 -47.12 -25.66
N CYS B 263 24.69 -46.21 -25.12
CA CYS B 263 25.14 -45.04 -25.86
C CYS B 263 26.66 -45.11 -26.03
N ALA B 264 27.10 -45.01 -27.28
CA ALA B 264 28.53 -45.12 -27.57
C ALA B 264 29.26 -43.80 -27.43
N ASP B 265 28.56 -42.68 -27.56
CA ASP B 265 29.15 -41.37 -27.40
C ASP B 265 29.52 -41.15 -25.93
N PRO B 266 30.81 -41.09 -25.59
CA PRO B 266 31.16 -40.96 -24.16
C PRO B 266 30.69 -39.66 -23.55
N VAL B 267 30.57 -38.59 -24.34
CA VAL B 267 30.09 -37.32 -23.80
C VAL B 267 28.61 -37.43 -23.44
N ARG B 268 27.78 -37.93 -24.37
CA ARG B 268 26.36 -38.08 -24.09
C ARG B 268 26.10 -39.13 -23.01
N LYS B 269 26.92 -40.18 -22.97
CA LYS B 269 26.78 -41.18 -21.91
C LYS B 269 27.01 -40.55 -20.54
N ALA B 270 27.98 -39.65 -20.44
CA ALA B 270 28.24 -38.96 -19.17
C ALA B 270 27.08 -38.04 -18.80
N GLU B 271 26.51 -37.35 -19.80
CA GLU B 271 25.34 -36.51 -19.55
C GLU B 271 24.19 -37.33 -19.01
N LEU B 272 23.99 -38.53 -19.56
CA LEU B 272 22.86 -39.35 -19.16
C LEU B 272 23.04 -39.92 -17.76
N ILE B 273 24.28 -40.26 -17.39
CA ILE B 273 24.56 -40.73 -16.03
C ILE B 273 24.28 -39.62 -15.03
N ARG B 274 24.72 -38.39 -15.34
CA ARG B 274 24.43 -37.26 -14.47
C ARG B 274 22.92 -37.03 -14.36
N MET B 275 22.20 -37.18 -15.47
CA MET B 275 20.74 -37.08 -15.43
C MET B 275 20.14 -38.15 -14.52
N ALA B 276 20.65 -39.38 -14.59
CA ALA B 276 20.18 -40.44 -13.70
C ALA B 276 20.52 -40.15 -12.25
N GLU B 277 21.66 -39.51 -11.99
CA GLU B 277 22.00 -39.13 -10.63
C GLU B 277 21.08 -38.02 -10.12
N ASN B 278 20.77 -37.03 -10.98
CA ASN B 278 19.79 -36.02 -10.62
C ASN B 278 18.47 -36.65 -10.21
N ALA B 279 17.93 -37.53 -11.06
CA ALA B 279 16.62 -38.11 -10.81
C ALA B 279 16.63 -39.04 -9.60
N GLU B 280 17.78 -39.63 -9.28
CA GLU B 280 17.87 -40.46 -8.09
C GLU B 280 17.91 -39.65 -6.81
N HIS B 281 18.33 -38.38 -6.87
CA HIS B 281 18.39 -37.52 -5.70
C HIS B 281 17.16 -36.62 -5.56
N VAL B 282 16.77 -35.92 -6.61
CA VAL B 282 15.62 -35.00 -6.55
C VAL B 282 14.42 -35.60 -7.29
N PRO B 283 13.18 -35.28 -6.89
CA PRO B 283 12.80 -34.34 -5.82
C PRO B 283 12.62 -34.98 -4.44
N ALA B 284 13.03 -36.24 -4.29
CA ALA B 284 12.95 -36.87 -2.98
C ALA B 284 13.76 -36.09 -1.94
N ASN B 285 15.00 -35.74 -2.29
CA ASN B 285 15.92 -35.06 -1.40
C ASN B 285 16.06 -33.59 -1.80
N PRO B 286 16.52 -32.74 -0.87
CA PRO B 286 16.78 -31.34 -1.24
C PRO B 286 17.85 -31.24 -2.31
N ALA B 287 17.71 -30.23 -3.17
CA ALA B 287 18.65 -30.03 -4.25
C ALA B 287 19.99 -29.52 -3.72
N ARG B 288 21.06 -29.95 -4.38
CA ARG B 288 22.41 -29.63 -3.94
C ARG B 288 23.18 -28.70 -4.87
N ASP B 289 22.69 -28.48 -6.09
CA ASP B 289 23.28 -27.49 -6.98
C ASP B 289 22.19 -26.96 -7.90
N PHE B 290 22.59 -26.07 -8.82
CA PHE B 290 21.62 -25.43 -9.71
C PHE B 290 20.97 -26.44 -10.66
N TYR B 291 21.77 -27.35 -11.22
CA TYR B 291 21.23 -28.38 -12.12
C TYR B 291 20.18 -29.23 -11.42
N GLU B 292 20.51 -29.76 -10.24
CA GLU B 292 19.52 -30.52 -9.47
C GLU B 292 18.30 -29.68 -9.13
N ALA B 293 18.50 -28.38 -8.84
CA ALA B 293 17.36 -27.54 -8.48
C ALA B 293 16.41 -27.37 -9.66
N VAL B 294 16.96 -27.17 -10.87
CA VAL B 294 16.13 -27.08 -12.06
C VAL B 294 15.37 -28.38 -12.29
N GLN B 295 16.08 -29.52 -12.19
CA GLN B 295 15.43 -30.81 -12.40
C GLN B 295 14.38 -31.08 -11.32
N SER B 296 14.65 -30.67 -10.08
CA SER B 296 13.69 -30.89 -9.00
C SER B 296 12.41 -30.10 -9.24
N GLN B 297 12.54 -28.83 -9.62
CA GLN B 297 11.35 -28.03 -9.92
C GLN B 297 10.64 -28.59 -11.14
N TYR B 298 11.40 -29.01 -12.16
CA TYR B 298 10.80 -29.50 -13.39
C TYR B 298 9.97 -30.75 -13.12
N PHE B 299 10.51 -31.71 -12.37
CA PHE B 299 9.74 -32.89 -11.97
C PHE B 299 8.45 -32.49 -11.26
N THR B 300 8.51 -31.48 -10.40
CA THR B 300 7.34 -31.09 -9.60
C THR B 300 6.25 -30.50 -10.47
N GLN B 301 6.60 -29.58 -11.38
CA GLN B 301 5.58 -28.94 -12.20
C GLN B 301 5.04 -29.90 -13.27
N MET B 302 5.88 -30.80 -13.79
CA MET B 302 5.37 -31.79 -14.73
C MET B 302 4.41 -32.75 -14.04
N PHE B 303 4.76 -33.21 -12.84
CA PHE B 303 3.87 -34.08 -12.09
C PHE B 303 2.57 -33.36 -11.75
N SER B 304 2.63 -32.04 -11.53
CA SER B 304 1.44 -31.25 -11.28
C SER B 304 0.44 -31.36 -12.43
N ARG B 305 0.95 -31.37 -13.67
CA ARG B 305 0.08 -31.52 -14.83
C ARG B 305 -0.65 -32.87 -14.81
N LEU B 306 0.03 -33.92 -14.37
CA LEU B 306 -0.62 -35.22 -14.23
C LEU B 306 -1.68 -35.19 -13.14
N GLU B 307 -1.48 -34.36 -12.11
CA GLU B 307 -2.41 -34.31 -11.00
C GLU B 307 -3.72 -33.63 -11.40
N GLN B 308 -3.64 -32.48 -12.07
CA GLN B 308 -4.84 -31.75 -12.43
C GLN B 308 -4.52 -30.78 -13.55
N LYS B 309 -5.59 -30.29 -14.19
CA LYS B 309 -5.47 -29.27 -15.24
C LYS B 309 -5.65 -27.91 -14.58
N THR B 310 -4.56 -27.42 -13.99
CA THR B 310 -4.56 -26.08 -13.41
C THR B 310 -4.86 -25.07 -14.52
N GLY B 311 -5.71 -24.09 -14.20
CA GLY B 311 -6.00 -23.03 -15.14
C GLY B 311 -4.74 -22.38 -15.67
N THR B 312 -4.71 -22.13 -16.98
CA THR B 312 -3.60 -21.50 -17.70
C THR B 312 -2.33 -22.34 -17.71
N THR B 313 -2.39 -23.58 -17.21
CA THR B 313 -1.25 -24.45 -16.95
C THR B 313 -0.50 -23.98 -15.69
N ILE B 314 -0.01 -24.94 -14.90
CA ILE B 314 0.56 -24.63 -13.60
C ILE B 314 1.69 -23.61 -13.75
N SER B 315 1.63 -22.54 -12.95
CA SER B 315 2.62 -21.48 -12.99
C SER B 315 3.82 -21.84 -12.10
N ASN B 316 4.91 -21.10 -12.30
CA ASN B 316 6.21 -21.56 -11.82
C ASN B 316 6.83 -20.72 -10.71
N GLY B 317 6.23 -19.57 -10.36
CA GLY B 317 6.71 -18.82 -9.22
C GLY B 317 7.92 -17.95 -9.56
N ARG B 318 8.55 -17.44 -8.49
CA ARG B 318 9.65 -16.48 -8.58
C ARG B 318 10.96 -17.23 -8.80
N MET B 319 11.16 -17.69 -10.03
CA MET B 319 12.32 -18.54 -10.32
C MET B 319 13.64 -17.80 -10.12
N ASP B 320 13.69 -16.50 -10.44
CA ASP B 320 14.93 -15.76 -10.25
C ASP B 320 15.28 -15.59 -8.78
N GLN B 321 14.36 -15.89 -7.85
CA GLN B 321 14.64 -15.81 -6.43
C GLN B 321 15.02 -17.16 -5.84
N TYR B 322 14.17 -18.17 -5.99
CA TYR B 322 14.46 -19.43 -5.31
C TYR B 322 15.52 -20.27 -6.02
N PHE B 323 15.85 -19.98 -7.29
CA PHE B 323 17.02 -20.59 -7.91
C PHE B 323 18.30 -19.84 -7.57
N TYR B 324 18.21 -18.59 -7.13
CA TYR B 324 19.40 -17.77 -6.98
C TYR B 324 20.43 -18.33 -6.00
N PRO B 325 20.07 -18.86 -4.82
CA PRO B 325 21.12 -19.41 -3.94
C PRO B 325 21.88 -20.57 -4.55
N PHE B 326 21.24 -21.37 -5.40
CA PHE B 326 21.96 -22.43 -6.09
C PHE B 326 22.81 -21.85 -7.21
N TYR B 327 22.31 -20.82 -7.89
CA TYR B 327 23.10 -20.17 -8.93
C TYR B 327 24.31 -19.47 -8.33
N LYS B 328 24.12 -18.74 -7.23
CA LYS B 328 25.22 -18.01 -6.60
C LYS B 328 26.32 -18.96 -6.14
N LYS B 329 25.94 -20.03 -5.42
CA LYS B 329 26.93 -20.95 -4.87
C LYS B 329 27.72 -21.65 -5.97
N ASP B 330 27.04 -22.08 -7.04
CA ASP B 330 27.74 -22.76 -8.12
C ASP B 330 28.66 -21.79 -8.88
N MET B 331 28.21 -20.55 -9.10
CA MET B 331 29.06 -19.58 -9.78
C MET B 331 30.31 -19.30 -8.95
N GLU B 332 30.15 -19.12 -7.63
CA GLU B 332 31.29 -18.85 -6.77
C GLU B 332 32.20 -20.06 -6.65
N ALA B 333 31.67 -21.27 -6.83
CA ALA B 333 32.50 -22.47 -6.85
C ALA B 333 33.16 -22.71 -8.19
N GLY B 334 32.79 -21.95 -9.22
CA GLY B 334 33.41 -22.10 -10.53
C GLY B 334 32.98 -23.33 -11.29
N ILE B 335 31.77 -23.84 -11.05
CA ILE B 335 31.25 -24.99 -11.75
C ILE B 335 30.03 -24.65 -12.59
N LEU B 336 29.74 -23.36 -12.76
CA LEU B 336 28.59 -22.90 -13.53
C LEU B 336 28.98 -21.65 -14.29
N THR B 337 28.27 -21.40 -15.39
CA THR B 337 28.42 -20.17 -16.16
C THR B 337 27.02 -19.67 -16.51
N ASP B 338 26.95 -18.39 -16.87
CA ASP B 338 25.70 -17.86 -17.42
C ASP B 338 25.26 -18.66 -18.64
N GLU B 339 26.22 -19.03 -19.50
CA GLU B 339 25.90 -19.83 -20.67
C GLU B 339 25.29 -21.17 -20.28
N LYS B 340 25.90 -21.86 -19.30
CA LYS B 340 25.36 -23.13 -18.84
C LYS B 340 24.02 -22.93 -18.13
N THR B 341 23.90 -21.86 -17.33
CA THR B 341 22.63 -21.54 -16.71
C THR B 341 21.52 -21.42 -17.75
N LEU B 342 21.79 -20.67 -18.83
CA LEU B 342 20.78 -20.50 -19.87
C LEU B 342 20.45 -21.84 -20.54
N GLU B 343 21.44 -22.72 -20.67
CA GLU B 343 21.20 -24.01 -21.31
C GLU B 343 20.28 -24.88 -20.47
N TYR B 344 20.49 -24.89 -19.15
CA TYR B 344 19.60 -25.65 -18.26
C TYR B 344 18.18 -25.10 -18.31
N LEU B 345 18.02 -23.77 -18.19
CA LEU B 345 16.69 -23.18 -18.18
C LEU B 345 15.97 -23.41 -19.49
N GLU B 346 16.67 -23.27 -20.62
CA GLU B 346 16.01 -23.38 -21.91
C GLU B 346 15.68 -24.82 -22.29
N CYS B 347 16.37 -25.80 -21.70
CA CYS B 347 15.88 -27.18 -21.82
C CYS B 347 14.54 -27.33 -21.12
N MET B 348 14.34 -26.60 -20.03
CA MET B 348 13.04 -26.58 -19.36
C MET B 348 11.98 -25.90 -20.24
N TRP B 349 12.36 -24.82 -20.93
CA TRP B 349 11.39 -24.17 -21.83
C TRP B 349 10.97 -25.10 -22.94
N VAL B 350 11.90 -25.86 -23.50
CA VAL B 350 11.58 -26.78 -24.60
C VAL B 350 10.57 -27.82 -24.15
N GLY B 351 10.83 -28.45 -22.99
CA GLY B 351 9.90 -29.46 -22.49
C GLY B 351 8.53 -28.89 -22.20
N MET B 352 8.48 -27.69 -21.60
CA MET B 352 7.19 -27.05 -21.34
C MET B 352 6.45 -26.75 -22.65
N ALA B 353 7.18 -26.32 -23.67
CA ALA B 353 6.57 -26.04 -24.97
C ALA B 353 6.06 -27.31 -25.65
N GLU B 354 6.57 -28.48 -25.27
CA GLU B 354 6.04 -29.72 -25.83
C GLU B 354 4.69 -30.08 -25.21
N PHE B 355 4.44 -29.66 -23.97
CA PHE B 355 3.17 -29.93 -23.32
C PHE B 355 2.18 -28.84 -23.73
N ILE B 356 1.13 -29.22 -24.44
CA ILE B 356 0.06 -28.30 -24.82
C ILE B 356 -1.08 -28.48 -23.83
N ASP B 357 -1.56 -27.37 -23.27
CA ASP B 357 -2.69 -27.40 -22.33
C ASP B 357 -3.97 -27.53 -23.16
N MET B 358 -4.43 -28.77 -23.32
CA MET B 358 -5.50 -29.06 -24.26
C MET B 358 -6.87 -28.80 -23.64
N TYR B 359 -7.72 -28.09 -24.38
CA TYR B 359 -9.11 -27.83 -24.01
C TYR B 359 -10.00 -28.58 -24.99
N ILE B 360 -10.69 -29.61 -24.51
CA ILE B 360 -11.44 -30.48 -25.41
C ILE B 360 -12.87 -30.02 -25.66
N SER B 361 -13.40 -29.10 -24.83
CA SER B 361 -14.76 -28.61 -25.04
C SER B 361 -14.75 -27.39 -25.95
N PRO B 362 -15.85 -27.13 -26.67
CA PRO B 362 -15.86 -25.98 -27.59
C PRO B 362 -15.62 -24.65 -26.91
N ALA B 363 -16.21 -24.43 -25.73
CA ALA B 363 -15.98 -23.17 -25.02
C ALA B 363 -14.52 -23.04 -24.59
N GLY B 364 -13.91 -24.15 -24.15
CA GLY B 364 -12.51 -24.10 -23.76
C GLY B 364 -11.60 -23.70 -24.91
N GLY B 365 -11.84 -24.29 -26.09
CA GLY B 365 -11.04 -23.91 -27.24
C GLY B 365 -11.20 -22.45 -27.63
N ALA B 366 -12.43 -21.94 -27.52
CA ALA B 366 -12.70 -20.55 -27.89
C ALA B 366 -12.05 -19.58 -26.92
N PHE B 367 -11.96 -19.94 -25.64
CA PHE B 367 -11.30 -19.11 -24.64
C PHE B 367 -9.78 -19.14 -24.77
N ASN B 368 -9.22 -20.10 -25.51
CA ASN B 368 -7.78 -20.38 -25.47
C ASN B 368 -7.22 -20.60 -26.88
N GLU B 369 -7.33 -19.58 -27.73
CA GLU B 369 -6.87 -19.70 -29.11
C GLU B 369 -5.36 -19.84 -29.20
N GLY B 370 -4.90 -20.46 -30.28
CA GLY B 370 -3.48 -20.58 -30.53
C GLY B 370 -2.70 -21.37 -29.50
N TYR B 371 -3.32 -22.41 -28.93
CA TYR B 371 -2.70 -23.23 -27.89
C TYR B 371 -2.25 -22.37 -26.71
N ALA B 372 -3.17 -21.51 -26.26
CA ALA B 372 -2.86 -20.52 -25.23
C ALA B 372 -2.35 -21.17 -23.95
N HIS B 373 -1.43 -20.48 -23.29
CA HIS B 373 -0.75 -20.99 -22.10
C HIS B 373 -0.23 -19.81 -21.30
N TRP B 374 -0.25 -19.95 -19.97
CA TRP B 374 0.25 -18.90 -19.08
C TRP B 374 0.97 -19.51 -17.87
N GLU B 375 2.02 -20.29 -18.13
CA GLU B 375 2.84 -20.89 -17.07
C GLU B 375 3.75 -19.79 -16.52
N ALA B 376 3.15 -18.88 -15.74
CA ALA B 376 3.81 -17.64 -15.37
C ALA B 376 5.14 -17.88 -14.67
N VAL B 377 6.19 -17.25 -15.18
CA VAL B 377 7.51 -17.24 -14.56
C VAL B 377 7.77 -15.82 -14.08
N THR B 378 7.93 -15.65 -12.77
CA THR B 378 8.05 -14.33 -12.15
C THR B 378 9.51 -13.95 -11.96
N ILE B 379 9.87 -12.73 -12.38
CA ILE B 379 11.19 -12.16 -12.12
C ILE B 379 11.03 -10.77 -11.52
N GLY B 380 12.09 -10.30 -10.86
CA GLY B 380 12.12 -8.96 -10.30
C GLY B 380 11.17 -8.80 -9.13
N GLY B 381 10.98 -7.54 -8.75
CA GLY B 381 10.09 -7.22 -7.64
C GLY B 381 10.82 -6.88 -6.35
N GLN B 382 10.28 -7.36 -5.22
CA GLN B 382 10.85 -7.09 -3.91
C GLN B 382 10.98 -8.38 -3.13
N THR B 383 11.94 -8.41 -2.21
CA THR B 383 12.13 -9.57 -1.35
C THR B 383 11.07 -9.58 -0.25
N PRO B 384 10.83 -10.74 0.38
CA PRO B 384 9.87 -10.76 1.50
C PRO B 384 10.23 -9.82 2.64
N ASP B 385 11.49 -9.42 2.76
CA ASP B 385 11.90 -8.55 3.85
C ASP B 385 11.95 -7.07 3.46
N GLY B 386 11.61 -6.75 2.22
CA GLY B 386 11.37 -5.38 1.82
C GLY B 386 12.42 -4.70 0.94
N ARG B 387 13.31 -5.44 0.31
CA ARG B 387 14.34 -4.86 -0.54
C ARG B 387 14.09 -5.24 -2.00
N ASP B 388 14.69 -4.47 -2.91
CA ASP B 388 14.60 -4.81 -4.32
C ASP B 388 15.20 -6.20 -4.56
N ALA B 389 14.57 -6.95 -5.48
CA ALA B 389 14.88 -8.36 -5.67
C ALA B 389 15.60 -8.65 -6.99
N THR B 390 15.96 -7.62 -7.75
CA THR B 390 16.72 -7.82 -8.98
C THR B 390 18.07 -8.45 -8.66
N ASN B 391 18.44 -9.46 -9.45
CA ASN B 391 19.74 -10.10 -9.30
C ASN B 391 20.21 -10.59 -10.66
N ASP B 392 21.34 -11.29 -10.69
CA ASP B 392 21.92 -11.73 -11.95
C ASP B 392 20.98 -12.66 -12.71
N LEU B 393 20.24 -13.51 -11.98
CA LEU B 393 19.30 -14.41 -12.65
C LEU B 393 18.19 -13.61 -13.34
N THR B 394 17.74 -12.52 -12.72
CA THR B 394 16.72 -11.68 -13.33
C THR B 394 17.11 -11.30 -14.76
N TYR B 395 18.36 -10.83 -14.94
CA TYR B 395 18.80 -10.41 -16.26
C TYR B 395 18.95 -11.59 -17.22
N LEU B 396 19.36 -12.76 -16.72
CA LEU B 396 19.48 -13.92 -17.59
C LEU B 396 18.12 -14.37 -18.12
N PHE B 397 17.06 -14.30 -17.30
CA PHE B 397 15.72 -14.66 -17.76
C PHE B 397 15.27 -13.73 -18.89
N LEU B 398 15.59 -12.44 -18.78
CA LEU B 398 15.28 -11.51 -19.87
C LEU B 398 16.11 -11.84 -21.11
N LYS B 399 17.40 -12.12 -20.94
CA LYS B 399 18.25 -12.50 -22.07
C LYS B 399 17.72 -13.74 -22.76
N SER B 400 17.30 -14.74 -21.98
CA SER B 400 16.77 -15.96 -22.57
C SER B 400 15.52 -15.68 -23.39
N LYS B 401 14.60 -14.87 -22.87
CA LYS B 401 13.37 -14.60 -23.60
C LYS B 401 13.62 -13.85 -24.90
N ARG B 402 14.64 -12.99 -24.94
CA ARG B 402 14.98 -12.31 -26.18
C ARG B 402 15.51 -13.28 -27.22
N GLU B 403 16.36 -14.21 -26.81
CA GLU B 403 17.12 -15.02 -27.76
C GLU B 403 16.48 -16.39 -28.03
N PHE B 404 15.92 -17.04 -27.01
CA PHE B 404 15.16 -18.27 -27.22
C PHE B 404 13.94 -17.97 -28.09
N PRO B 405 13.76 -18.67 -29.22
CA PRO B 405 12.78 -18.20 -30.21
C PRO B 405 11.32 -18.53 -29.91
N LEU B 406 11.03 -19.48 -29.03
CA LEU B 406 9.64 -19.80 -28.75
C LEU B 406 9.02 -18.74 -27.84
N HIS B 407 7.69 -18.67 -27.87
CA HIS B 407 6.98 -17.83 -26.90
C HIS B 407 6.85 -18.51 -25.53
N TYR B 408 7.94 -19.13 -25.07
CA TYR B 408 8.10 -19.76 -23.78
C TYR B 408 9.37 -19.24 -23.12
N PRO B 409 9.36 -19.02 -21.79
CA PRO B 409 8.20 -19.22 -20.94
C PRO B 409 7.33 -17.96 -20.85
N ASP B 410 6.26 -18.05 -20.07
CA ASP B 410 5.36 -16.92 -19.84
C ASP B 410 6.02 -15.99 -18.83
N LEU B 411 6.92 -15.14 -19.34
CA LEU B 411 7.74 -14.31 -18.49
C LEU B 411 6.95 -13.10 -18.00
N ALA B 412 6.92 -12.91 -16.68
CA ALA B 412 6.25 -11.79 -16.05
C ALA B 412 7.24 -11.04 -15.17
N ALA B 413 7.35 -9.74 -15.38
CA ALA B 413 8.31 -8.89 -14.67
C ALA B 413 7.55 -8.03 -13.66
N ARG B 414 7.96 -8.12 -12.40
CA ARG B 414 7.34 -7.29 -11.36
C ARG B 414 7.95 -5.90 -11.36
N ILE B 415 7.10 -4.89 -11.17
CA ILE B 415 7.51 -3.50 -11.17
C ILE B 415 7.09 -2.88 -9.85
N HIS B 416 8.00 -2.13 -9.24
CA HIS B 416 7.66 -1.32 -8.07
C HIS B 416 8.33 0.04 -8.21
N SER B 417 8.00 0.93 -7.26
CA SER B 417 8.38 2.33 -7.39
C SER B 417 9.88 2.55 -7.36
N ARG B 418 10.65 1.60 -6.82
CA ARG B 418 12.11 1.72 -6.78
C ARG B 418 12.80 0.66 -7.63
N ALA B 419 12.12 0.13 -8.64
CA ALA B 419 12.76 -0.82 -9.54
C ALA B 419 13.97 -0.18 -10.19
N PRO B 420 15.12 -0.86 -10.25
CA PRO B 420 16.35 -0.20 -10.69
C PRO B 420 16.26 0.24 -12.14
N GLU B 421 16.95 1.35 -12.44
CA GLU B 421 16.99 1.87 -13.81
C GLU B 421 17.52 0.83 -14.78
N ARG B 422 18.59 0.11 -14.40
CA ARG B 422 19.14 -0.92 -15.27
C ARG B 422 18.10 -2.00 -15.57
N TYR B 423 17.28 -2.33 -14.58
CA TYR B 423 16.27 -3.37 -14.74
C TYR B 423 15.15 -2.90 -15.69
N LEU B 424 14.61 -1.70 -15.46
CA LEU B 424 13.59 -1.19 -16.36
C LEU B 424 14.12 -1.03 -17.78
N TRP B 425 15.41 -0.68 -17.91
CA TRP B 425 16.00 -0.52 -19.24
C TRP B 425 16.05 -1.85 -19.97
N ASP B 426 16.48 -2.92 -19.29
CA ASP B 426 16.52 -4.23 -19.91
C ASP B 426 15.12 -4.74 -20.23
N VAL B 427 14.16 -4.48 -19.33
CA VAL B 427 12.78 -4.87 -19.59
C VAL B 427 12.25 -4.17 -20.83
N ALA B 428 12.54 -2.88 -20.98
CA ALA B 428 12.05 -2.15 -22.13
C ALA B 428 12.67 -2.66 -23.43
N GLU B 429 13.97 -2.98 -23.39
CA GLU B 429 14.62 -3.52 -24.58
C GLU B 429 14.14 -4.92 -24.91
N THR B 430 13.74 -5.70 -23.90
CA THR B 430 13.14 -7.00 -24.17
C THR B 430 11.76 -6.83 -24.79
N ILE B 431 10.99 -5.84 -24.31
CA ILE B 431 9.71 -5.51 -24.95
C ILE B 431 9.93 -5.09 -26.39
N LYS B 432 10.99 -4.32 -26.65
CA LYS B 432 11.26 -3.81 -27.99
C LYS B 432 11.69 -4.89 -28.97
N PHE B 433 11.97 -6.11 -28.49
CA PHE B 433 12.28 -7.19 -29.42
C PHE B 433 11.07 -7.55 -30.26
N GLY B 434 9.86 -7.35 -29.74
CA GLY B 434 8.66 -7.41 -30.54
C GLY B 434 7.88 -8.70 -30.51
N SER B 435 8.01 -9.52 -29.47
CA SER B 435 7.18 -10.70 -29.33
C SER B 435 6.28 -10.64 -28.10
N GLY B 436 6.23 -9.51 -27.40
CA GLY B 436 5.27 -9.30 -26.34
C GLY B 436 5.78 -9.53 -24.93
N PHE B 437 7.09 -9.74 -24.74
CA PHE B 437 7.64 -10.13 -23.45
C PHE B 437 8.51 -9.03 -22.87
N PRO B 438 8.52 -8.85 -21.53
CA PRO B 438 7.62 -9.52 -20.59
C PRO B 438 6.34 -8.71 -20.37
N LYS B 439 5.30 -9.35 -19.84
CA LYS B 439 4.17 -8.62 -19.29
C LYS B 439 4.55 -8.08 -17.93
N LEU B 440 3.95 -6.95 -17.55
CA LEU B 440 4.35 -6.23 -16.35
C LEU B 440 3.27 -6.32 -15.30
N CYS B 441 3.68 -6.52 -14.04
CA CYS B 441 2.79 -6.58 -12.90
C CYS B 441 3.25 -5.58 -11.86
N ASN B 442 2.31 -4.82 -11.31
CA ASN B 442 2.61 -3.63 -10.52
C ASN B 442 2.49 -3.95 -9.03
N ASP B 443 3.63 -3.99 -8.35
CA ASP B 443 3.63 -4.14 -6.89
C ASP B 443 2.79 -3.07 -6.21
N GLU B 444 2.82 -1.84 -6.74
CA GLU B 444 2.18 -0.72 -6.07
C GLU B 444 0.66 -0.81 -6.10
N GLU B 445 0.09 -1.59 -7.01
CA GLU B 445 -1.36 -1.74 -7.04
C GLU B 445 -1.83 -2.92 -6.19
N CYS B 446 -1.26 -4.11 -6.41
CA CYS B 446 -1.81 -5.31 -5.79
C CYS B 446 -1.41 -5.45 -4.33
N ILE B 447 -0.20 -5.04 -3.95
CA ILE B 447 0.24 -5.22 -2.56
C ILE B 447 -0.65 -4.48 -1.57
N PRO B 448 -0.99 -3.18 -1.76
CA PRO B 448 -1.90 -2.54 -0.81
C PRO B 448 -3.28 -3.19 -0.78
N LEU B 449 -3.76 -3.69 -1.91
CA LEU B 449 -5.03 -4.41 -1.90
C LEU B 449 -4.95 -5.68 -1.08
N TYR B 450 -3.82 -6.39 -1.18
CA TYR B 450 -3.73 -7.70 -0.53
C TYR B 450 -3.50 -7.60 0.97
N VAL B 451 -2.70 -6.63 1.43
CA VAL B 451 -2.57 -6.45 2.87
C VAL B 451 -3.87 -5.93 3.45
N SER B 452 -4.62 -5.13 2.69
CA SER B 452 -5.94 -4.72 3.12
C SER B 452 -6.85 -5.94 3.33
N LYS B 453 -6.69 -6.96 2.49
CA LYS B 453 -7.54 -8.13 2.55
C LYS B 453 -6.96 -9.25 3.40
N GLY B 454 -5.96 -8.96 4.25
CA GLY B 454 -5.50 -9.90 5.26
C GLY B 454 -4.09 -10.43 5.10
N ALA B 455 -3.39 -10.09 4.03
CA ALA B 455 -2.03 -10.58 3.83
C ALA B 455 -1.06 -9.81 4.71
N THR B 456 -0.09 -10.50 5.28
CA THR B 456 1.02 -9.80 5.90
C THR B 456 1.87 -9.16 4.81
N PHE B 457 2.65 -8.17 5.19
CA PHE B 457 3.51 -7.53 4.20
C PHE B 457 4.54 -8.51 3.66
N GLU B 458 5.02 -9.43 4.50
CA GLU B 458 6.04 -10.37 4.06
C GLU B 458 5.51 -11.27 2.95
N GLU B 459 4.32 -11.84 3.14
CA GLU B 459 3.78 -12.74 2.12
C GLU B 459 3.26 -11.99 0.90
N ALA B 460 2.75 -10.77 1.07
CA ALA B 460 2.36 -9.97 -0.09
C ALA B 460 3.59 -9.52 -0.90
N LEU B 461 4.64 -9.03 -0.22
CA LEU B 461 5.84 -8.62 -0.93
C LEU B 461 6.44 -9.78 -1.73
N ASP B 462 6.25 -11.01 -1.27
CA ASP B 462 6.81 -12.20 -1.89
C ASP B 462 5.85 -12.87 -2.86
N TYR B 463 4.91 -12.13 -3.43
CA TYR B 463 3.93 -12.73 -4.32
C TYR B 463 4.57 -13.20 -5.63
N ALA B 464 3.96 -14.22 -6.22
CA ALA B 464 4.30 -14.69 -7.54
C ALA B 464 3.18 -14.32 -8.51
N VAL B 465 3.55 -13.95 -9.73
CA VAL B 465 2.54 -13.84 -10.79
C VAL B 465 2.03 -15.25 -11.11
N SER B 466 0.75 -15.33 -11.47
CA SER B 466 0.14 -16.63 -11.72
C SER B 466 -0.94 -16.48 -12.79
N GLY B 467 -0.91 -17.36 -13.79
CA GLY B 467 -1.86 -17.25 -14.87
C GLY B 467 -1.60 -15.99 -15.68
N CYS B 468 -2.70 -15.35 -16.13
CA CYS B 468 -2.59 -14.18 -16.99
C CYS B 468 -1.78 -13.07 -16.33
N ILE B 469 -2.22 -12.59 -15.16
CA ILE B 469 -1.50 -11.57 -14.42
C ILE B 469 -2.02 -11.54 -12.98
N GLU B 470 -2.54 -12.67 -12.52
CA GLU B 470 -2.97 -12.80 -11.14
C GLU B 470 -1.75 -12.94 -10.25
N ILE B 471 -1.95 -12.79 -8.94
CA ILE B 471 -0.86 -12.98 -7.99
C ILE B 471 -1.27 -14.02 -6.96
N ARG B 472 -0.28 -14.73 -6.44
CA ARG B 472 -0.48 -15.82 -5.50
C ARG B 472 0.52 -15.74 -4.36
N MET B 473 0.06 -16.09 -3.17
CA MET B 473 0.94 -16.30 -2.03
C MET B 473 0.90 -17.79 -1.73
N PRO B 474 1.92 -18.56 -2.16
CA PRO B 474 1.74 -20.01 -2.29
C PRO B 474 1.46 -20.73 -0.97
N ASN B 475 1.67 -20.09 0.18
CA ASN B 475 1.35 -20.72 1.46
C ASN B 475 0.25 -19.97 2.21
N ARG B 476 -0.50 -19.12 1.52
CA ARG B 476 -1.59 -18.37 2.12
C ARG B 476 -2.86 -18.40 1.27
N ASP B 477 -2.74 -18.25 -0.04
CA ASP B 477 -3.89 -18.40 -0.93
C ASP B 477 -4.51 -19.79 -0.78
N THR B 478 -5.84 -19.85 -0.79
CA THR B 478 -6.53 -21.13 -0.72
C THR B 478 -7.70 -21.28 -1.68
N TYR B 479 -7.96 -20.31 -2.56
CA TYR B 479 -9.14 -20.33 -3.41
C TYR B 479 -8.77 -20.83 -4.80
N THR B 480 -9.56 -21.76 -5.34
CA THR B 480 -9.19 -22.49 -6.55
C THR B 480 -10.31 -22.59 -7.58
N SER B 481 -11.45 -21.93 -7.36
CA SER B 481 -12.63 -22.15 -8.18
C SER B 481 -12.69 -21.19 -9.37
N GLY B 482 -12.85 -21.74 -10.57
CA GLY B 482 -13.03 -20.91 -11.75
C GLY B 482 -14.25 -20.02 -11.62
N GLY B 483 -14.07 -18.75 -12.02
CA GLY B 483 -15.13 -17.77 -11.92
C GLY B 483 -15.93 -17.65 -13.20
N ALA B 484 -16.96 -16.81 -13.14
CA ALA B 484 -17.78 -16.52 -14.30
C ALA B 484 -17.14 -15.44 -15.16
N TYR B 485 -17.39 -15.51 -16.46
CA TYR B 485 -16.99 -14.49 -17.42
C TYR B 485 -18.27 -13.89 -17.99
N THR B 486 -18.52 -12.62 -17.70
CA THR B 486 -19.84 -12.02 -17.87
C THR B 486 -19.82 -11.01 -19.01
N ASN B 487 -20.69 -11.25 -20.00
CA ASN B 487 -20.74 -10.47 -21.24
C ASN B 487 -21.56 -9.23 -21.00
N PHE B 488 -20.90 -8.14 -20.60
CA PHE B 488 -21.66 -6.91 -20.39
C PHE B 488 -22.00 -6.19 -21.68
N ALA B 489 -21.35 -6.54 -22.79
CA ALA B 489 -21.81 -6.06 -24.08
C ALA B 489 -23.18 -6.64 -24.42
N SER B 490 -23.48 -7.85 -23.95
CA SER B 490 -24.80 -8.41 -24.18
C SER B 490 -25.89 -7.69 -23.39
N ALA B 491 -25.53 -7.00 -22.31
CA ALA B 491 -26.52 -6.19 -21.60
C ALA B 491 -26.89 -4.94 -22.38
N VAL B 492 -25.95 -4.36 -23.13
CA VAL B 492 -26.30 -3.26 -24.03
C VAL B 492 -27.31 -3.74 -25.06
N GLU B 493 -27.04 -4.89 -25.69
CA GLU B 493 -27.95 -5.42 -26.70
C GLU B 493 -29.29 -5.79 -26.08
N MET B 494 -29.29 -6.37 -24.88
CA MET B 494 -30.54 -6.72 -24.21
C MET B 494 -31.35 -5.47 -23.87
N ALA B 495 -30.67 -4.38 -23.50
CA ALA B 495 -31.36 -3.12 -23.27
C ALA B 495 -31.90 -2.52 -24.55
N LEU B 496 -31.36 -2.90 -25.72
CA LEU B 496 -31.88 -2.41 -26.98
C LEU B 496 -33.08 -3.21 -27.46
N TYR B 497 -33.13 -4.52 -27.16
CA TYR B 497 -34.12 -5.42 -27.72
C TYR B 497 -34.96 -6.12 -26.66
N ASP B 498 -35.24 -5.43 -25.56
CA ASP B 498 -36.23 -5.89 -24.59
C ASP B 498 -35.83 -7.23 -23.95
N GLY B 499 -34.54 -7.36 -23.62
CA GLY B 499 -34.05 -8.56 -22.98
C GLY B 499 -33.74 -9.70 -23.92
N LYS B 500 -33.73 -9.46 -25.22
CA LYS B 500 -33.43 -10.48 -26.21
C LYS B 500 -32.14 -10.14 -26.93
N MET B 501 -31.54 -11.14 -27.55
CA MET B 501 -30.35 -10.99 -28.38
C MET B 501 -30.64 -11.54 -29.78
N LYS B 502 -30.14 -10.85 -30.79
CA LYS B 502 -30.35 -11.28 -32.17
C LYS B 502 -29.84 -12.70 -32.39
N LYS B 503 -28.69 -13.03 -31.79
CA LYS B 503 -28.12 -14.37 -31.94
C LYS B 503 -29.10 -15.46 -31.50
N TYR B 504 -29.90 -15.20 -30.46
CA TYR B 504 -30.76 -16.23 -29.88
C TYR B 504 -32.24 -15.98 -30.16
N GLY B 505 -32.57 -15.09 -31.09
CA GLY B 505 -33.94 -14.92 -31.51
C GLY B 505 -34.84 -14.46 -30.38
N ASP B 506 -35.93 -15.19 -30.16
CA ASP B 506 -36.97 -14.81 -29.22
C ASP B 506 -36.77 -15.37 -27.82
N VAL B 507 -35.66 -16.06 -27.57
CA VAL B 507 -35.39 -16.54 -26.21
C VAL B 507 -35.32 -15.34 -25.27
N GLN B 508 -36.15 -15.35 -24.23
CA GLN B 508 -36.20 -14.24 -23.27
C GLN B 508 -35.04 -14.39 -22.30
N LEU B 509 -33.91 -13.78 -22.64
CA LEU B 509 -32.70 -13.94 -21.85
C LEU B 509 -32.67 -12.98 -20.67
N GLY B 510 -32.88 -11.69 -20.91
CA GLY B 510 -32.77 -10.68 -19.90
C GLY B 510 -34.11 -10.14 -19.44
N ILE B 511 -34.05 -9.05 -18.69
CA ILE B 511 -35.24 -8.36 -18.23
C ILE B 511 -35.99 -7.78 -19.42
N GLN B 512 -37.31 -7.82 -19.38
CA GLN B 512 -38.13 -7.22 -20.43
C GLN B 512 -38.19 -5.73 -20.19
N THR B 513 -37.22 -5.01 -20.75
CA THR B 513 -37.05 -3.57 -20.50
C THR B 513 -37.71 -2.68 -21.54
N GLY B 514 -38.41 -3.25 -22.51
CA GLY B 514 -39.20 -2.47 -23.45
C GLY B 514 -38.49 -2.26 -24.78
N ASP B 515 -39.28 -1.79 -25.75
CA ASP B 515 -38.77 -1.47 -27.08
C ASP B 515 -37.98 -0.17 -27.01
N ALA B 516 -36.65 -0.26 -27.17
CA ALA B 516 -35.81 0.92 -27.01
C ALA B 516 -36.08 1.98 -28.08
N ARG B 517 -36.71 1.61 -29.20
CA ARG B 517 -37.11 2.59 -30.19
C ARG B 517 -38.04 3.63 -29.59
N LYS B 518 -38.77 3.28 -28.53
CA LYS B 518 -39.73 4.16 -27.89
C LYS B 518 -39.14 4.87 -26.67
N PHE B 519 -37.85 4.71 -26.39
CA PHE B 519 -37.27 5.36 -25.24
C PHE B 519 -37.17 6.85 -25.49
N LYS B 520 -37.61 7.65 -24.51
CA LYS B 520 -37.72 9.08 -24.69
C LYS B 520 -36.58 9.86 -24.04
N SER B 521 -35.73 9.21 -23.24
CA SER B 521 -34.68 9.93 -22.54
C SER B 521 -33.44 9.04 -22.40
N TRP B 522 -32.31 9.69 -22.14
CA TRP B 522 -31.13 8.94 -21.74
C TRP B 522 -31.38 8.19 -20.44
N ASP B 523 -32.05 8.85 -19.48
CA ASP B 523 -32.38 8.20 -18.22
C ASP B 523 -33.18 6.92 -18.44
N GLU B 524 -34.00 6.88 -19.49
CA GLU B 524 -34.78 5.68 -19.76
C GLU B 524 -33.91 4.56 -20.30
N PHE B 525 -33.00 4.86 -21.24
CA PHE B 525 -32.13 3.81 -21.75
C PHE B 525 -31.13 3.36 -20.69
N TRP B 526 -30.55 4.31 -19.95
CA TRP B 526 -29.62 3.96 -18.89
C TRP B 526 -30.28 3.04 -17.87
N ASN B 527 -31.52 3.34 -17.49
CA ASN B 527 -32.25 2.48 -16.57
C ASN B 527 -32.43 1.07 -17.15
N ALA B 528 -32.68 0.98 -18.46
CA ALA B 528 -32.80 -0.33 -19.09
C ALA B 528 -31.48 -1.08 -19.05
N TYR B 529 -30.37 -0.39 -19.33
CA TYR B 529 -29.09 -1.05 -19.26
C TYR B 529 -28.78 -1.51 -17.84
N VAL B 530 -29.05 -0.64 -16.85
CA VAL B 530 -28.72 -0.97 -15.46
C VAL B 530 -29.41 -2.26 -15.03
N GLN B 531 -30.67 -2.44 -15.44
CA GLN B 531 -31.41 -3.65 -15.05
C GLN B 531 -30.79 -4.90 -15.65
N GLN B 532 -30.31 -4.82 -16.89
CA GLN B 532 -29.62 -5.96 -17.48
C GLN B 532 -28.25 -6.15 -16.86
N HIS B 533 -27.55 -5.05 -16.59
CA HIS B 533 -26.27 -5.11 -15.89
C HIS B 533 -26.42 -5.81 -14.54
N MET B 534 -27.42 -5.41 -13.75
CA MET B 534 -27.59 -5.99 -12.43
C MET B 534 -28.04 -7.44 -12.52
N LEU B 535 -28.86 -7.77 -13.52
CA LEU B 535 -29.24 -9.16 -13.73
C LEU B 535 -28.01 -10.03 -13.99
N LEU B 536 -27.06 -9.53 -14.80
CA LEU B 536 -25.84 -10.30 -15.05
C LEU B 536 -25.04 -10.47 -13.78
N LEU B 537 -24.98 -9.44 -12.93
CA LEU B 537 -24.25 -9.56 -11.67
C LEU B 537 -24.89 -10.60 -10.75
N ARG B 538 -26.21 -10.51 -10.56
CA ARG B 538 -26.89 -11.50 -9.72
C ARG B 538 -26.66 -12.92 -10.24
N THR B 539 -26.83 -13.11 -11.54
CA THR B 539 -26.62 -14.42 -12.13
C THR B 539 -25.19 -14.89 -11.90
N THR B 540 -24.22 -13.99 -12.06
CA THR B 540 -22.81 -14.33 -11.86
C THR B 540 -22.58 -14.90 -10.48
N PHE B 541 -23.07 -14.22 -9.44
CA PHE B 541 -22.72 -14.61 -8.08
C PHE B 541 -23.50 -15.86 -7.65
N ILE B 542 -24.75 -16.00 -8.10
CA ILE B 542 -25.50 -17.22 -7.85
C ILE B 542 -24.78 -18.41 -8.49
N GLN B 543 -24.35 -18.26 -9.75
CA GLN B 543 -23.63 -19.32 -10.44
C GLN B 543 -22.34 -19.68 -9.70
N GLN B 544 -21.60 -18.68 -9.23
CA GLN B 544 -20.33 -18.94 -8.55
C GLN B 544 -20.55 -19.71 -7.26
N TYR B 545 -21.58 -19.34 -6.48
CA TYR B 545 -21.84 -20.01 -5.22
C TYR B 545 -22.12 -21.50 -5.43
N ILE B 546 -22.84 -21.83 -6.50
CA ILE B 546 -23.10 -23.23 -6.83
C ILE B 546 -21.82 -23.92 -7.29
N VAL B 547 -20.99 -23.21 -8.05
CA VAL B 547 -19.74 -23.79 -8.52
C VAL B 547 -18.84 -24.16 -7.34
N ILE B 548 -18.74 -23.27 -6.36
CA ILE B 548 -17.93 -23.55 -5.18
C ILE B 548 -18.37 -24.83 -4.49
N GLN B 549 -19.69 -24.98 -4.29
CA GLN B 549 -20.21 -26.18 -3.64
C GLN B 549 -19.98 -27.43 -4.49
N THR B 550 -20.19 -27.33 -5.80
CA THR B 550 -20.07 -28.50 -6.66
C THR B 550 -18.62 -28.93 -6.84
N ARG B 551 -17.70 -27.97 -6.98
CA ARG B 551 -16.28 -28.30 -7.14
C ARG B 551 -15.76 -29.10 -5.95
N ALA B 552 -16.23 -28.78 -4.74
CA ALA B 552 -15.74 -29.45 -3.55
C ALA B 552 -16.04 -30.94 -3.56
N LYS B 553 -16.99 -31.38 -4.39
CA LYS B 553 -17.35 -32.80 -4.47
C LYS B 553 -16.61 -33.54 -5.57
N HIS B 554 -15.88 -32.83 -6.44
CA HIS B 554 -15.33 -33.47 -7.64
C HIS B 554 -13.82 -33.34 -7.78
N PHE B 555 -13.16 -32.41 -7.10
CA PHE B 555 -11.75 -32.15 -7.33
C PHE B 555 -10.96 -32.31 -6.04
N ALA B 556 -9.78 -32.94 -6.17
CA ALA B 556 -8.80 -33.01 -5.10
C ALA B 556 -7.42 -32.75 -5.69
N GLN B 557 -6.48 -32.38 -4.82
CA GLN B 557 -5.14 -31.99 -5.25
C GLN B 557 -4.13 -32.40 -4.18
N PRO B 558 -3.87 -33.71 -4.05
CA PRO B 558 -3.00 -34.16 -2.94
C PRO B 558 -1.58 -33.61 -2.98
N MET B 559 -0.93 -33.53 -4.16
CA MET B 559 0.42 -32.99 -4.19
C MET B 559 0.42 -31.49 -3.97
N GLY B 560 -0.47 -30.76 -4.65
CA GLY B 560 -0.57 -29.33 -4.43
C GLY B 560 -0.85 -29.00 -2.97
N SER B 561 -1.66 -29.81 -2.30
CA SER B 561 -1.99 -29.56 -0.91
C SER B 561 -0.80 -29.83 0.02
N VAL B 562 -0.03 -30.90 -0.24
CA VAL B 562 1.12 -31.16 0.61
C VAL B 562 2.20 -30.10 0.43
N LEU B 563 2.17 -29.35 -0.67
CA LEU B 563 3.08 -28.23 -0.87
C LEU B 563 2.56 -26.94 -0.26
N HIS B 564 1.47 -27.01 0.49
CA HIS B 564 0.83 -25.83 1.07
C HIS B 564 0.85 -25.95 2.59
N ALA B 565 1.40 -24.93 3.26
CA ALA B 565 1.62 -25.01 4.70
C ALA B 565 0.32 -25.11 5.47
N LEU B 566 -0.72 -24.40 5.03
CA LEU B 566 -2.00 -24.45 5.73
C LEU B 566 -2.70 -25.79 5.51
N CYS B 567 -2.58 -26.36 4.32
CA CYS B 567 -3.16 -27.67 4.09
C CYS B 567 -2.46 -28.75 4.92
N ARG B 568 -1.14 -28.64 5.07
CA ARG B 568 -0.43 -29.57 5.96
C ARG B 568 -0.87 -29.37 7.41
N LYS B 569 -1.01 -28.11 7.83
CA LYS B 569 -1.34 -27.82 9.22
C LYS B 569 -2.73 -28.33 9.59
N HIS B 570 -3.72 -28.03 8.76
CA HIS B 570 -5.10 -28.34 9.09
C HIS B 570 -5.62 -29.60 8.42
N CYS B 571 -4.81 -30.26 7.58
CA CYS B 571 -5.12 -31.54 6.96
C CYS B 571 -6.41 -31.48 6.14
N ILE B 572 -6.44 -30.54 5.21
CA ILE B 572 -7.61 -30.36 4.34
C ILE B 572 -7.14 -30.00 2.94
N ASP B 573 -7.78 -30.57 1.93
CA ASP B 573 -7.38 -30.40 0.54
C ASP B 573 -7.73 -29.00 0.03
N LEU B 574 -6.91 -28.53 -0.92
CA LEU B 574 -7.02 -27.16 -1.42
C LEU B 574 -8.41 -26.86 -2.00
N HIS B 575 -9.03 -27.84 -2.67
CA HIS B 575 -10.27 -27.53 -3.38
C HIS B 575 -11.49 -27.50 -2.47
N GLN B 576 -11.33 -27.72 -1.16
CA GLN B 576 -12.43 -27.51 -0.26
C GLN B 576 -12.70 -26.01 -0.12
N PRO B 577 -13.94 -25.62 0.18
CA PRO B 577 -14.29 -24.19 0.12
C PRO B 577 -13.59 -23.33 1.16
N GLN B 578 -13.38 -23.82 2.37
CA GLN B 578 -12.83 -23.03 3.45
C GLN B 578 -11.70 -23.80 4.12
N ILE B 579 -10.53 -23.17 4.19
CA ILE B 579 -9.36 -23.75 4.84
C ILE B 579 -8.94 -22.75 5.92
N PRO B 580 -8.81 -23.17 7.18
CA PRO B 580 -8.56 -22.21 8.26
C PRO B 580 -7.28 -21.42 8.01
N GLU B 581 -7.36 -20.11 8.30
CA GLU B 581 -6.30 -19.12 8.11
C GLU B 581 -6.02 -18.82 6.64
N GLY B 582 -6.72 -19.46 5.70
CA GLY B 582 -6.50 -19.17 4.30
C GLY B 582 -7.15 -17.87 3.88
N LEU B 583 -6.59 -17.28 2.81
CA LEU B 583 -7.17 -16.10 2.17
C LEU B 583 -7.69 -16.51 0.80
N ASN B 584 -8.92 -16.09 0.48
CA ASN B 584 -9.62 -16.55 -0.71
C ASN B 584 -9.81 -15.40 -1.69
N PHE B 585 -9.01 -15.40 -2.75
CA PHE B 585 -9.07 -14.37 -3.80
C PHE B 585 -9.68 -15.01 -5.05
N GLY B 586 -10.96 -14.75 -5.28
CA GLY B 586 -11.66 -15.18 -6.46
C GLY B 586 -12.12 -13.99 -7.30
N TYR B 587 -12.71 -14.31 -8.44
CA TYR B 587 -12.96 -13.29 -9.44
C TYR B 587 -14.23 -13.58 -10.21
N PHE B 588 -14.81 -12.51 -10.76
CA PHE B 588 -15.73 -12.58 -11.88
C PHE B 588 -15.25 -11.57 -12.91
N GLU B 589 -15.54 -11.85 -14.18
CA GLU B 589 -14.97 -11.09 -15.27
C GLU B 589 -15.98 -10.09 -15.83
N PHE B 590 -15.57 -8.83 -15.87
CA PHE B 590 -16.28 -7.79 -16.64
C PHE B 590 -15.71 -7.82 -18.05
N MET B 591 -16.48 -8.34 -19.00
CA MET B 591 -16.03 -8.47 -20.39
C MET B 591 -16.65 -7.38 -21.26
N GLY B 592 -15.82 -6.75 -22.07
CA GLY B 592 -16.30 -5.79 -23.05
C GLY B 592 -16.39 -4.35 -22.59
N LEU B 593 -15.56 -3.95 -21.62
CA LEU B 593 -15.66 -2.61 -21.04
C LEU B 593 -15.67 -1.52 -22.10
N GLY B 594 -14.68 -1.53 -23.00
CA GLY B 594 -14.62 -0.49 -24.02
C GLY B 594 -15.84 -0.47 -24.92
N THR B 595 -16.36 -1.65 -25.28
CA THR B 595 -17.55 -1.71 -26.11
C THR B 595 -18.76 -1.15 -25.39
N VAL B 596 -18.89 -1.45 -24.09
CA VAL B 596 -20.03 -0.96 -23.33
C VAL B 596 -19.95 0.54 -23.15
N ILE B 597 -18.78 1.05 -22.72
CA ILE B 597 -18.61 2.49 -22.56
C ILE B 597 -18.95 3.23 -23.84
N ASP B 598 -18.30 2.84 -24.94
CA ASP B 598 -18.45 3.56 -26.20
C ASP B 598 -19.87 3.44 -26.76
N SER B 599 -20.53 2.30 -26.57
CA SER B 599 -21.91 2.16 -27.00
C SER B 599 -22.84 3.06 -26.18
N LEU B 600 -22.66 3.04 -24.85
CA LEU B 600 -23.49 3.90 -24.00
C LEU B 600 -23.24 5.37 -24.28
N ALA B 601 -21.96 5.76 -24.43
CA ALA B 601 -21.64 7.17 -24.65
C ALA B 601 -22.18 7.65 -25.99
N ALA B 602 -22.17 6.79 -27.01
CA ALA B 602 -22.77 7.16 -28.29
C ALA B 602 -24.25 7.47 -28.14
N ILE B 603 -24.99 6.58 -27.45
CA ILE B 603 -26.43 6.81 -27.27
C ILE B 603 -26.66 8.07 -26.46
N LYS B 604 -25.91 8.23 -25.36
CA LYS B 604 -26.13 9.37 -24.48
C LYS B 604 -25.88 10.69 -25.20
N LYS B 605 -24.77 10.80 -25.93
CA LYS B 605 -24.44 12.07 -26.57
C LYS B 605 -25.15 12.28 -27.90
N LEU B 606 -25.13 11.27 -28.78
CA LEU B 606 -25.61 11.47 -30.14
C LEU B 606 -27.12 11.41 -30.25
N VAL B 607 -27.77 10.53 -29.49
CA VAL B 607 -29.23 10.40 -29.55
C VAL B 607 -29.90 11.44 -28.66
N PHE B 608 -29.47 11.55 -27.41
CA PHE B 608 -30.22 12.32 -26.43
C PHE B 608 -29.66 13.71 -26.15
N GLU B 609 -28.34 13.84 -25.95
CA GLU B 609 -27.78 15.16 -25.67
C GLU B 609 -27.80 16.04 -26.91
N ASP B 610 -27.17 15.59 -27.99
CA ASP B 610 -27.06 16.38 -29.21
C ASP B 610 -28.21 16.16 -30.18
N LYS B 611 -28.95 15.05 -30.04
CA LYS B 611 -30.13 14.78 -30.85
C LYS B 611 -29.80 14.76 -32.34
N LYS B 612 -28.66 14.16 -32.68
CA LYS B 612 -28.28 14.03 -34.08
C LYS B 612 -29.06 12.93 -34.78
N LEU B 613 -29.54 11.93 -34.03
CA LEU B 613 -30.36 10.87 -34.59
C LEU B 613 -31.26 10.32 -33.50
N THR B 614 -32.31 9.64 -33.93
CA THR B 614 -33.30 9.06 -33.03
C THR B 614 -32.97 7.58 -32.77
N MET B 615 -33.67 7.00 -31.81
CA MET B 615 -33.50 5.58 -31.52
C MET B 615 -33.91 4.71 -32.70
N ASP B 616 -34.93 5.14 -33.46
CA ASP B 616 -35.33 4.39 -34.65
C ASP B 616 -34.22 4.37 -35.69
N GLN B 617 -33.60 5.53 -35.94
CA GLN B 617 -32.50 5.58 -36.90
C GLN B 617 -31.34 4.70 -36.44
N LEU B 618 -31.03 4.73 -35.14
CA LEU B 618 -29.92 3.93 -34.62
C LEU B 618 -30.22 2.45 -34.77
N ILE B 619 -31.39 2.02 -34.30
CA ILE B 619 -31.70 0.59 -34.28
C ILE B 619 -31.94 0.06 -35.68
N ASP B 620 -32.51 0.89 -36.57
CA ASP B 620 -32.56 0.51 -37.98
C ASP B 620 -31.16 0.22 -38.51
N ALA B 621 -30.20 1.10 -38.23
CA ALA B 621 -28.84 0.88 -38.67
C ALA B 621 -28.24 -0.36 -38.04
N LEU B 622 -28.51 -0.59 -36.74
CA LEU B 622 -27.97 -1.77 -36.07
C LEU B 622 -28.53 -3.05 -36.66
N GLU B 623 -29.86 -3.11 -36.81
CA GLU B 623 -30.47 -4.32 -37.35
C GLU B 623 -30.09 -4.56 -38.81
N ALA B 624 -29.65 -3.52 -39.52
CA ALA B 624 -29.11 -3.67 -40.87
C ALA B 624 -27.62 -3.93 -40.88
N ASN B 625 -26.98 -4.05 -39.71
CA ASN B 625 -25.53 -4.25 -39.62
C ASN B 625 -24.78 -3.19 -40.41
N PHE B 626 -25.32 -1.97 -40.39
CA PHE B 626 -24.78 -0.78 -41.04
C PHE B 626 -24.71 -0.90 -42.57
N GLU B 627 -25.33 -1.92 -43.16
CA GLU B 627 -25.41 -2.01 -44.61
C GLU B 627 -26.38 -0.96 -45.13
N GLY B 628 -25.88 0.01 -45.89
CA GLY B 628 -26.68 1.12 -46.33
C GLY B 628 -26.86 2.23 -45.31
N TYR B 629 -26.21 2.12 -44.15
CA TYR B 629 -26.24 3.14 -43.11
C TYR B 629 -24.83 3.51 -42.72
N GLU B 630 -23.93 3.53 -43.70
CA GLU B 630 -22.52 3.80 -43.41
C GLU B 630 -22.33 5.19 -42.82
N ASP B 631 -23.18 6.15 -43.19
CA ASP B 631 -23.07 7.47 -42.59
C ASP B 631 -23.48 7.45 -41.12
N ILE B 632 -24.50 6.68 -40.77
CA ILE B 632 -24.85 6.49 -39.36
C ILE B 632 -23.68 5.86 -38.61
N GLN B 633 -23.02 4.86 -39.23
CA GLN B 633 -21.90 4.19 -38.58
C GLN B 633 -20.75 5.16 -38.34
N GLN B 634 -20.44 6.00 -39.34
CA GLN B 634 -19.38 6.99 -39.17
C GLN B 634 -19.75 8.03 -38.11
N LEU B 635 -21.02 8.41 -38.04
CA LEU B 635 -21.44 9.39 -37.05
C LEU B 635 -21.33 8.82 -35.64
N LEU B 636 -21.68 7.54 -35.47
CA LEU B 636 -21.57 6.91 -34.17
C LEU B 636 -20.12 6.86 -33.69
N ARG B 637 -19.16 6.80 -34.62
CA ARG B 637 -17.74 6.76 -34.26
C ARG B 637 -17.16 8.11 -33.88
N THR B 638 -17.95 9.18 -33.94
CA THR B 638 -17.49 10.50 -33.51
C THR B 638 -17.86 10.79 -32.05
N ALA B 639 -18.60 9.90 -31.40
CA ALA B 639 -18.96 10.09 -30.02
C ALA B 639 -17.75 9.87 -29.11
N PRO B 640 -17.77 10.42 -27.90
CA PRO B 640 -16.63 10.23 -26.99
C PRO B 640 -16.41 8.76 -26.68
N CYS B 641 -15.14 8.36 -26.66
CA CYS B 641 -14.77 6.97 -26.48
C CYS B 641 -13.80 6.78 -25.33
N TYR B 642 -13.84 5.57 -24.76
CA TYR B 642 -12.92 5.17 -23.71
C TYR B 642 -11.50 5.06 -24.27
N GLY B 643 -10.53 5.50 -23.50
CA GLY B 643 -9.14 5.44 -23.89
C GLY B 643 -8.57 6.71 -24.47
N ASN B 644 -9.24 7.85 -24.28
CA ASN B 644 -8.81 9.13 -24.83
C ASN B 644 -8.62 10.19 -23.75
N ASP B 645 -8.64 9.79 -22.47
CA ASP B 645 -8.70 10.74 -21.36
C ASP B 645 -9.90 11.68 -21.53
N ASP B 646 -10.99 11.13 -22.05
CA ASP B 646 -12.21 11.89 -22.33
C ASP B 646 -13.18 11.71 -21.18
N GLU B 647 -13.34 12.76 -20.36
CA GLU B 647 -14.14 12.64 -19.14
C GLU B 647 -15.57 12.25 -19.44
N TYR B 648 -16.10 12.61 -20.62
CA TYR B 648 -17.47 12.25 -20.95
C TYR B 648 -17.64 10.74 -21.02
N ALA B 649 -16.68 10.05 -21.65
CA ALA B 649 -16.75 8.59 -21.74
C ALA B 649 -16.28 7.93 -20.46
N ASP B 650 -15.16 8.41 -19.90
CA ASP B 650 -14.57 7.75 -18.73
C ASP B 650 -15.48 7.83 -17.51
N GLU B 651 -16.28 8.90 -17.42
CA GLU B 651 -17.32 9.02 -16.40
C GLU B 651 -18.25 7.81 -16.41
N ILE B 652 -18.69 7.40 -17.60
CA ILE B 652 -19.60 6.26 -17.71
C ILE B 652 -18.88 4.98 -17.28
N GLY B 653 -17.65 4.79 -17.75
CA GLY B 653 -16.91 3.59 -17.39
C GLY B 653 -16.62 3.50 -15.90
N ARG B 654 -16.37 4.63 -15.25
CA ARG B 654 -16.17 4.63 -13.81
C ARG B 654 -17.45 4.20 -13.09
N GLU B 655 -18.61 4.62 -13.60
CA GLU B 655 -19.86 4.19 -12.98
C GLU B 655 -20.16 2.72 -13.25
N LEU B 656 -19.80 2.22 -14.44
CA LEU B 656 -19.89 0.79 -14.70
C LEU B 656 -19.01 0.01 -13.73
N ASP B 657 -17.77 0.46 -13.56
CA ASP B 657 -16.86 -0.20 -12.63
C ASP B 657 -17.39 -0.11 -11.20
N ARG B 658 -17.93 1.05 -10.81
CA ARG B 658 -18.44 1.20 -9.46
C ARG B 658 -19.54 0.19 -9.18
N MET B 659 -20.48 0.03 -10.11
CA MET B 659 -21.57 -0.92 -9.91
C MET B 659 -21.03 -2.33 -9.71
N ALA B 660 -20.00 -2.70 -10.46
CA ALA B 660 -19.46 -4.06 -10.36
C ALA B 660 -18.68 -4.25 -9.07
N VAL B 661 -17.83 -3.28 -8.73
CA VAL B 661 -17.01 -3.38 -7.51
C VAL B 661 -17.88 -3.28 -6.28
N SER B 662 -18.88 -2.40 -6.30
CA SER B 662 -19.78 -2.27 -5.16
C SER B 662 -20.59 -3.54 -4.95
N PHE B 663 -21.00 -4.19 -6.03
CA PHE B 663 -21.68 -5.48 -5.91
C PHE B 663 -20.74 -6.53 -5.33
N ALA B 664 -19.49 -6.54 -5.80
CA ALA B 664 -18.51 -7.50 -5.29
C ALA B 664 -18.26 -7.31 -3.80
N ALA B 665 -18.15 -6.06 -3.36
CA ALA B 665 -17.86 -5.81 -1.95
C ALA B 665 -19.00 -6.28 -1.05
N LYS B 666 -20.22 -6.21 -1.54
CA LYS B 666 -21.39 -6.53 -0.74
C LYS B 666 -21.63 -8.04 -0.67
N TYR B 667 -21.54 -8.73 -1.80
CA TYR B 667 -22.02 -10.10 -1.90
C TYR B 667 -20.92 -11.15 -1.93
N GLY B 668 -19.65 -10.75 -1.98
CA GLY B 668 -18.59 -11.73 -1.91
C GLY B 668 -18.50 -12.40 -0.56
N LYS B 669 -18.65 -11.62 0.52
CA LYS B 669 -18.37 -12.13 1.85
C LYS B 669 -19.33 -13.25 2.26
N GLU B 670 -20.59 -13.18 1.85
CA GLU B 670 -21.51 -14.24 2.24
C GLU B 670 -21.19 -15.56 1.55
N MET B 671 -20.42 -15.53 0.45
CA MET B 671 -19.86 -16.75 -0.11
C MET B 671 -18.55 -17.14 0.57
N GLY B 672 -18.08 -16.32 1.52
CA GLY B 672 -16.86 -16.63 2.25
C GLY B 672 -15.57 -16.33 1.53
N ILE B 673 -15.62 -15.55 0.45
CA ILE B 673 -14.43 -15.27 -0.36
C ILE B 673 -14.45 -13.81 -0.78
N ASN B 674 -13.33 -13.36 -1.34
CA ASN B 674 -13.33 -12.19 -2.21
C ASN B 674 -13.70 -12.65 -3.61
N ASN B 675 -14.74 -12.03 -4.19
CA ASN B 675 -15.15 -12.30 -5.56
C ASN B 675 -15.11 -10.95 -6.28
N ASP B 676 -13.92 -10.56 -6.72
CA ASP B 676 -13.65 -9.20 -7.13
C ASP B 676 -13.80 -9.01 -8.63
N ALA B 677 -14.07 -7.76 -9.03
CA ALA B 677 -14.29 -7.43 -10.43
C ALA B 677 -12.96 -7.39 -11.16
N ARG B 678 -12.88 -8.11 -12.28
CA ARG B 678 -11.61 -8.27 -12.98
C ARG B 678 -11.84 -8.17 -14.47
N TYR B 679 -10.83 -7.66 -15.18
CA TYR B 679 -10.95 -7.35 -16.60
C TYR B 679 -9.84 -8.05 -17.38
N VAL B 680 -9.78 -9.37 -17.27
CA VAL B 680 -8.76 -10.19 -17.92
C VAL B 680 -9.46 -11.19 -18.83
N PRO B 681 -9.27 -11.12 -20.14
CA PRO B 681 -10.22 -11.74 -21.07
C PRO B 681 -9.95 -13.18 -21.49
N PHE B 682 -8.73 -13.69 -21.33
CA PHE B 682 -8.28 -14.86 -22.12
C PHE B 682 -8.47 -14.44 -23.58
N THR B 683 -8.97 -15.32 -24.46
CA THR B 683 -9.46 -14.88 -25.76
C THR B 683 -10.98 -14.92 -25.82
N SER B 684 -11.64 -14.85 -24.67
CA SER B 684 -13.10 -14.92 -24.63
C SER B 684 -13.77 -13.73 -25.31
N HIS B 685 -13.05 -12.61 -25.48
CA HIS B 685 -13.64 -11.47 -26.16
C HIS B 685 -13.96 -11.77 -27.63
N VAL B 686 -13.43 -12.86 -28.18
CA VAL B 686 -13.76 -13.28 -29.54
C VAL B 686 -15.10 -14.01 -29.53
N PRO B 687 -15.30 -15.11 -28.78
CA PRO B 687 -16.64 -15.72 -28.77
C PRO B 687 -17.70 -14.83 -28.11
N PHE B 688 -17.34 -14.06 -27.09
CA PHE B 688 -18.29 -13.08 -26.55
C PHE B 688 -18.69 -12.08 -27.61
N GLY B 689 -17.76 -11.71 -28.50
CA GLY B 689 -18.09 -10.83 -29.60
C GLY B 689 -18.96 -11.48 -30.65
N LYS B 690 -18.77 -12.78 -30.89
CA LYS B 690 -19.51 -13.49 -31.93
C LYS B 690 -20.98 -13.68 -31.59
N VAL B 691 -21.39 -13.47 -30.34
CA VAL B 691 -22.79 -13.59 -29.97
C VAL B 691 -23.48 -12.24 -29.84
N VAL B 692 -22.74 -11.15 -29.99
CA VAL B 692 -23.28 -9.80 -29.85
C VAL B 692 -23.36 -9.18 -31.24
N SER B 693 -24.55 -8.73 -31.61
CA SER B 693 -24.75 -8.11 -32.92
C SER B 693 -24.22 -6.68 -32.90
N ALA B 694 -24.58 -5.89 -33.91
CA ALA B 694 -24.01 -4.56 -34.07
C ALA B 694 -24.40 -3.66 -32.90
N THR B 695 -23.42 -2.90 -32.41
CA THR B 695 -23.59 -2.08 -31.23
C THR B 695 -23.48 -0.59 -31.54
N PRO B 696 -24.02 0.28 -30.66
CA PRO B 696 -24.07 1.72 -30.96
C PRO B 696 -22.72 2.39 -31.18
N ASN B 697 -21.60 1.77 -30.84
CA ASN B 697 -20.30 2.38 -31.12
C ASN B 697 -19.86 2.16 -32.57
N GLY B 698 -20.71 1.62 -33.43
CA GLY B 698 -20.35 1.37 -34.81
C GLY B 698 -19.62 0.06 -35.06
N ARG B 699 -19.44 -0.76 -34.03
CA ARG B 699 -18.85 -2.08 -34.20
C ARG B 699 -19.83 -3.00 -34.92
N VAL B 700 -19.35 -3.66 -35.98
CA VAL B 700 -20.24 -4.53 -36.74
C VAL B 700 -20.57 -5.78 -35.92
N ALA B 701 -21.58 -6.51 -36.40
CA ALA B 701 -22.05 -7.69 -35.69
C ALA B 701 -21.00 -8.79 -35.67
N TRP B 702 -20.98 -9.54 -34.56
CA TRP B 702 -20.15 -10.71 -34.34
C TRP B 702 -18.65 -10.41 -34.34
N PHE B 703 -18.26 -9.12 -34.33
CA PHE B 703 -16.86 -8.75 -34.23
C PHE B 703 -16.41 -8.85 -32.77
N PRO B 704 -15.13 -9.13 -32.51
CA PRO B 704 -14.66 -9.25 -31.12
C PRO B 704 -14.95 -7.98 -30.31
N LEU B 705 -15.22 -8.19 -29.02
CA LEU B 705 -15.34 -7.07 -28.10
C LEU B 705 -13.97 -6.45 -27.86
N ALA B 706 -13.98 -5.30 -27.19
CA ALA B 706 -12.74 -4.72 -26.69
C ALA B 706 -12.05 -5.71 -25.77
N ASP B 707 -10.73 -5.80 -25.86
CA ASP B 707 -9.97 -6.76 -25.06
C ASP B 707 -9.63 -6.16 -23.71
N GLY B 708 -9.78 -6.98 -22.65
CA GLY B 708 -9.43 -6.54 -21.31
C GLY B 708 -10.05 -5.19 -20.97
N SER B 709 -9.23 -4.29 -20.41
CA SER B 709 -9.62 -2.90 -20.23
C SER B 709 -8.92 -2.00 -21.24
N SER B 710 -8.51 -2.55 -22.38
CA SER B 710 -7.94 -1.75 -23.45
C SER B 710 -9.03 -0.98 -24.18
N PRO B 711 -8.67 0.05 -24.94
CA PRO B 711 -9.68 0.75 -25.74
C PRO B 711 -10.33 -0.17 -26.75
N SER B 712 -11.55 0.19 -27.15
CA SER B 712 -12.15 -0.43 -28.33
C SER B 712 -11.25 -0.23 -29.53
N HIS B 713 -11.27 -1.22 -30.43
CA HIS B 713 -10.42 -1.21 -31.62
C HIS B 713 -10.54 0.11 -32.38
N GLY B 714 -9.42 0.80 -32.52
CA GLY B 714 -9.37 2.05 -33.26
C GLY B 714 -10.00 3.24 -32.57
N ALA B 715 -10.49 3.09 -31.35
CA ALA B 715 -11.20 4.18 -30.68
C ALA B 715 -10.28 5.15 -29.97
N ASP B 716 -9.02 4.77 -29.72
CA ASP B 716 -8.07 5.61 -29.01
C ASP B 716 -7.36 6.51 -30.01
N HIS B 717 -7.78 7.79 -30.05
CA HIS B 717 -7.25 8.75 -31.01
C HIS B 717 -6.33 9.79 -30.39
N ASN B 718 -5.98 9.65 -29.11
CA ASN B 718 -5.21 10.67 -28.41
C ASN B 718 -3.87 10.14 -27.89
N GLY B 719 -3.31 9.14 -28.55
CA GLY B 719 -2.00 8.63 -28.18
C GLY B 719 -2.06 7.60 -27.08
N PRO B 720 -0.92 7.02 -26.74
CA PRO B 720 -0.91 5.87 -25.82
C PRO B 720 -1.00 6.25 -24.34
N THR B 721 -0.50 7.43 -23.96
CA THR B 721 -0.60 7.83 -22.55
C THR B 721 -2.05 8.03 -22.11
N ALA B 722 -2.91 8.49 -23.02
CA ALA B 722 -4.32 8.66 -22.66
C ALA B 722 -4.98 7.33 -22.30
N ILE B 723 -4.44 6.22 -22.81
CA ILE B 723 -4.94 4.89 -22.42
C ILE B 723 -4.70 4.66 -20.94
N LEU B 724 -3.49 4.96 -20.47
CA LEU B 724 -3.18 4.86 -19.04
C LEU B 724 -4.09 5.76 -18.22
N LEU B 725 -4.29 6.99 -18.68
CA LEU B 725 -5.12 7.93 -17.92
C LEU B 725 -6.57 7.48 -17.88
N SER B 726 -7.08 6.93 -18.99
CA SER B 726 -8.46 6.46 -18.99
C SER B 726 -8.65 5.26 -18.09
N ASN B 727 -7.68 4.33 -18.07
CA ASN B 727 -7.77 3.19 -17.16
C ASN B 727 -7.85 3.68 -15.72
N HIS B 728 -7.03 4.67 -15.36
CA HIS B 728 -7.10 5.24 -14.03
C HIS B 728 -8.45 5.92 -13.78
N ASN B 729 -8.95 6.67 -14.75
CA ASN B 729 -10.19 7.42 -14.59
C ASN B 729 -11.42 6.53 -14.45
N THR B 730 -11.38 5.29 -14.95
CA THR B 730 -12.53 4.41 -14.84
C THR B 730 -12.41 3.44 -13.67
N LYS B 731 -11.45 3.62 -12.78
CA LYS B 731 -11.33 2.82 -11.58
C LYS B 731 -11.86 3.60 -10.39
N ASN B 732 -12.07 2.87 -9.29
CA ASN B 732 -12.64 3.44 -8.05
C ASN B 732 -11.69 3.11 -6.91
N TYR B 733 -10.63 3.92 -6.78
CA TYR B 733 -9.58 3.67 -5.80
C TYR B 733 -10.06 3.83 -4.36
N GLY B 734 -11.23 4.43 -4.12
CA GLY B 734 -11.81 4.45 -2.81
C GLY B 734 -12.45 3.16 -2.36
N MET B 735 -12.50 2.16 -3.24
CA MET B 735 -13.00 0.82 -2.94
C MET B 735 -11.87 -0.19 -3.13
N ARG B 736 -12.14 -1.45 -2.81
CA ARG B 736 -11.09 -2.46 -2.90
C ARG B 736 -11.52 -3.75 -3.56
N ALA B 737 -12.81 -3.97 -3.82
CA ALA B 737 -13.26 -5.24 -4.37
C ALA B 737 -12.98 -5.34 -5.87
N ARG B 738 -11.74 -5.08 -6.27
CA ARG B 738 -11.32 -5.20 -7.66
C ARG B 738 -10.08 -6.08 -7.72
N ALA B 739 -9.83 -6.63 -8.91
CA ALA B 739 -8.58 -7.33 -9.18
C ALA B 739 -7.89 -6.75 -10.40
N ALA B 740 -7.21 -7.61 -11.17
CA ALA B 740 -6.38 -7.13 -12.28
C ALA B 740 -7.22 -6.57 -13.42
N ARG B 741 -6.59 -5.66 -14.16
CA ARG B 741 -7.07 -5.22 -15.47
C ARG B 741 -5.98 -5.49 -16.48
N LEU B 742 -6.35 -6.12 -17.60
CA LEU B 742 -5.40 -6.40 -18.67
C LEU B 742 -5.41 -5.26 -19.68
N ILE B 743 -4.25 -4.64 -19.89
CA ILE B 743 -4.08 -3.56 -20.86
C ILE B 743 -3.16 -4.04 -21.97
N ASN B 744 -3.67 -4.04 -23.19
CA ASN B 744 -2.86 -4.27 -24.39
C ASN B 744 -2.60 -2.94 -25.07
N VAL B 745 -1.33 -2.66 -25.36
CA VAL B 745 -0.93 -1.49 -26.12
C VAL B 745 0.00 -1.94 -27.22
N LYS B 746 -0.13 -1.33 -28.40
CA LYS B 746 0.67 -1.69 -29.56
C LYS B 746 1.45 -0.46 -30.05
N PHE B 747 2.77 -0.60 -30.12
CA PHE B 747 3.65 0.40 -30.71
C PHE B 747 4.19 -0.09 -32.05
N THR B 748 4.42 0.86 -32.97
CA THR B 748 5.25 0.54 -34.12
C THR B 748 6.72 0.53 -33.69
N PRO B 749 7.57 -0.20 -34.41
CA PRO B 749 9.01 -0.18 -34.07
C PRO B 749 9.61 1.22 -34.15
N LYS B 750 9.14 2.05 -35.08
CA LYS B 750 9.66 3.41 -35.20
C LYS B 750 9.33 4.24 -33.96
N CYS B 751 8.16 4.00 -33.35
CA CYS B 751 7.74 4.80 -32.21
C CYS B 751 8.71 4.67 -31.04
N VAL B 752 9.36 3.52 -30.90
CA VAL B 752 10.25 3.29 -29.77
C VAL B 752 11.66 2.98 -30.24
N GLU B 753 12.04 3.51 -31.40
CA GLU B 753 13.36 3.23 -31.97
C GLU B 753 14.48 3.85 -31.14
N GLY B 754 15.60 3.13 -31.05
CA GLY B 754 16.81 3.67 -30.47
C GLY B 754 16.78 3.77 -28.95
N ASP B 755 17.91 4.23 -28.40
CA ASP B 755 17.97 4.50 -26.98
C ASP B 755 16.97 5.57 -26.56
N ALA B 756 16.68 6.52 -27.46
CA ALA B 756 15.66 7.52 -27.17
C ALA B 756 14.29 6.88 -27.04
N GLY B 757 13.99 5.91 -27.91
CA GLY B 757 12.73 5.18 -27.78
C GLY B 757 12.68 4.34 -26.51
N THR B 758 13.80 3.71 -26.15
CA THR B 758 13.86 2.94 -24.92
C THR B 758 13.55 3.82 -23.70
N GLU B 759 14.13 5.02 -23.68
CA GLU B 759 13.91 5.92 -22.56
C GLU B 759 12.45 6.37 -22.48
N LYS B 760 11.82 6.63 -23.64
CA LYS B 760 10.39 6.92 -23.65
C LYS B 760 9.59 5.77 -23.06
N LEU B 761 9.94 4.53 -23.40
CA LEU B 761 9.19 3.39 -22.92
C LEU B 761 9.36 3.21 -21.42
N VAL B 762 10.57 3.44 -20.90
CA VAL B 762 10.80 3.40 -19.46
C VAL B 762 9.93 4.45 -18.76
N GLN B 763 9.89 5.67 -19.30
CA GLN B 763 9.04 6.70 -18.71
C GLN B 763 7.57 6.31 -18.77
N PHE B 764 7.16 5.69 -19.87
CA PHE B 764 5.80 5.16 -19.98
C PHE B 764 5.52 4.14 -18.88
N ILE B 765 6.50 3.27 -18.60
CA ILE B 765 6.32 2.26 -17.56
C ILE B 765 6.28 2.90 -16.18
N ARG B 766 7.11 3.92 -15.94
CA ARG B 766 7.09 4.61 -14.65
CA ARG B 766 7.08 4.59 -14.64
C ARG B 766 5.75 5.30 -14.42
N THR B 767 5.16 5.86 -15.47
CA THR B 767 3.85 6.51 -15.33
C THR B 767 2.76 5.49 -15.03
N TRP B 768 2.74 4.40 -15.81
CA TRP B 768 1.84 3.28 -15.53
C TRP B 768 1.96 2.83 -14.08
N CYS B 769 3.19 2.76 -13.56
CA CYS B 769 3.39 2.38 -12.17
C CYS B 769 2.78 3.40 -11.22
N ASP B 770 3.07 4.69 -11.45
CA ASP B 770 2.53 5.75 -10.59
C ASP B 770 1.01 5.71 -10.54
N LEU B 771 0.37 5.39 -11.66
CA LEU B 771 -1.08 5.38 -11.75
C LEU B 771 -1.72 4.19 -11.03
N LYS B 772 -0.92 3.28 -10.46
CA LYS B 772 -1.42 2.11 -9.75
C LYS B 772 -2.24 1.21 -10.67
N LEU B 773 -1.79 1.06 -11.91
CA LEU B 773 -2.42 0.15 -12.85
C LEU B 773 -1.80 -1.23 -12.71
N TRP B 774 -2.64 -2.27 -12.75
CA TRP B 774 -2.20 -3.61 -12.38
C TRP B 774 -1.25 -4.19 -13.44
N HIS B 775 -1.56 -4.01 -14.72
CA HIS B 775 -0.92 -4.78 -15.78
C HIS B 775 -0.74 -3.92 -17.02
N ILE B 776 0.29 -4.25 -17.80
CA ILE B 776 0.39 -3.77 -19.17
C ILE B 776 1.34 -4.70 -19.91
N GLN B 777 1.15 -4.80 -21.23
CA GLN B 777 2.01 -5.56 -22.11
C GLN B 777 1.94 -4.94 -23.50
N PHE B 778 2.97 -5.17 -24.30
CA PHE B 778 3.14 -4.41 -25.54
C PHE B 778 3.44 -5.32 -26.72
N ASN B 779 2.76 -5.04 -27.84
CA ASN B 779 3.21 -5.46 -29.15
C ASN B 779 4.06 -4.34 -29.75
N VAL B 780 5.12 -4.72 -30.46
CA VAL B 780 5.99 -3.78 -31.16
C VAL B 780 6.16 -4.32 -32.57
N ILE B 781 5.36 -3.82 -33.51
CA ILE B 781 5.20 -4.48 -34.80
C ILE B 781 4.58 -3.48 -35.78
N ASN B 782 4.87 -3.67 -37.07
CA ASN B 782 4.26 -2.90 -38.14
C ASN B 782 3.00 -3.60 -38.64
N ALA B 783 2.03 -2.79 -39.07
CA ALA B 783 0.76 -3.33 -39.57
C ALA B 783 0.95 -4.22 -40.78
N ASP B 784 1.93 -3.90 -41.65
CA ASP B 784 2.14 -4.69 -42.85
C ASP B 784 2.54 -6.11 -42.53
N THR B 785 3.23 -6.33 -41.41
CA THR B 785 3.62 -7.68 -41.02
C THR B 785 2.39 -8.55 -40.75
N LEU B 786 1.40 -8.00 -40.05
CA LEU B 786 0.18 -8.74 -39.76
C LEU B 786 -0.61 -9.01 -41.04
N LYS B 787 -0.71 -8.01 -41.91
CA LYS B 787 -1.47 -8.20 -43.14
C LYS B 787 -0.76 -9.16 -44.10
N LYS B 788 0.57 -9.07 -44.18
CA LYS B 788 1.32 -10.02 -45.02
C LYS B 788 1.19 -11.44 -44.48
N ALA B 789 1.26 -11.61 -43.15
CA ALA B 789 1.07 -12.93 -42.57
C ALA B 789 -0.33 -13.47 -42.85
N GLN B 790 -1.33 -12.58 -42.88
CA GLN B 790 -2.69 -13.00 -43.20
C GLN B 790 -2.79 -13.51 -44.64
N LYS B 791 -2.07 -12.87 -45.57
CA LYS B 791 -2.19 -13.24 -46.98
C LYS B 791 -1.28 -14.40 -47.36
N ASP B 792 -0.17 -14.58 -46.65
CA ASP B 792 0.76 -15.68 -46.92
C ASP B 792 1.15 -16.34 -45.60
N PRO B 793 0.22 -17.08 -44.99
CA PRO B 793 0.52 -17.67 -43.66
C PRO B 793 1.63 -18.69 -43.68
N GLN B 794 1.82 -19.41 -44.78
CA GLN B 794 2.89 -20.40 -44.83
C GLN B 794 4.26 -19.72 -44.79
N LYS B 795 4.39 -18.56 -45.44
CA LYS B 795 5.66 -17.85 -45.41
C LYS B 795 5.93 -17.24 -44.05
N TYR B 796 4.88 -16.76 -43.37
CA TYR B 796 5.01 -16.05 -42.10
C TYR B 796 4.60 -16.90 -40.91
N ARG B 797 4.77 -18.22 -41.02
CA ARG B 797 4.23 -19.13 -40.01
C ARG B 797 4.86 -18.93 -38.64
N ASN B 798 6.08 -18.40 -38.57
CA ASN B 798 6.80 -18.23 -37.31
C ASN B 798 6.54 -16.88 -36.64
N LEU B 799 5.59 -16.09 -37.14
CA LEU B 799 5.29 -14.79 -36.54
C LEU B 799 4.60 -14.98 -35.19
N ILE B 800 5.14 -14.32 -34.16
CA ILE B 800 4.62 -14.39 -32.80
C ILE B 800 4.07 -13.03 -32.41
N VAL B 801 2.86 -13.01 -31.84
CA VAL B 801 2.21 -11.77 -31.43
C VAL B 801 1.65 -11.93 -30.02
N ARG B 802 1.59 -10.82 -29.28
CA ARG B 802 1.05 -10.81 -27.92
C ARG B 802 -0.46 -10.59 -27.97
N ILE B 803 -1.21 -11.49 -27.33
CA ILE B 803 -2.67 -11.51 -27.45
C ILE B 803 -3.36 -11.08 -26.15
N ALA B 804 -3.24 -11.89 -25.08
CA ALA B 804 -3.94 -11.55 -23.84
C ALA B 804 -3.22 -12.27 -22.69
N GLY B 805 -2.09 -11.70 -22.29
CA GLY B 805 -1.23 -12.24 -21.28
C GLY B 805 -0.32 -13.35 -21.77
N TYR B 806 -0.40 -13.70 -23.05
CA TYR B 806 0.39 -14.74 -23.65
C TYR B 806 0.63 -14.38 -25.11
N SER B 807 1.66 -14.99 -25.69
CA SER B 807 1.95 -14.85 -27.10
C SER B 807 1.70 -16.19 -27.79
N ALA B 808 1.48 -16.13 -29.11
CA ALA B 808 1.20 -17.31 -29.89
C ALA B 808 1.59 -17.04 -31.34
N TYR B 809 1.53 -18.09 -32.15
CA TYR B 809 1.75 -17.95 -33.59
C TYR B 809 0.51 -17.34 -34.23
N PHE B 810 0.70 -16.22 -34.92
CA PHE B 810 -0.41 -15.49 -35.55
C PHE B 810 -1.23 -16.40 -36.47
N VAL B 811 -0.57 -17.32 -37.17
CA VAL B 811 -1.28 -18.17 -38.13
C VAL B 811 -2.11 -19.25 -37.46
N ASP B 812 -1.95 -19.46 -36.15
CA ASP B 812 -2.79 -20.40 -35.41
C ASP B 812 -4.09 -19.77 -34.93
N LEU B 813 -4.30 -18.49 -35.16
CA LEU B 813 -5.47 -17.79 -34.65
C LEU B 813 -6.55 -17.75 -35.72
N THR B 814 -7.81 -17.78 -35.27
CA THR B 814 -8.93 -17.65 -36.18
C THR B 814 -8.91 -16.26 -36.84
N PRO B 815 -9.56 -16.13 -37.99
CA PRO B 815 -9.66 -14.78 -38.61
C PRO B 815 -10.24 -13.73 -37.68
N ASP B 816 -11.22 -14.08 -36.85
CA ASP B 816 -11.80 -13.13 -35.92
C ASP B 816 -10.75 -12.59 -34.95
N LEU B 817 -9.93 -13.48 -34.39
CA LEU B 817 -8.89 -13.06 -33.46
C LEU B 817 -7.78 -12.30 -34.20
N GLN B 818 -7.46 -12.72 -35.42
CA GLN B 818 -6.51 -11.95 -36.22
C GLN B 818 -7.01 -10.53 -36.45
N ASN B 819 -8.31 -10.36 -36.73
CA ASN B 819 -8.86 -9.03 -36.93
C ASN B 819 -8.80 -8.21 -35.67
N ASP B 820 -8.94 -8.86 -34.51
CA ASP B 820 -8.71 -8.17 -33.24
C ASP B 820 -7.29 -7.61 -33.19
N LEU B 821 -6.29 -8.44 -33.48
CA LEU B 821 -4.90 -7.99 -33.45
C LEU B 821 -4.67 -6.86 -34.45
N ILE B 822 -5.18 -7.01 -35.67
CA ILE B 822 -4.97 -6.01 -36.70
C ILE B 822 -5.66 -4.69 -36.33
N ALA B 823 -6.89 -4.77 -35.82
CA ALA B 823 -7.67 -3.57 -35.57
C ALA B 823 -7.24 -2.80 -34.32
N ARG B 824 -6.35 -3.36 -33.50
CA ARG B 824 -5.79 -2.60 -32.40
C ARG B 824 -4.91 -1.48 -32.95
N THR B 825 -5.06 -0.28 -32.38
CA THR B 825 -4.31 0.86 -32.86
C THR B 825 -2.81 0.63 -32.70
N GLY B 826 -2.07 0.88 -33.79
CA GLY B 826 -0.62 0.85 -33.71
C GLY B 826 -0.07 2.25 -33.50
N HIS B 827 0.26 2.60 -32.26
CA HIS B 827 0.65 3.97 -31.95
C HIS B 827 2.03 4.28 -32.51
N ASP B 828 2.10 5.30 -33.38
CA ASP B 828 3.33 5.66 -34.05
C ASP B 828 4.14 6.68 -33.29
N GLN B 829 3.59 7.28 -32.24
CA GLN B 829 4.32 8.24 -31.42
C GLN B 829 3.79 8.15 -29.99
N MET B 830 4.62 8.55 -29.05
CA MET B 830 4.26 8.54 -27.64
C MET B 830 4.87 9.72 -26.91
#